data_1LIT
# 
_entry.id   1LIT 
# 
_audit_conform.dict_name       mmcif_pdbx.dic 
_audit_conform.dict_version    5.399 
_audit_conform.dict_location   http://mmcif.pdb.org/dictionaries/ascii/mmcif_pdbx.dic 
# 
loop_
_database_2.database_id 
_database_2.database_code 
_database_2.pdbx_database_accession 
_database_2.pdbx_DOI 
PDB   1LIT         pdb_00001lit 10.2210/pdb1lit/pdb 
WWPDB D_1000174741 ?            ?                   
# 
loop_
_pdbx_audit_revision_history.ordinal 
_pdbx_audit_revision_history.data_content_type 
_pdbx_audit_revision_history.major_revision 
_pdbx_audit_revision_history.minor_revision 
_pdbx_audit_revision_history.revision_date 
1 'Structure model' 1 0 1997-01-11 
2 'Structure model' 1 1 2008-03-24 
3 'Structure model' 1 2 2011-07-13 
4 'Structure model' 1 3 2024-11-20 
# 
_pdbx_audit_revision_details.ordinal             1 
_pdbx_audit_revision_details.revision_ordinal    1 
_pdbx_audit_revision_details.data_content_type   'Structure model' 
_pdbx_audit_revision_details.provider            repository 
_pdbx_audit_revision_details.type                'Initial release' 
_pdbx_audit_revision_details.description         ? 
_pdbx_audit_revision_details.details             ? 
# 
loop_
_pdbx_audit_revision_group.ordinal 
_pdbx_audit_revision_group.revision_ordinal 
_pdbx_audit_revision_group.data_content_type 
_pdbx_audit_revision_group.group 
1 2 'Structure model' 'Version format compliance' 
2 3 'Structure model' 'Version format compliance' 
3 4 'Structure model' 'Data collection'           
4 4 'Structure model' 'Database references'       
5 4 'Structure model' 'Structure summary'         
# 
loop_
_pdbx_audit_revision_category.ordinal 
_pdbx_audit_revision_category.revision_ordinal 
_pdbx_audit_revision_category.data_content_type 
_pdbx_audit_revision_category.category 
1 4 'Structure model' chem_comp_atom            
2 4 'Structure model' chem_comp_bond            
3 4 'Structure model' database_2                
4 4 'Structure model' pdbx_entry_details        
5 4 'Structure model' pdbx_modification_feature 
# 
loop_
_pdbx_audit_revision_item.ordinal 
_pdbx_audit_revision_item.revision_ordinal 
_pdbx_audit_revision_item.data_content_type 
_pdbx_audit_revision_item.item 
1 4 'Structure model' '_database_2.pdbx_DOI'                
2 4 'Structure model' '_database_2.pdbx_database_accession' 
# 
_pdbx_database_status.status_code                     REL 
_pdbx_database_status.entry_id                        1LIT 
_pdbx_database_status.recvd_initial_deposition_date   1996-01-17 
_pdbx_database_status.deposit_site                    ? 
_pdbx_database_status.process_site                    BNL 
_pdbx_database_status.SG_entry                        . 
_pdbx_database_status.pdb_format_compatible           Y 
_pdbx_database_status.status_code_mr                  ? 
_pdbx_database_status.status_code_sf                  ? 
_pdbx_database_status.status_code_cs                  ? 
_pdbx_database_status.status_code_nmr_data            ? 
_pdbx_database_status.methods_development_category    ? 
# 
loop_
_audit_author.name 
_audit_author.pdbx_ordinal 
'Bertrand, J.A.'         1 
'Pignol, D.'             2 
'Bernard, J.-P.'         3 
'Verdier, J.-M.'         4 
'Dagorn, J.-C.'          5 
'Fontacilla-Camps, J.C.' 6 
# 
loop_
_citation.id 
_citation.title 
_citation.journal_abbrev 
_citation.journal_volume 
_citation.page_first 
_citation.page_last 
_citation.year 
_citation.journal_id_ASTM 
_citation.country 
_citation.journal_id_ISSN 
_citation.journal_id_CSD 
_citation.book_publisher 
_citation.pdbx_database_id_PubMed 
_citation.pdbx_database_id_DOI 
primary 'Crystal structure of human lithostathine, the pancreatic inhibitor of stone formation.'           'EMBO J.'        15  
2678 2684 1996 EMJODG UK 0261-4189 0897 ? 8654365 ? 
1       'Crystallization and Preliminary Crystallographic Study of Human Lithostathine'                    Proteins         23  
604  ?    1995 PSFGEY US 0887-3585 0867 ? ?       ? 
2       'Inhibition of Nucleation and Crystal Growth of Calcium Carbonate Crystals by Human Lithostathine' Gastroenterology 103 
1277 ?    1992 GASTAB US 0016-5085 2083 ? ?       ? 
3       'Homology of Human Pancreatic Stone Protein with Animal Lectins'                                   Biochem.J.       253 
309  ?    1988 BIJOAK UK 0264-6021 0043 ? ?       ? 
# 
loop_
_citation_author.citation_id 
_citation_author.name 
_citation_author.ordinal 
_citation_author.identifier_ORCID 
primary 'Bertrand, J.A.'         1  ? 
primary 'Pignol, D.'             2  ? 
primary 'Bernard, J.P.'          3  ? 
primary 'Verdier, J.M.'          4  ? 
primary 'Dagorn, J.C.'           5  ? 
primary 'Fontecilla-Camps, J.C.' 6  ? 
1       'Pignol, D.'             7  ? 
1       'Bertrand, J.A.'         8  ? 
1       'Bernard, J.P.'          9  ? 
1       'Verdier, J.M.'          10 ? 
1       'Dagorn, J.C.'           11 ? 
1       'Fontacilla-Camps, J.C.' 12 ? 
2       'Bernard, J.P.'          13 ? 
2       'Adrich, Z.'             14 ? 
2       'Montalto, G.'           15 ? 
2       'Decaro, A.'             16 ? 
2       'De Reggi, M.'           17 ? 
2       'Sarles, H.'             18 ? 
2       'Dagorn, J-C.'           19 ? 
3       'Patthy, L.'             20 ? 
# 
loop_
_entity.id 
_entity.type 
_entity.src_method 
_entity.pdbx_description 
_entity.formula_weight 
_entity.pdbx_number_of_molecules 
_entity.pdbx_ec 
_entity.pdbx_mutation 
_entity.pdbx_fragment 
_entity.details 
1 polymer nat LITHOSTATHINE 16291.037 1   ? ? ? ? 
2 water   nat water         18.015    138 ? ? ? ? 
# 
_entity_poly.entity_id                      1 
_entity_poly.type                           'polypeptide(L)' 
_entity_poly.nstd_linkage                   no 
_entity_poly.nstd_monomer                   no 
_entity_poly.pdbx_seq_one_letter_code       
;QEAQTELPQARISCPEGTNAYRSYCYYFNEDRETWVDADLYCQNMNSGNLVSVLTQAEGAFVASLIKESGTDDFNVWIGL
HDPKKNRRWHWSSGSLVSYKSWGIGAPSSVNPGYCVSLTSSTGFQKWKDVPCEDKFSFVCKFKN
;
_entity_poly.pdbx_seq_one_letter_code_can   
;QEAQTELPQARISCPEGTNAYRSYCYYFNEDRETWVDADLYCQNMNSGNLVSVLTQAEGAFVASLIKESGTDDFNVWIGL
HDPKKNRRWHWSSGSLVSYKSWGIGAPSSVNPGYCVSLTSSTGFQKWKDVPCEDKFSFVCKFKN
;
_entity_poly.pdbx_strand_id                 A 
_entity_poly.pdbx_target_identifier         ? 
# 
_pdbx_entity_nonpoly.entity_id   2 
_pdbx_entity_nonpoly.name        water 
_pdbx_entity_nonpoly.comp_id     HOH 
# 
loop_
_entity_poly_seq.entity_id 
_entity_poly_seq.num 
_entity_poly_seq.mon_id 
_entity_poly_seq.hetero 
1 1   GLN n 
1 2   GLU n 
1 3   ALA n 
1 4   GLN n 
1 5   THR n 
1 6   GLU n 
1 7   LEU n 
1 8   PRO n 
1 9   GLN n 
1 10  ALA n 
1 11  ARG n 
1 12  ILE n 
1 13  SER n 
1 14  CYS n 
1 15  PRO n 
1 16  GLU n 
1 17  GLY n 
1 18  THR n 
1 19  ASN n 
1 20  ALA n 
1 21  TYR n 
1 22  ARG n 
1 23  SER n 
1 24  TYR n 
1 25  CYS n 
1 26  TYR n 
1 27  TYR n 
1 28  PHE n 
1 29  ASN n 
1 30  GLU n 
1 31  ASP n 
1 32  ARG n 
1 33  GLU n 
1 34  THR n 
1 35  TRP n 
1 36  VAL n 
1 37  ASP n 
1 38  ALA n 
1 39  ASP n 
1 40  LEU n 
1 41  TYR n 
1 42  CYS n 
1 43  GLN n 
1 44  ASN n 
1 45  MET n 
1 46  ASN n 
1 47  SER n 
1 48  GLY n 
1 49  ASN n 
1 50  LEU n 
1 51  VAL n 
1 52  SER n 
1 53  VAL n 
1 54  LEU n 
1 55  THR n 
1 56  GLN n 
1 57  ALA n 
1 58  GLU n 
1 59  GLY n 
1 60  ALA n 
1 61  PHE n 
1 62  VAL n 
1 63  ALA n 
1 64  SER n 
1 65  LEU n 
1 66  ILE n 
1 67  LYS n 
1 68  GLU n 
1 69  SER n 
1 70  GLY n 
1 71  THR n 
1 72  ASP n 
1 73  ASP n 
1 74  PHE n 
1 75  ASN n 
1 76  VAL n 
1 77  TRP n 
1 78  ILE n 
1 79  GLY n 
1 80  LEU n 
1 81  HIS n 
1 82  ASP n 
1 83  PRO n 
1 84  LYS n 
1 85  LYS n 
1 86  ASN n 
1 87  ARG n 
1 88  ARG n 
1 89  TRP n 
1 90  HIS n 
1 91  TRP n 
1 92  SER n 
1 93  SER n 
1 94  GLY n 
1 95  SER n 
1 96  LEU n 
1 97  VAL n 
1 98  SER n 
1 99  TYR n 
1 100 LYS n 
1 101 SER n 
1 102 TRP n 
1 103 GLY n 
1 104 ILE n 
1 105 GLY n 
1 106 ALA n 
1 107 PRO n 
1 108 SER n 
1 109 SER n 
1 110 VAL n 
1 111 ASN n 
1 112 PRO n 
1 113 GLY n 
1 114 TYR n 
1 115 CYS n 
1 116 VAL n 
1 117 SER n 
1 118 LEU n 
1 119 THR n 
1 120 SER n 
1 121 SER n 
1 122 THR n 
1 123 GLY n 
1 124 PHE n 
1 125 GLN n 
1 126 LYS n 
1 127 TRP n 
1 128 LYS n 
1 129 ASP n 
1 130 VAL n 
1 131 PRO n 
1 132 CYS n 
1 133 GLU n 
1 134 ASP n 
1 135 LYS n 
1 136 PHE n 
1 137 SER n 
1 138 PHE n 
1 139 VAL n 
1 140 CYS n 
1 141 LYS n 
1 142 PHE n 
1 143 LYS n 
1 144 ASN n 
# 
_entity_src_nat.entity_id                  1 
_entity_src_nat.pdbx_src_id                1 
_entity_src_nat.pdbx_alt_source_flag       sample 
_entity_src_nat.pdbx_beg_seq_num           ? 
_entity_src_nat.pdbx_end_seq_num           ? 
_entity_src_nat.common_name                human 
_entity_src_nat.pdbx_organism_scientific   'Homo sapiens' 
_entity_src_nat.pdbx_ncbi_taxonomy_id      9606 
_entity_src_nat.genus                      Homo 
_entity_src_nat.species                    ? 
_entity_src_nat.strain                     ? 
_entity_src_nat.tissue                     ? 
_entity_src_nat.tissue_fraction            ? 
_entity_src_nat.pdbx_secretion             ? 
_entity_src_nat.pdbx_fragment              ? 
_entity_src_nat.pdbx_variant               ? 
_entity_src_nat.pdbx_cell_line             ? 
_entity_src_nat.pdbx_atcc                  ? 
_entity_src_nat.pdbx_cellular_location     ? 
_entity_src_nat.pdbx_organ                 PANCREAS 
_entity_src_nat.pdbx_organelle             ? 
_entity_src_nat.pdbx_cell                  ? 
_entity_src_nat.pdbx_plasmid_name          ? 
_entity_src_nat.pdbx_plasmid_details       ? 
_entity_src_nat.details                    ? 
# 
loop_
_chem_comp.id 
_chem_comp.type 
_chem_comp.mon_nstd_flag 
_chem_comp.name 
_chem_comp.pdbx_synonyms 
_chem_comp.formula 
_chem_comp.formula_weight 
ALA 'L-peptide linking' y ALANINE         ? 'C3 H7 N O2'     89.093  
ARG 'L-peptide linking' y ARGININE        ? 'C6 H15 N4 O2 1' 175.209 
ASN 'L-peptide linking' y ASPARAGINE      ? 'C4 H8 N2 O3'    132.118 
ASP 'L-peptide linking' y 'ASPARTIC ACID' ? 'C4 H7 N O4'     133.103 
CYS 'L-peptide linking' y CYSTEINE        ? 'C3 H7 N O2 S'   121.158 
GLN 'L-peptide linking' y GLUTAMINE       ? 'C5 H10 N2 O3'   146.144 
GLU 'L-peptide linking' y 'GLUTAMIC ACID' ? 'C5 H9 N O4'     147.129 
GLY 'peptide linking'   y GLYCINE         ? 'C2 H5 N O2'     75.067  
HIS 'L-peptide linking' y HISTIDINE       ? 'C6 H10 N3 O2 1' 156.162 
HOH non-polymer         . WATER           ? 'H2 O'           18.015  
ILE 'L-peptide linking' y ISOLEUCINE      ? 'C6 H13 N O2'    131.173 
LEU 'L-peptide linking' y LEUCINE         ? 'C6 H13 N O2'    131.173 
LYS 'L-peptide linking' y LYSINE          ? 'C6 H15 N2 O2 1' 147.195 
MET 'L-peptide linking' y METHIONINE      ? 'C5 H11 N O2 S'  149.211 
PHE 'L-peptide linking' y PHENYLALANINE   ? 'C9 H11 N O2'    165.189 
PRO 'L-peptide linking' y PROLINE         ? 'C5 H9 N O2'     115.130 
SER 'L-peptide linking' y SERINE          ? 'C3 H7 N O3'     105.093 
THR 'L-peptide linking' y THREONINE       ? 'C4 H9 N O3'     119.119 
TRP 'L-peptide linking' y TRYPTOPHAN      ? 'C11 H12 N2 O2'  204.225 
TYR 'L-peptide linking' y TYROSINE        ? 'C9 H11 N O3'    181.189 
VAL 'L-peptide linking' y VALINE          ? 'C5 H11 N O2'    117.146 
# 
loop_
_pdbx_poly_seq_scheme.asym_id 
_pdbx_poly_seq_scheme.entity_id 
_pdbx_poly_seq_scheme.seq_id 
_pdbx_poly_seq_scheme.mon_id 
_pdbx_poly_seq_scheme.ndb_seq_num 
_pdbx_poly_seq_scheme.pdb_seq_num 
_pdbx_poly_seq_scheme.auth_seq_num 
_pdbx_poly_seq_scheme.pdb_mon_id 
_pdbx_poly_seq_scheme.auth_mon_id 
_pdbx_poly_seq_scheme.pdb_strand_id 
_pdbx_poly_seq_scheme.pdb_ins_code 
_pdbx_poly_seq_scheme.hetero 
A 1 1   GLN 1   1   ?   ?   ?   A . n 
A 1 2   GLU 2   2   ?   ?   ?   A . n 
A 1 3   ALA 3   3   ?   ?   ?   A . n 
A 1 4   GLN 4   4   ?   ?   ?   A . n 
A 1 5   THR 5   5   ?   ?   ?   A . n 
A 1 6   GLU 6   6   ?   ?   ?   A . n 
A 1 7   LEU 7   7   ?   ?   ?   A . n 
A 1 8   PRO 8   8   ?   ?   ?   A . n 
A 1 9   GLN 9   9   ?   ?   ?   A . n 
A 1 10  ALA 10  10  ?   ?   ?   A . n 
A 1 11  ARG 11  11  ?   ?   ?   A . n 
A 1 12  ILE 12  12  ?   ?   ?   A . n 
A 1 13  SER 13  13  ?   ?   ?   A . n 
A 1 14  CYS 14  14  14  CYS CYS A . n 
A 1 15  PRO 15  15  15  PRO PRO A . n 
A 1 16  GLU 16  16  16  GLU GLU A . n 
A 1 17  GLY 17  17  17  GLY GLY A . n 
A 1 18  THR 18  18  18  THR THR A . n 
A 1 19  ASN 19  19  19  ASN ASN A . n 
A 1 20  ALA 20  20  20  ALA ALA A . n 
A 1 21  TYR 21  21  21  TYR TYR A . n 
A 1 22  ARG 22  22  22  ARG ARG A . n 
A 1 23  SER 23  23  23  SER SER A . n 
A 1 24  TYR 24  24  24  TYR TYR A . n 
A 1 25  CYS 25  25  25  CYS CYS A . n 
A 1 26  TYR 26  26  26  TYR TYR A . n 
A 1 27  TYR 27  27  27  TYR TYR A . n 
A 1 28  PHE 28  28  28  PHE PHE A . n 
A 1 29  ASN 29  29  29  ASN ASN A . n 
A 1 30  GLU 30  30  30  GLU GLU A . n 
A 1 31  ASP 31  31  31  ASP ASP A . n 
A 1 32  ARG 32  32  32  ARG ARG A . n 
A 1 33  GLU 33  33  33  GLU GLU A . n 
A 1 34  THR 34  34  34  THR THR A . n 
A 1 35  TRP 35  35  35  TRP TRP A . n 
A 1 36  VAL 36  36  36  VAL VAL A . n 
A 1 37  ASP 37  37  37  ASP ASP A . n 
A 1 38  ALA 38  38  38  ALA ALA A . n 
A 1 39  ASP 39  39  39  ASP ASP A . n 
A 1 40  LEU 40  40  40  LEU LEU A . n 
A 1 41  TYR 41  41  41  TYR TYR A . n 
A 1 42  CYS 42  42  42  CYS CYS A . n 
A 1 43  GLN 43  43  43  GLN GLN A . n 
A 1 44  ASN 44  44  44  ASN ASN A . n 
A 1 45  MET 45  45  45  MET MET A . n 
A 1 46  ASN 46  46  46  ASN ASN A . n 
A 1 47  SER 47  47  47  SER SER A . n 
A 1 48  GLY 48  48  48  GLY GLY A . n 
A 1 49  ASN 49  49  49  ASN ASN A . n 
A 1 50  LEU 50  50  50  LEU LEU A . n 
A 1 51  VAL 51  51  51  VAL VAL A . n 
A 1 52  SER 52  52  52  SER SER A . n 
A 1 53  VAL 53  53  53  VAL VAL A . n 
A 1 54  LEU 54  54  54  LEU LEU A . n 
A 1 55  THR 55  55  55  THR THR A . n 
A 1 56  GLN 56  56  56  GLN GLN A . n 
A 1 57  ALA 57  57  57  ALA ALA A . n 
A 1 58  GLU 58  58  58  GLU GLU A . n 
A 1 59  GLY 59  59  59  GLY GLY A . n 
A 1 60  ALA 60  60  60  ALA ALA A . n 
A 1 61  PHE 61  61  61  PHE PHE A . n 
A 1 62  VAL 62  62  62  VAL VAL A . n 
A 1 63  ALA 63  63  63  ALA ALA A . n 
A 1 64  SER 64  64  64  SER SER A . n 
A 1 65  LEU 65  65  65  LEU LEU A . n 
A 1 66  ILE 66  66  66  ILE ILE A . n 
A 1 67  LYS 67  67  67  LYS LYS A . n 
A 1 68  GLU 68  68  68  GLU GLU A . n 
A 1 69  SER 69  69  69  SER SER A . n 
A 1 70  GLY 70  70  70  GLY GLY A . n 
A 1 71  THR 71  71  71  THR THR A . n 
A 1 72  ASP 72  72  72  ASP ASP A . n 
A 1 73  ASP 73  73  73  ASP ASP A . n 
A 1 74  PHE 74  74  74  PHE PHE A . n 
A 1 75  ASN 75  75  75  ASN ASN A . n 
A 1 76  VAL 76  76  76  VAL VAL A . n 
A 1 77  TRP 77  77  77  TRP TRP A . n 
A 1 78  ILE 78  78  78  ILE ILE A . n 
A 1 79  GLY 79  79  79  GLY GLY A . n 
A 1 80  LEU 80  80  80  LEU LEU A . n 
A 1 81  HIS 81  81  81  HIS HIS A . n 
A 1 82  ASP 82  82  82  ASP ASP A . n 
A 1 83  PRO 83  83  83  PRO PRO A . n 
A 1 84  LYS 84  84  84  LYS LYS A . n 
A 1 85  LYS 85  85  85  LYS LYS A . n 
A 1 86  ASN 86  86  86  ASN ASN A . n 
A 1 87  ARG 87  87  87  ARG ARG A . n 
A 1 88  ARG 88  88  88  ARG ARG A . n 
A 1 89  TRP 89  89  89  TRP TRP A . n 
A 1 90  HIS 90  90  90  HIS HIS A . n 
A 1 91  TRP 91  91  91  TRP TRP A . n 
A 1 92  SER 92  92  92  SER SER A . n 
A 1 93  SER 93  93  93  SER SER A . n 
A 1 94  GLY 94  94  94  GLY GLY A . n 
A 1 95  SER 95  95  95  SER SER A . n 
A 1 96  LEU 96  96  96  LEU LEU A . n 
A 1 97  VAL 97  97  97  VAL VAL A . n 
A 1 98  SER 98  98  98  SER SER A . n 
A 1 99  TYR 99  99  99  TYR TYR A . n 
A 1 100 LYS 100 100 100 LYS LYS A . n 
A 1 101 SER 101 101 101 SER SER A . n 
A 1 102 TRP 102 102 102 TRP TRP A . n 
A 1 103 GLY 103 103 103 GLY GLY A . n 
A 1 104 ILE 104 104 104 ILE ILE A . n 
A 1 105 GLY 105 105 105 GLY GLY A . n 
A 1 106 ALA 106 106 106 ALA ALA A . n 
A 1 107 PRO 107 107 107 PRO PRO A . n 
A 1 108 SER 108 108 108 SER SER A . n 
A 1 109 SER 109 109 109 SER SER A . n 
A 1 110 VAL 110 110 110 VAL VAL A . n 
A 1 111 ASN 111 111 111 ASN ASN A . n 
A 1 112 PRO 112 112 112 PRO PRO A . n 
A 1 113 GLY 113 113 113 GLY GLY A . n 
A 1 114 TYR 114 114 114 TYR TYR A . n 
A 1 115 CYS 115 115 115 CYS CYS A . n 
A 1 116 VAL 116 116 116 VAL VAL A . n 
A 1 117 SER 117 117 117 SER SER A . n 
A 1 118 LEU 118 118 118 LEU LEU A . n 
A 1 119 THR 119 119 119 THR THR A . n 
A 1 120 SER 120 120 120 SER SER A . n 
A 1 121 SER 121 121 121 SER SER A . n 
A 1 122 THR 122 122 122 THR THR A . n 
A 1 123 GLY 123 123 123 GLY GLY A . n 
A 1 124 PHE 124 124 124 PHE PHE A . n 
A 1 125 GLN 125 125 125 GLN GLN A . n 
A 1 126 LYS 126 126 126 LYS LYS A . n 
A 1 127 TRP 127 127 127 TRP TRP A . n 
A 1 128 LYS 128 128 128 LYS LYS A . n 
A 1 129 ASP 129 129 129 ASP ASP A . n 
A 1 130 VAL 130 130 130 VAL VAL A . n 
A 1 131 PRO 131 131 131 PRO PRO A . n 
A 1 132 CYS 132 132 132 CYS CYS A . n 
A 1 133 GLU 133 133 133 GLU GLU A . n 
A 1 134 ASP 134 134 134 ASP ASP A . n 
A 1 135 LYS 135 135 135 LYS LYS A . n 
A 1 136 PHE 136 136 136 PHE PHE A . n 
A 1 137 SER 137 137 137 SER SER A . n 
A 1 138 PHE 138 138 138 PHE PHE A . n 
A 1 139 VAL 139 139 139 VAL VAL A . n 
A 1 140 CYS 140 140 140 CYS CYS A . n 
A 1 141 LYS 141 141 141 LYS LYS A . n 
A 1 142 PHE 142 142 142 PHE PHE A . n 
A 1 143 LYS 143 143 143 LYS LYS A . n 
A 1 144 ASN 144 144 144 ASN ASN A . n 
# 
loop_
_pdbx_nonpoly_scheme.asym_id 
_pdbx_nonpoly_scheme.entity_id 
_pdbx_nonpoly_scheme.mon_id 
_pdbx_nonpoly_scheme.ndb_seq_num 
_pdbx_nonpoly_scheme.pdb_seq_num 
_pdbx_nonpoly_scheme.auth_seq_num 
_pdbx_nonpoly_scheme.pdb_mon_id 
_pdbx_nonpoly_scheme.auth_mon_id 
_pdbx_nonpoly_scheme.pdb_strand_id 
_pdbx_nonpoly_scheme.pdb_ins_code 
B 2 HOH 1   200 200 HOH HOH A . 
B 2 HOH 2   201 201 HOH HOH A . 
B 2 HOH 3   202 202 HOH HOH A . 
B 2 HOH 4   203 203 HOH HOH A . 
B 2 HOH 5   204 204 HOH HOH A . 
B 2 HOH 6   205 205 HOH HOH A . 
B 2 HOH 7   206 206 HOH HOH A . 
B 2 HOH 8   207 207 HOH HOH A . 
B 2 HOH 9   208 208 HOH HOH A . 
B 2 HOH 10  209 209 HOH HOH A . 
B 2 HOH 11  210 210 HOH HOH A . 
B 2 HOH 12  211 211 HOH HOH A . 
B 2 HOH 13  212 212 HOH HOH A . 
B 2 HOH 14  213 213 HOH HOH A . 
B 2 HOH 15  214 214 HOH HOH A . 
B 2 HOH 16  215 215 HOH HOH A . 
B 2 HOH 17  216 216 HOH HOH A . 
B 2 HOH 18  217 217 HOH HOH A . 
B 2 HOH 19  218 218 HOH HOH A . 
B 2 HOH 20  219 219 HOH HOH A . 
B 2 HOH 21  220 220 HOH HOH A . 
B 2 HOH 22  221 221 HOH HOH A . 
B 2 HOH 23  222 222 HOH HOH A . 
B 2 HOH 24  223 223 HOH HOH A . 
B 2 HOH 25  224 224 HOH HOH A . 
B 2 HOH 26  225 225 HOH HOH A . 
B 2 HOH 27  226 226 HOH HOH A . 
B 2 HOH 28  227 227 HOH HOH A . 
B 2 HOH 29  228 228 HOH HOH A . 
B 2 HOH 30  229 229 HOH HOH A . 
B 2 HOH 31  230 230 HOH HOH A . 
B 2 HOH 32  231 231 HOH HOH A . 
B 2 HOH 33  232 232 HOH HOH A . 
B 2 HOH 34  233 233 HOH HOH A . 
B 2 HOH 35  234 234 HOH HOH A . 
B 2 HOH 36  235 235 HOH HOH A . 
B 2 HOH 37  236 236 HOH HOH A . 
B 2 HOH 38  237 237 HOH HOH A . 
B 2 HOH 39  238 238 HOH HOH A . 
B 2 HOH 40  239 239 HOH HOH A . 
B 2 HOH 41  240 240 HOH HOH A . 
B 2 HOH 42  241 241 HOH HOH A . 
B 2 HOH 43  242 242 HOH HOH A . 
B 2 HOH 44  243 243 HOH HOH A . 
B 2 HOH 45  244 244 HOH HOH A . 
B 2 HOH 46  245 245 HOH HOH A . 
B 2 HOH 47  246 246 HOH HOH A . 
B 2 HOH 48  247 247 HOH HOH A . 
B 2 HOH 49  248 248 HOH HOH A . 
B 2 HOH 50  249 249 HOH HOH A . 
B 2 HOH 51  250 250 HOH HOH A . 
B 2 HOH 52  251 251 HOH HOH A . 
B 2 HOH 53  252 252 HOH HOH A . 
B 2 HOH 54  253 253 HOH HOH A . 
B 2 HOH 55  254 254 HOH HOH A . 
B 2 HOH 56  255 255 HOH HOH A . 
B 2 HOH 57  256 256 HOH HOH A . 
B 2 HOH 58  257 257 HOH HOH A . 
B 2 HOH 59  258 258 HOH HOH A . 
B 2 HOH 60  259 259 HOH HOH A . 
B 2 HOH 61  260 260 HOH HOH A . 
B 2 HOH 62  261 261 HOH HOH A . 
B 2 HOH 63  262 262 HOH HOH A . 
B 2 HOH 64  263 263 HOH HOH A . 
B 2 HOH 65  264 264 HOH HOH A . 
B 2 HOH 66  265 265 HOH HOH A . 
B 2 HOH 67  266 266 HOH HOH A . 
B 2 HOH 68  267 267 HOH HOH A . 
B 2 HOH 69  268 268 HOH HOH A . 
B 2 HOH 70  269 269 HOH HOH A . 
B 2 HOH 71  270 270 HOH HOH A . 
B 2 HOH 72  271 271 HOH HOH A . 
B 2 HOH 73  272 272 HOH HOH A . 
B 2 HOH 74  273 273 HOH HOH A . 
B 2 HOH 75  274 274 HOH HOH A . 
B 2 HOH 76  275 275 HOH HOH A . 
B 2 HOH 77  276 276 HOH HOH A . 
B 2 HOH 78  277 277 HOH HOH A . 
B 2 HOH 79  278 278 HOH HOH A . 
B 2 HOH 80  279 279 HOH HOH A . 
B 2 HOH 81  280 280 HOH HOH A . 
B 2 HOH 82  281 281 HOH HOH A . 
B 2 HOH 83  282 282 HOH HOH A . 
B 2 HOH 84  283 283 HOH HOH A . 
B 2 HOH 85  284 284 HOH HOH A . 
B 2 HOH 86  285 285 HOH HOH A . 
B 2 HOH 87  286 286 HOH HOH A . 
B 2 HOH 88  287 287 HOH HOH A . 
B 2 HOH 89  288 288 HOH HOH A . 
B 2 HOH 90  289 289 HOH HOH A . 
B 2 HOH 91  290 290 HOH HOH A . 
B 2 HOH 92  291 291 HOH HOH A . 
B 2 HOH 93  292 292 HOH HOH A . 
B 2 HOH 94  293 293 HOH HOH A . 
B 2 HOH 95  294 294 HOH HOH A . 
B 2 HOH 96  295 295 HOH HOH A . 
B 2 HOH 97  296 296 HOH HOH A . 
B 2 HOH 98  297 297 HOH HOH A . 
B 2 HOH 99  298 298 HOH HOH A . 
B 2 HOH 100 299 299 HOH HOH A . 
B 2 HOH 101 300 300 HOH HOH A . 
B 2 HOH 102 301 301 HOH HOH A . 
B 2 HOH 103 302 302 HOH HOH A . 
B 2 HOH 104 303 303 HOH HOH A . 
B 2 HOH 105 304 304 HOH HOH A . 
B 2 HOH 106 305 305 HOH HOH A . 
B 2 HOH 107 306 306 HOH HOH A . 
B 2 HOH 108 307 307 HOH HOH A . 
B 2 HOH 109 308 308 HOH HOH A . 
B 2 HOH 110 309 309 HOH HOH A . 
B 2 HOH 111 310 310 HOH HOH A . 
B 2 HOH 112 311 311 HOH HOH A . 
B 2 HOH 113 312 312 HOH HOH A . 
B 2 HOH 114 313 313 HOH HOH A . 
B 2 HOH 115 314 314 HOH HOH A . 
B 2 HOH 116 315 315 HOH HOH A . 
B 2 HOH 117 316 316 HOH HOH A . 
B 2 HOH 118 317 317 HOH HOH A . 
B 2 HOH 119 318 318 HOH HOH A . 
B 2 HOH 120 319 319 HOH HOH A . 
B 2 HOH 121 320 320 HOH HOH A . 
B 2 HOH 122 321 321 HOH HOH A . 
B 2 HOH 123 322 322 HOH HOH A . 
B 2 HOH 124 323 323 HOH HOH A . 
B 2 HOH 125 324 324 HOH HOH A . 
B 2 HOH 126 325 325 HOH HOH A . 
B 2 HOH 127 326 326 HOH HOH A . 
B 2 HOH 128 327 327 HOH HOH A . 
B 2 HOH 129 328 328 HOH HOH A . 
B 2 HOH 130 329 329 HOH HOH A . 
B 2 HOH 131 330 330 HOH HOH A . 
B 2 HOH 132 331 331 HOH HOH A . 
B 2 HOH 133 332 332 HOH HOH A . 
B 2 HOH 134 333 333 HOH HOH A . 
B 2 HOH 135 334 334 HOH HOH A . 
B 2 HOH 136 335 335 HOH HOH A . 
B 2 HOH 137 336 336 HOH HOH A . 
B 2 HOH 138 337 337 HOH HOH A . 
# 
loop_
_pdbx_unobs_or_zero_occ_atoms.id 
_pdbx_unobs_or_zero_occ_atoms.PDB_model_num 
_pdbx_unobs_or_zero_occ_atoms.polymer_flag 
_pdbx_unobs_or_zero_occ_atoms.occupancy_flag 
_pdbx_unobs_or_zero_occ_atoms.auth_asym_id 
_pdbx_unobs_or_zero_occ_atoms.auth_comp_id 
_pdbx_unobs_or_zero_occ_atoms.auth_seq_id 
_pdbx_unobs_or_zero_occ_atoms.PDB_ins_code 
_pdbx_unobs_or_zero_occ_atoms.auth_atom_id 
_pdbx_unobs_or_zero_occ_atoms.label_alt_id 
_pdbx_unobs_or_zero_occ_atoms.label_asym_id 
_pdbx_unobs_or_zero_occ_atoms.label_comp_id 
_pdbx_unobs_or_zero_occ_atoms.label_seq_id 
_pdbx_unobs_or_zero_occ_atoms.label_atom_id 
1 1 Y 0 A ARG 88 ? CG  ? A ARG 88 CG  
2 1 Y 0 A ARG 88 ? CD  ? A ARG 88 CD  
3 1 Y 0 A ARG 88 ? NE  ? A ARG 88 NE  
4 1 Y 0 A ARG 88 ? CZ  ? A ARG 88 CZ  
5 1 Y 0 A ARG 88 ? NH1 ? A ARG 88 NH1 
6 1 Y 0 A ARG 88 ? NH2 ? A ARG 88 NH2 
# 
loop_
_software.name 
_software.classification 
_software.version 
_software.citation_id 
_software.pdbx_ordinal 
MOSFLM 'data reduction' .   ? 1 
CCP4   'data reduction' .   ? 2 
X-PLOR 'model building' 3.1 ? 3 
X-PLOR refinement       3.1 ? 4 
CCP4   'data scaling'   .   ? 5 
X-PLOR phasing          3.1 ? 6 
# 
_cell.entry_id           1LIT 
_cell.length_a           47.190 
_cell.length_b           47.190 
_cell.length_c           108.660 
_cell.angle_alpha        90.00 
_cell.angle_beta         90.00 
_cell.angle_gamma        120.00 
_cell.Z_PDB              6 
_cell.pdbx_unique_axis   ? 
# 
_symmetry.entry_id                         1LIT 
_symmetry.space_group_name_H-M             'P 65' 
_symmetry.pdbx_full_space_group_name_H-M   ? 
_symmetry.cell_setting                     ? 
_symmetry.Int_Tables_number                170 
# 
_exptl.entry_id          1LIT 
_exptl.method            'X-RAY DIFFRACTION' 
_exptl.crystals_number   ? 
# 
_exptl_crystal.id                    1 
_exptl_crystal.density_meas          ? 
_exptl_crystal.density_Matthews      2.14 
_exptl_crystal.density_percent_sol   39. 
_exptl_crystal.description           ? 
# 
_diffrn.id                     1 
_diffrn.ambient_temp           ? 
_diffrn.ambient_temp_details   ? 
_diffrn.crystal_id             1 
# 
_diffrn_detector.diffrn_id              1 
_diffrn_detector.detector               'IMAGE PLATE' 
_diffrn_detector.type                   MARRESEARCH 
_diffrn_detector.pdbx_collection_date   1994 
_diffrn_detector.details                ? 
# 
_diffrn_radiation.diffrn_id                        1 
_diffrn_radiation.wavelength_id                    1 
_diffrn_radiation.pdbx_monochromatic_or_laue_m_l   M 
_diffrn_radiation.monochromator                    ? 
_diffrn_radiation.pdbx_diffrn_protocol             ? 
_diffrn_radiation.pdbx_scattering_type             x-ray 
# 
_diffrn_radiation_wavelength.id           1 
_diffrn_radiation_wavelength.wavelength   0.90 
_diffrn_radiation_wavelength.wt           1.0 
# 
_diffrn_source.diffrn_id                   1 
_diffrn_source.source                      SYNCHROTRON 
_diffrn_source.type                        'LURE BEAMLINE DW32' 
_diffrn_source.pdbx_synchrotron_site       LURE 
_diffrn_source.pdbx_synchrotron_beamline   DW32 
_diffrn_source.pdbx_wavelength             0.90 
_diffrn_source.pdbx_wavelength_list        ? 
# 
_reflns.entry_id                     1LIT 
_reflns.observed_criterion_sigma_I   ? 
_reflns.observed_criterion_sigma_F   ? 
_reflns.d_resolution_low             ? 
_reflns.d_resolution_high            ? 
_reflns.number_obs                   19356 
_reflns.number_all                   ? 
_reflns.percent_possible_obs         98.2 
_reflns.pdbx_Rmerge_I_obs            0.042 
_reflns.pdbx_Rsym_value              ? 
_reflns.pdbx_netI_over_sigmaI        ? 
_reflns.B_iso_Wilson_estimate        ? 
_reflns.pdbx_redundancy              6.3 
_reflns.pdbx_diffrn_id               1 
_reflns.pdbx_ordinal                 1 
# 
_refine.entry_id                                 1LIT 
_refine.ls_number_reflns_obs                     19000 
_refine.ls_number_reflns_all                     ? 
_refine.pdbx_ls_sigma_I                          ? 
_refine.pdbx_ls_sigma_F                          ? 
_refine.pdbx_data_cutoff_high_absF               ? 
_refine.pdbx_data_cutoff_low_absF                ? 
_refine.pdbx_data_cutoff_high_rms_absF           ? 
_refine.ls_d_res_low                             8. 
_refine.ls_d_res_high                            1.55 
_refine.ls_percent_reflns_obs                    ? 
_refine.ls_R_factor_obs                          0.18 
_refine.ls_R_factor_all                          ? 
_refine.ls_R_factor_R_work                       0.18 
_refine.ls_R_factor_R_free                       0.24 
_refine.ls_R_factor_R_free_error                 ? 
_refine.ls_R_factor_R_free_error_details         ? 
_refine.ls_percent_reflns_R_free                 5.0 
_refine.ls_number_reflns_R_free                  ? 
_refine.ls_number_parameters                     ? 
_refine.ls_number_restraints                     ? 
_refine.occupancy_min                            ? 
_refine.occupancy_max                            ? 
_refine.B_iso_mean                               23.6 
_refine.aniso_B[1][1]                            ? 
_refine.aniso_B[2][2]                            ? 
_refine.aniso_B[3][3]                            ? 
_refine.aniso_B[1][2]                            ? 
_refine.aniso_B[1][3]                            ? 
_refine.aniso_B[2][3]                            ? 
_refine.solvent_model_details                    ? 
_refine.solvent_model_param_ksol                 ? 
_refine.solvent_model_param_bsol                 ? 
_refine.pdbx_ls_cross_valid_method               ? 
_refine.details                                  ? 
_refine.pdbx_starting_model                      ? 
_refine.pdbx_method_to_determine_struct          ? 
_refine.pdbx_isotropic_thermal_model             ? 
_refine.pdbx_stereochemistry_target_values       ? 
_refine.pdbx_stereochem_target_val_spec_case     ? 
_refine.pdbx_R_Free_selection_details            ? 
_refine.pdbx_overall_ESU_R                       ? 
_refine.pdbx_overall_ESU_R_Free                  ? 
_refine.overall_SU_ML                            ? 
_refine.overall_SU_B                             ? 
_refine.pdbx_refine_id                           'X-RAY DIFFRACTION' 
_refine.pdbx_diffrn_id                           1 
_refine.pdbx_TLS_residual_ADP_flag               ? 
_refine.correlation_coeff_Fo_to_Fc               ? 
_refine.correlation_coeff_Fo_to_Fc_free          ? 
_refine.pdbx_solvent_vdw_probe_radii             ? 
_refine.pdbx_solvent_ion_probe_radii             ? 
_refine.pdbx_solvent_shrinkage_radii             ? 
_refine.pdbx_overall_phase_error                 ? 
_refine.overall_SU_R_Cruickshank_DPI             ? 
_refine.pdbx_overall_SU_R_free_Cruickshank_DPI   ? 
_refine.pdbx_overall_SU_R_Blow_DPI               ? 
_refine.pdbx_overall_SU_R_free_Blow_DPI          ? 
# 
_refine_analyze.entry_id                        1LIT 
_refine_analyze.Luzzati_coordinate_error_obs    0.1 
_refine_analyze.Luzzati_sigma_a_obs             ? 
_refine_analyze.Luzzati_d_res_low_obs           ? 
_refine_analyze.Luzzati_coordinate_error_free   ? 
_refine_analyze.Luzzati_sigma_a_free            ? 
_refine_analyze.Luzzati_d_res_low_free          ? 
_refine_analyze.number_disordered_residues      ? 
_refine_analyze.occupancy_sum_hydrogen          ? 
_refine_analyze.occupancy_sum_non_hydrogen      ? 
_refine_analyze.pdbx_refine_id                  'X-RAY DIFFRACTION' 
# 
_refine_hist.pdbx_refine_id                   'X-RAY DIFFRACTION' 
_refine_hist.cycle_id                         LAST 
_refine_hist.pdbx_number_atoms_protein        1062 
_refine_hist.pdbx_number_atoms_nucleic_acid   0 
_refine_hist.pdbx_number_atoms_ligand         0 
_refine_hist.number_atoms_solvent             138 
_refine_hist.number_atoms_total               1200 
_refine_hist.d_res_high                       1.55 
_refine_hist.d_res_low                        8. 
# 
loop_
_refine_ls_restr.type 
_refine_ls_restr.dev_ideal 
_refine_ls_restr.dev_ideal_target 
_refine_ls_restr.weight 
_refine_ls_restr.number 
_refine_ls_restr.pdbx_refine_id 
_refine_ls_restr.pdbx_restraint_function 
x_bond_d                0.014 ? ? ? 'X-RAY DIFFRACTION' ? 
x_bond_d_na             ?     ? ? ? 'X-RAY DIFFRACTION' ? 
x_bond_d_prot           ?     ? ? ? 'X-RAY DIFFRACTION' ? 
x_angle_d               ?     ? ? ? 'X-RAY DIFFRACTION' ? 
x_angle_d_na            ?     ? ? ? 'X-RAY DIFFRACTION' ? 
x_angle_d_prot          ?     ? ? ? 'X-RAY DIFFRACTION' ? 
x_angle_deg             2.1   ? ? ? 'X-RAY DIFFRACTION' ? 
x_angle_deg_na          ?     ? ? ? 'X-RAY DIFFRACTION' ? 
x_angle_deg_prot        ?     ? ? ? 'X-RAY DIFFRACTION' ? 
x_dihedral_angle_d      ?     ? ? ? 'X-RAY DIFFRACTION' ? 
x_dihedral_angle_d_na   ?     ? ? ? 'X-RAY DIFFRACTION' ? 
x_dihedral_angle_d_prot ?     ? ? ? 'X-RAY DIFFRACTION' ? 
x_improper_angle_d      ?     ? ? ? 'X-RAY DIFFRACTION' ? 
x_improper_angle_d_na   ?     ? ? ? 'X-RAY DIFFRACTION' ? 
x_improper_angle_d_prot ?     ? ? ? 'X-RAY DIFFRACTION' ? 
x_mcbond_it             ?     ? ? ? 'X-RAY DIFFRACTION' ? 
x_mcangle_it            ?     ? ? ? 'X-RAY DIFFRACTION' ? 
x_scbond_it             ?     ? ? ? 'X-RAY DIFFRACTION' ? 
x_scangle_it            ?     ? ? ? 'X-RAY DIFFRACTION' ? 
# 
_struct.entry_id                  1LIT 
_struct.title                     'HUMAN LITHOSTATHINE' 
_struct.pdbx_model_details        ? 
_struct.pdbx_CASP_flag            ? 
_struct.pdbx_model_type_details   ? 
# 
_struct_keywords.entry_id        1LIT 
_struct_keywords.pdbx_keywords   'PANCREATIC STONE INHIBITOR' 
_struct_keywords.text            'PANCREATIC STONE INHIBITOR, LECTIN' 
# 
loop_
_struct_asym.id 
_struct_asym.pdbx_blank_PDB_chainid_flag 
_struct_asym.pdbx_modified 
_struct_asym.entity_id 
_struct_asym.details 
A N N 1 ? 
B N N 2 ? 
# 
_struct_ref.id                         1 
_struct_ref.db_name                    UNP 
_struct_ref.db_code                    REG1A_HUMAN 
_struct_ref.entity_id                  1 
_struct_ref.pdbx_db_accession          P05451 
_struct_ref.pdbx_align_begin           1 
_struct_ref.pdbx_seq_one_letter_code   
;MAQTSSYFMLISCLMFLSQSQGQEAQTELPQARISCPEGTNAYRSYCYYFNEDRETWVDADLYCQNMNSGNLVSVLTQAE
GAFVASLIKESGTDDFNVWIGLHDPKKNRRWHWSSGSLVSYKSWGIGAPSSVNPGYCVSLTSSTGFQKWKDVPCEDKFSF
VCKFKN
;
_struct_ref.pdbx_db_isoform            ? 
# 
_struct_ref_seq.align_id                      1 
_struct_ref_seq.ref_id                        1 
_struct_ref_seq.pdbx_PDB_id_code              1LIT 
_struct_ref_seq.pdbx_strand_id                A 
_struct_ref_seq.seq_align_beg                 1 
_struct_ref_seq.pdbx_seq_align_beg_ins_code   ? 
_struct_ref_seq.seq_align_end                 144 
_struct_ref_seq.pdbx_seq_align_end_ins_code   ? 
_struct_ref_seq.pdbx_db_accession             P05451 
_struct_ref_seq.db_align_beg                  23 
_struct_ref_seq.pdbx_db_align_beg_ins_code    ? 
_struct_ref_seq.db_align_end                  166 
_struct_ref_seq.pdbx_db_align_end_ins_code    ? 
_struct_ref_seq.pdbx_auth_seq_align_beg       1 
_struct_ref_seq.pdbx_auth_seq_align_end       144 
# 
_pdbx_struct_assembly.id                   1 
_pdbx_struct_assembly.details              author_defined_assembly 
_pdbx_struct_assembly.method_details       ? 
_pdbx_struct_assembly.oligomeric_details   monomeric 
_pdbx_struct_assembly.oligomeric_count     1 
# 
_pdbx_struct_assembly_gen.assembly_id       1 
_pdbx_struct_assembly_gen.oper_expression   1 
_pdbx_struct_assembly_gen.asym_id_list      A,B 
# 
_pdbx_struct_oper_list.id                   1 
_pdbx_struct_oper_list.type                 'identity operation' 
_pdbx_struct_oper_list.name                 1_555 
_pdbx_struct_oper_list.symmetry_operation   x,y,z 
_pdbx_struct_oper_list.matrix[1][1]         1.0000000000 
_pdbx_struct_oper_list.matrix[1][2]         0.0000000000 
_pdbx_struct_oper_list.matrix[1][3]         0.0000000000 
_pdbx_struct_oper_list.vector[1]            0.0000000000 
_pdbx_struct_oper_list.matrix[2][1]         0.0000000000 
_pdbx_struct_oper_list.matrix[2][2]         1.0000000000 
_pdbx_struct_oper_list.matrix[2][3]         0.0000000000 
_pdbx_struct_oper_list.vector[2]            0.0000000000 
_pdbx_struct_oper_list.matrix[3][1]         0.0000000000 
_pdbx_struct_oper_list.matrix[3][2]         0.0000000000 
_pdbx_struct_oper_list.matrix[3][3]         1.0000000000 
_pdbx_struct_oper_list.vector[3]            0.0000000000 
# 
_struct_biol.id   1 
# 
loop_
_struct_conf.conf_type_id 
_struct_conf.id 
_struct_conf.pdbx_PDB_helix_id 
_struct_conf.beg_label_comp_id 
_struct_conf.beg_label_asym_id 
_struct_conf.beg_label_seq_id 
_struct_conf.pdbx_beg_PDB_ins_code 
_struct_conf.end_label_comp_id 
_struct_conf.end_label_asym_id 
_struct_conf.end_label_seq_id 
_struct_conf.pdbx_end_PDB_ins_code 
_struct_conf.beg_auth_comp_id 
_struct_conf.beg_auth_asym_id 
_struct_conf.beg_auth_seq_id 
_struct_conf.end_auth_comp_id 
_struct_conf.end_auth_asym_id 
_struct_conf.end_auth_seq_id 
_struct_conf.pdbx_PDB_helix_class 
_struct_conf.details 
_struct_conf.pdbx_PDB_helix_length 
HELX_P HELX_P1 1 TRP A 35  ? ASN A 46  ? TRP A 35  ASN A 46  1 ? 12 
HELX_P HELX_P2 2 GLN A 56  ? SER A 69  ? GLN A 56  SER A 69  1 ? 14 
HELX_P HELX_P3 3 SER A 120 ? THR A 122 ? SER A 120 THR A 122 5 ? 3  
# 
_struct_conf_type.id          HELX_P 
_struct_conf_type.criteria    ? 
_struct_conf_type.reference   ? 
# 
loop_
_struct_conn.id 
_struct_conn.conn_type_id 
_struct_conn.pdbx_leaving_atom_flag 
_struct_conn.pdbx_PDB_id 
_struct_conn.ptnr1_label_asym_id 
_struct_conn.ptnr1_label_comp_id 
_struct_conn.ptnr1_label_seq_id 
_struct_conn.ptnr1_label_atom_id 
_struct_conn.pdbx_ptnr1_label_alt_id 
_struct_conn.pdbx_ptnr1_PDB_ins_code 
_struct_conn.pdbx_ptnr1_standard_comp_id 
_struct_conn.ptnr1_symmetry 
_struct_conn.ptnr2_label_asym_id 
_struct_conn.ptnr2_label_comp_id 
_struct_conn.ptnr2_label_seq_id 
_struct_conn.ptnr2_label_atom_id 
_struct_conn.pdbx_ptnr2_label_alt_id 
_struct_conn.pdbx_ptnr2_PDB_ins_code 
_struct_conn.ptnr1_auth_asym_id 
_struct_conn.ptnr1_auth_comp_id 
_struct_conn.ptnr1_auth_seq_id 
_struct_conn.ptnr2_auth_asym_id 
_struct_conn.ptnr2_auth_comp_id 
_struct_conn.ptnr2_auth_seq_id 
_struct_conn.ptnr2_symmetry 
_struct_conn.pdbx_ptnr3_label_atom_id 
_struct_conn.pdbx_ptnr3_label_seq_id 
_struct_conn.pdbx_ptnr3_label_comp_id 
_struct_conn.pdbx_ptnr3_label_asym_id 
_struct_conn.pdbx_ptnr3_label_alt_id 
_struct_conn.pdbx_ptnr3_PDB_ins_code 
_struct_conn.details 
_struct_conn.pdbx_dist_value 
_struct_conn.pdbx_value_order 
_struct_conn.pdbx_role 
disulf1 disulf ? ? A CYS 14  SG ? ? ? 1_555 A CYS 25  SG ? ? A CYS 14  A CYS 25  1_555 ? ? ? ? ? ? ? 1.988 ? ? 
disulf2 disulf ? ? A CYS 42  SG ? ? ? 1_555 A CYS 140 SG ? ? A CYS 42  A CYS 140 1_555 ? ? ? ? ? ? ? 2.016 ? ? 
disulf3 disulf ? ? A CYS 115 SG ? ? ? 1_555 A CYS 132 SG ? ? A CYS 115 A CYS 132 1_555 ? ? ? ? ? ? ? 2.036 ? ? 
# 
_struct_conn_type.id          disulf 
_struct_conn_type.criteria    ? 
_struct_conn_type.reference   ? 
# 
loop_
_pdbx_modification_feature.ordinal 
_pdbx_modification_feature.label_comp_id 
_pdbx_modification_feature.label_asym_id 
_pdbx_modification_feature.label_seq_id 
_pdbx_modification_feature.label_alt_id 
_pdbx_modification_feature.modified_residue_label_comp_id 
_pdbx_modification_feature.modified_residue_label_asym_id 
_pdbx_modification_feature.modified_residue_label_seq_id 
_pdbx_modification_feature.modified_residue_label_alt_id 
_pdbx_modification_feature.auth_comp_id 
_pdbx_modification_feature.auth_asym_id 
_pdbx_modification_feature.auth_seq_id 
_pdbx_modification_feature.PDB_ins_code 
_pdbx_modification_feature.symmetry 
_pdbx_modification_feature.modified_residue_auth_comp_id 
_pdbx_modification_feature.modified_residue_auth_asym_id 
_pdbx_modification_feature.modified_residue_auth_seq_id 
_pdbx_modification_feature.modified_residue_PDB_ins_code 
_pdbx_modification_feature.modified_residue_symmetry 
_pdbx_modification_feature.comp_id_linking_atom 
_pdbx_modification_feature.modified_residue_id_linking_atom 
_pdbx_modification_feature.modified_residue_id 
_pdbx_modification_feature.ref_pcm_id 
_pdbx_modification_feature.ref_comp_id 
_pdbx_modification_feature.type 
_pdbx_modification_feature.category 
1 CYS A 14  ? CYS A 25  ? CYS A 14  ? 1_555 CYS A 25  ? 1_555 SG SG . . . None 'Disulfide bridge' 
2 CYS A 42  ? CYS A 140 ? CYS A 42  ? 1_555 CYS A 140 ? 1_555 SG SG . . . None 'Disulfide bridge' 
3 CYS A 115 ? CYS A 132 ? CYS A 115 ? 1_555 CYS A 132 ? 1_555 SG SG . . . None 'Disulfide bridge' 
# 
_struct_mon_prot_cis.pdbx_id                1 
_struct_mon_prot_cis.label_comp_id          ALA 
_struct_mon_prot_cis.label_seq_id           106 
_struct_mon_prot_cis.label_asym_id          A 
_struct_mon_prot_cis.label_alt_id           . 
_struct_mon_prot_cis.pdbx_PDB_ins_code      ? 
_struct_mon_prot_cis.auth_comp_id           ALA 
_struct_mon_prot_cis.auth_seq_id            106 
_struct_mon_prot_cis.auth_asym_id           A 
_struct_mon_prot_cis.pdbx_label_comp_id_2   PRO 
_struct_mon_prot_cis.pdbx_label_seq_id_2    107 
_struct_mon_prot_cis.pdbx_label_asym_id_2   A 
_struct_mon_prot_cis.pdbx_PDB_ins_code_2    ? 
_struct_mon_prot_cis.pdbx_auth_comp_id_2    PRO 
_struct_mon_prot_cis.pdbx_auth_seq_id_2     107 
_struct_mon_prot_cis.pdbx_auth_asym_id_2    A 
_struct_mon_prot_cis.pdbx_PDB_model_num     1 
_struct_mon_prot_cis.pdbx_omega_angle       -7.81 
# 
loop_
_struct_sheet.id 
_struct_sheet.type 
_struct_sheet.number_strands 
_struct_sheet.details 
A ? 3 ? 
B ? 3 ? 
# 
loop_
_struct_sheet_order.sheet_id 
_struct_sheet_order.range_id_1 
_struct_sheet_order.range_id_2 
_struct_sheet_order.offset 
_struct_sheet_order.sense 
A 1 2 ? anti-parallel 
A 2 3 ? anti-parallel 
B 1 2 ? anti-parallel 
B 2 3 ? anti-parallel 
# 
loop_
_struct_sheet_range.sheet_id 
_struct_sheet_range.id 
_struct_sheet_range.beg_label_comp_id 
_struct_sheet_range.beg_label_asym_id 
_struct_sheet_range.beg_label_seq_id 
_struct_sheet_range.pdbx_beg_PDB_ins_code 
_struct_sheet_range.end_label_comp_id 
_struct_sheet_range.end_label_asym_id 
_struct_sheet_range.end_label_seq_id 
_struct_sheet_range.pdbx_end_PDB_ins_code 
_struct_sheet_range.beg_auth_comp_id 
_struct_sheet_range.beg_auth_asym_id 
_struct_sheet_range.beg_auth_seq_id 
_struct_sheet_range.end_auth_comp_id 
_struct_sheet_range.end_auth_asym_id 
_struct_sheet_range.end_auth_seq_id 
A 1 ASN A 19  ? TYR A 21  ? ASN A 19  TYR A 21  
A 2 TYR A 24  ? ASN A 29  ? TYR A 24  ASN A 29  
A 3 PHE A 138 ? PHE A 142 ? PHE A 138 PHE A 142 
B 1 ASN A 75  ? TRP A 77  ? ASN A 75  TRP A 77  
B 2 CYS A 115 ? THR A 119 ? CYS A 115 THR A 119 
B 3 TRP A 127 ? VAL A 130 ? TRP A 127 VAL A 130 
# 
loop_
_pdbx_struct_sheet_hbond.sheet_id 
_pdbx_struct_sheet_hbond.range_id_1 
_pdbx_struct_sheet_hbond.range_id_2 
_pdbx_struct_sheet_hbond.range_1_label_atom_id 
_pdbx_struct_sheet_hbond.range_1_label_comp_id 
_pdbx_struct_sheet_hbond.range_1_label_asym_id 
_pdbx_struct_sheet_hbond.range_1_label_seq_id 
_pdbx_struct_sheet_hbond.range_1_PDB_ins_code 
_pdbx_struct_sheet_hbond.range_1_auth_atom_id 
_pdbx_struct_sheet_hbond.range_1_auth_comp_id 
_pdbx_struct_sheet_hbond.range_1_auth_asym_id 
_pdbx_struct_sheet_hbond.range_1_auth_seq_id 
_pdbx_struct_sheet_hbond.range_2_label_atom_id 
_pdbx_struct_sheet_hbond.range_2_label_comp_id 
_pdbx_struct_sheet_hbond.range_2_label_asym_id 
_pdbx_struct_sheet_hbond.range_2_label_seq_id 
_pdbx_struct_sheet_hbond.range_2_PDB_ins_code 
_pdbx_struct_sheet_hbond.range_2_auth_atom_id 
_pdbx_struct_sheet_hbond.range_2_auth_comp_id 
_pdbx_struct_sheet_hbond.range_2_auth_asym_id 
_pdbx_struct_sheet_hbond.range_2_auth_seq_id 
A 1 2 O ASN A 19  ? O ASN A 19  N TYR A 26  ? N TYR A 26  
A 2 3 O CYS A 25  ? O CYS A 25  N PHE A 142 ? N PHE A 142 
B 1 2 O VAL A 76  ? O VAL A 76  N LEU A 118 ? N LEU A 118 
B 2 3 O CYS A 115 ? O CYS A 115 N VAL A 130 ? N VAL A 130 
# 
_pdbx_entry_details.entry_id                   1LIT 
_pdbx_entry_details.compound_details           ? 
_pdbx_entry_details.source_details             ? 
_pdbx_entry_details.nonpolymer_details         ? 
_pdbx_entry_details.sequence_details           ? 
_pdbx_entry_details.has_ligand_of_interest     ? 
_pdbx_entry_details.has_protein_modification   Y 
# 
_pdbx_validate_rmsd_angle.id                         1 
_pdbx_validate_rmsd_angle.PDB_model_num              1 
_pdbx_validate_rmsd_angle.auth_atom_id_1             NE 
_pdbx_validate_rmsd_angle.auth_asym_id_1             A 
_pdbx_validate_rmsd_angle.auth_comp_id_1             ARG 
_pdbx_validate_rmsd_angle.auth_seq_id_1              88 
_pdbx_validate_rmsd_angle.PDB_ins_code_1             ? 
_pdbx_validate_rmsd_angle.label_alt_id_1             ? 
_pdbx_validate_rmsd_angle.auth_atom_id_2             CZ 
_pdbx_validate_rmsd_angle.auth_asym_id_2             A 
_pdbx_validate_rmsd_angle.auth_comp_id_2             ARG 
_pdbx_validate_rmsd_angle.auth_seq_id_2              88 
_pdbx_validate_rmsd_angle.PDB_ins_code_2             ? 
_pdbx_validate_rmsd_angle.label_alt_id_2             ? 
_pdbx_validate_rmsd_angle.auth_atom_id_3             NH2 
_pdbx_validate_rmsd_angle.auth_asym_id_3             A 
_pdbx_validate_rmsd_angle.auth_comp_id_3             ARG 
_pdbx_validate_rmsd_angle.auth_seq_id_3              88 
_pdbx_validate_rmsd_angle.PDB_ins_code_3             ? 
_pdbx_validate_rmsd_angle.label_alt_id_3             ? 
_pdbx_validate_rmsd_angle.angle_value                123.94 
_pdbx_validate_rmsd_angle.angle_target_value         120.30 
_pdbx_validate_rmsd_angle.angle_deviation            3.64 
_pdbx_validate_rmsd_angle.angle_standard_deviation   0.50 
_pdbx_validate_rmsd_angle.linker_flag                N 
# 
loop_
_pdbx_validate_torsion.id 
_pdbx_validate_torsion.PDB_model_num 
_pdbx_validate_torsion.auth_comp_id 
_pdbx_validate_torsion.auth_asym_id 
_pdbx_validate_torsion.auth_seq_id 
_pdbx_validate_torsion.PDB_ins_code 
_pdbx_validate_torsion.label_alt_id 
_pdbx_validate_torsion.phi 
_pdbx_validate_torsion.psi 
1 1 SER A 23  ? 1 84.01   -11.93 
2 1 SER A 23  ? 2 83.88   -12.14 
3 1 ASN A 46  ? ? -141.61 10.42  
4 1 ASN A 111 ? ? -113.25 75.50  
# 
loop_
_pdbx_unobs_or_zero_occ_residues.id 
_pdbx_unobs_or_zero_occ_residues.PDB_model_num 
_pdbx_unobs_or_zero_occ_residues.polymer_flag 
_pdbx_unobs_or_zero_occ_residues.occupancy_flag 
_pdbx_unobs_or_zero_occ_residues.auth_asym_id 
_pdbx_unobs_or_zero_occ_residues.auth_comp_id 
_pdbx_unobs_or_zero_occ_residues.auth_seq_id 
_pdbx_unobs_or_zero_occ_residues.PDB_ins_code 
_pdbx_unobs_or_zero_occ_residues.label_asym_id 
_pdbx_unobs_or_zero_occ_residues.label_comp_id 
_pdbx_unobs_or_zero_occ_residues.label_seq_id 
1  1 Y 1 A GLN 1  ? A GLN 1  
2  1 Y 1 A GLU 2  ? A GLU 2  
3  1 Y 1 A ALA 3  ? A ALA 3  
4  1 Y 1 A GLN 4  ? A GLN 4  
5  1 Y 1 A THR 5  ? A THR 5  
6  1 Y 1 A GLU 6  ? A GLU 6  
7  1 Y 1 A LEU 7  ? A LEU 7  
8  1 Y 1 A PRO 8  ? A PRO 8  
9  1 Y 1 A GLN 9  ? A GLN 9  
10 1 Y 1 A ALA 10 ? A ALA 10 
11 1 Y 1 A ARG 11 ? A ARG 11 
12 1 Y 1 A ILE 12 ? A ILE 12 
13 1 Y 1 A SER 13 ? A SER 13 
# 
loop_
_chem_comp_atom.comp_id 
_chem_comp_atom.atom_id 
_chem_comp_atom.type_symbol 
_chem_comp_atom.pdbx_aromatic_flag 
_chem_comp_atom.pdbx_stereo_config 
_chem_comp_atom.pdbx_ordinal 
ALA N    N N N 1   
ALA CA   C N S 2   
ALA C    C N N 3   
ALA O    O N N 4   
ALA CB   C N N 5   
ALA OXT  O N N 6   
ALA H    H N N 7   
ALA H2   H N N 8   
ALA HA   H N N 9   
ALA HB1  H N N 10  
ALA HB2  H N N 11  
ALA HB3  H N N 12  
ALA HXT  H N N 13  
ARG N    N N N 14  
ARG CA   C N S 15  
ARG C    C N N 16  
ARG O    O N N 17  
ARG CB   C N N 18  
ARG CG   C N N 19  
ARG CD   C N N 20  
ARG NE   N N N 21  
ARG CZ   C N N 22  
ARG NH1  N N N 23  
ARG NH2  N N N 24  
ARG OXT  O N N 25  
ARG H    H N N 26  
ARG H2   H N N 27  
ARG HA   H N N 28  
ARG HB2  H N N 29  
ARG HB3  H N N 30  
ARG HG2  H N N 31  
ARG HG3  H N N 32  
ARG HD2  H N N 33  
ARG HD3  H N N 34  
ARG HE   H N N 35  
ARG HH11 H N N 36  
ARG HH12 H N N 37  
ARG HH21 H N N 38  
ARG HH22 H N N 39  
ARG HXT  H N N 40  
ASN N    N N N 41  
ASN CA   C N S 42  
ASN C    C N N 43  
ASN O    O N N 44  
ASN CB   C N N 45  
ASN CG   C N N 46  
ASN OD1  O N N 47  
ASN ND2  N N N 48  
ASN OXT  O N N 49  
ASN H    H N N 50  
ASN H2   H N N 51  
ASN HA   H N N 52  
ASN HB2  H N N 53  
ASN HB3  H N N 54  
ASN HD21 H N N 55  
ASN HD22 H N N 56  
ASN HXT  H N N 57  
ASP N    N N N 58  
ASP CA   C N S 59  
ASP C    C N N 60  
ASP O    O N N 61  
ASP CB   C N N 62  
ASP CG   C N N 63  
ASP OD1  O N N 64  
ASP OD2  O N N 65  
ASP OXT  O N N 66  
ASP H    H N N 67  
ASP H2   H N N 68  
ASP HA   H N N 69  
ASP HB2  H N N 70  
ASP HB3  H N N 71  
ASP HD2  H N N 72  
ASP HXT  H N N 73  
CYS N    N N N 74  
CYS CA   C N R 75  
CYS C    C N N 76  
CYS O    O N N 77  
CYS CB   C N N 78  
CYS SG   S N N 79  
CYS OXT  O N N 80  
CYS H    H N N 81  
CYS H2   H N N 82  
CYS HA   H N N 83  
CYS HB2  H N N 84  
CYS HB3  H N N 85  
CYS HG   H N N 86  
CYS HXT  H N N 87  
GLN N    N N N 88  
GLN CA   C N S 89  
GLN C    C N N 90  
GLN O    O N N 91  
GLN CB   C N N 92  
GLN CG   C N N 93  
GLN CD   C N N 94  
GLN OE1  O N N 95  
GLN NE2  N N N 96  
GLN OXT  O N N 97  
GLN H    H N N 98  
GLN H2   H N N 99  
GLN HA   H N N 100 
GLN HB2  H N N 101 
GLN HB3  H N N 102 
GLN HG2  H N N 103 
GLN HG3  H N N 104 
GLN HE21 H N N 105 
GLN HE22 H N N 106 
GLN HXT  H N N 107 
GLU N    N N N 108 
GLU CA   C N S 109 
GLU C    C N N 110 
GLU O    O N N 111 
GLU CB   C N N 112 
GLU CG   C N N 113 
GLU CD   C N N 114 
GLU OE1  O N N 115 
GLU OE2  O N N 116 
GLU OXT  O N N 117 
GLU H    H N N 118 
GLU H2   H N N 119 
GLU HA   H N N 120 
GLU HB2  H N N 121 
GLU HB3  H N N 122 
GLU HG2  H N N 123 
GLU HG3  H N N 124 
GLU HE2  H N N 125 
GLU HXT  H N N 126 
GLY N    N N N 127 
GLY CA   C N N 128 
GLY C    C N N 129 
GLY O    O N N 130 
GLY OXT  O N N 131 
GLY H    H N N 132 
GLY H2   H N N 133 
GLY HA2  H N N 134 
GLY HA3  H N N 135 
GLY HXT  H N N 136 
HIS N    N N N 137 
HIS CA   C N S 138 
HIS C    C N N 139 
HIS O    O N N 140 
HIS CB   C N N 141 
HIS CG   C Y N 142 
HIS ND1  N Y N 143 
HIS CD2  C Y N 144 
HIS CE1  C Y N 145 
HIS NE2  N Y N 146 
HIS OXT  O N N 147 
HIS H    H N N 148 
HIS H2   H N N 149 
HIS HA   H N N 150 
HIS HB2  H N N 151 
HIS HB3  H N N 152 
HIS HD1  H N N 153 
HIS HD2  H N N 154 
HIS HE1  H N N 155 
HIS HE2  H N N 156 
HIS HXT  H N N 157 
HOH O    O N N 158 
HOH H1   H N N 159 
HOH H2   H N N 160 
ILE N    N N N 161 
ILE CA   C N S 162 
ILE C    C N N 163 
ILE O    O N N 164 
ILE CB   C N S 165 
ILE CG1  C N N 166 
ILE CG2  C N N 167 
ILE CD1  C N N 168 
ILE OXT  O N N 169 
ILE H    H N N 170 
ILE H2   H N N 171 
ILE HA   H N N 172 
ILE HB   H N N 173 
ILE HG12 H N N 174 
ILE HG13 H N N 175 
ILE HG21 H N N 176 
ILE HG22 H N N 177 
ILE HG23 H N N 178 
ILE HD11 H N N 179 
ILE HD12 H N N 180 
ILE HD13 H N N 181 
ILE HXT  H N N 182 
LEU N    N N N 183 
LEU CA   C N S 184 
LEU C    C N N 185 
LEU O    O N N 186 
LEU CB   C N N 187 
LEU CG   C N N 188 
LEU CD1  C N N 189 
LEU CD2  C N N 190 
LEU OXT  O N N 191 
LEU H    H N N 192 
LEU H2   H N N 193 
LEU HA   H N N 194 
LEU HB2  H N N 195 
LEU HB3  H N N 196 
LEU HG   H N N 197 
LEU HD11 H N N 198 
LEU HD12 H N N 199 
LEU HD13 H N N 200 
LEU HD21 H N N 201 
LEU HD22 H N N 202 
LEU HD23 H N N 203 
LEU HXT  H N N 204 
LYS N    N N N 205 
LYS CA   C N S 206 
LYS C    C N N 207 
LYS O    O N N 208 
LYS CB   C N N 209 
LYS CG   C N N 210 
LYS CD   C N N 211 
LYS CE   C N N 212 
LYS NZ   N N N 213 
LYS OXT  O N N 214 
LYS H    H N N 215 
LYS H2   H N N 216 
LYS HA   H N N 217 
LYS HB2  H N N 218 
LYS HB3  H N N 219 
LYS HG2  H N N 220 
LYS HG3  H N N 221 
LYS HD2  H N N 222 
LYS HD3  H N N 223 
LYS HE2  H N N 224 
LYS HE3  H N N 225 
LYS HZ1  H N N 226 
LYS HZ2  H N N 227 
LYS HZ3  H N N 228 
LYS HXT  H N N 229 
MET N    N N N 230 
MET CA   C N S 231 
MET C    C N N 232 
MET O    O N N 233 
MET CB   C N N 234 
MET CG   C N N 235 
MET SD   S N N 236 
MET CE   C N N 237 
MET OXT  O N N 238 
MET H    H N N 239 
MET H2   H N N 240 
MET HA   H N N 241 
MET HB2  H N N 242 
MET HB3  H N N 243 
MET HG2  H N N 244 
MET HG3  H N N 245 
MET HE1  H N N 246 
MET HE2  H N N 247 
MET HE3  H N N 248 
MET HXT  H N N 249 
PHE N    N N N 250 
PHE CA   C N S 251 
PHE C    C N N 252 
PHE O    O N N 253 
PHE CB   C N N 254 
PHE CG   C Y N 255 
PHE CD1  C Y N 256 
PHE CD2  C Y N 257 
PHE CE1  C Y N 258 
PHE CE2  C Y N 259 
PHE CZ   C Y N 260 
PHE OXT  O N N 261 
PHE H    H N N 262 
PHE H2   H N N 263 
PHE HA   H N N 264 
PHE HB2  H N N 265 
PHE HB3  H N N 266 
PHE HD1  H N N 267 
PHE HD2  H N N 268 
PHE HE1  H N N 269 
PHE HE2  H N N 270 
PHE HZ   H N N 271 
PHE HXT  H N N 272 
PRO N    N N N 273 
PRO CA   C N S 274 
PRO C    C N N 275 
PRO O    O N N 276 
PRO CB   C N N 277 
PRO CG   C N N 278 
PRO CD   C N N 279 
PRO OXT  O N N 280 
PRO H    H N N 281 
PRO HA   H N N 282 
PRO HB2  H N N 283 
PRO HB3  H N N 284 
PRO HG2  H N N 285 
PRO HG3  H N N 286 
PRO HD2  H N N 287 
PRO HD3  H N N 288 
PRO HXT  H N N 289 
SER N    N N N 290 
SER CA   C N S 291 
SER C    C N N 292 
SER O    O N N 293 
SER CB   C N N 294 
SER OG   O N N 295 
SER OXT  O N N 296 
SER H    H N N 297 
SER H2   H N N 298 
SER HA   H N N 299 
SER HB2  H N N 300 
SER HB3  H N N 301 
SER HG   H N N 302 
SER HXT  H N N 303 
THR N    N N N 304 
THR CA   C N S 305 
THR C    C N N 306 
THR O    O N N 307 
THR CB   C N R 308 
THR OG1  O N N 309 
THR CG2  C N N 310 
THR OXT  O N N 311 
THR H    H N N 312 
THR H2   H N N 313 
THR HA   H N N 314 
THR HB   H N N 315 
THR HG1  H N N 316 
THR HG21 H N N 317 
THR HG22 H N N 318 
THR HG23 H N N 319 
THR HXT  H N N 320 
TRP N    N N N 321 
TRP CA   C N S 322 
TRP C    C N N 323 
TRP O    O N N 324 
TRP CB   C N N 325 
TRP CG   C Y N 326 
TRP CD1  C Y N 327 
TRP CD2  C Y N 328 
TRP NE1  N Y N 329 
TRP CE2  C Y N 330 
TRP CE3  C Y N 331 
TRP CZ2  C Y N 332 
TRP CZ3  C Y N 333 
TRP CH2  C Y N 334 
TRP OXT  O N N 335 
TRP H    H N N 336 
TRP H2   H N N 337 
TRP HA   H N N 338 
TRP HB2  H N N 339 
TRP HB3  H N N 340 
TRP HD1  H N N 341 
TRP HE1  H N N 342 
TRP HE3  H N N 343 
TRP HZ2  H N N 344 
TRP HZ3  H N N 345 
TRP HH2  H N N 346 
TRP HXT  H N N 347 
TYR N    N N N 348 
TYR CA   C N S 349 
TYR C    C N N 350 
TYR O    O N N 351 
TYR CB   C N N 352 
TYR CG   C Y N 353 
TYR CD1  C Y N 354 
TYR CD2  C Y N 355 
TYR CE1  C Y N 356 
TYR CE2  C Y N 357 
TYR CZ   C Y N 358 
TYR OH   O N N 359 
TYR OXT  O N N 360 
TYR H    H N N 361 
TYR H2   H N N 362 
TYR HA   H N N 363 
TYR HB2  H N N 364 
TYR HB3  H N N 365 
TYR HD1  H N N 366 
TYR HD2  H N N 367 
TYR HE1  H N N 368 
TYR HE2  H N N 369 
TYR HH   H N N 370 
TYR HXT  H N N 371 
VAL N    N N N 372 
VAL CA   C N S 373 
VAL C    C N N 374 
VAL O    O N N 375 
VAL CB   C N N 376 
VAL CG1  C N N 377 
VAL CG2  C N N 378 
VAL OXT  O N N 379 
VAL H    H N N 380 
VAL H2   H N N 381 
VAL HA   H N N 382 
VAL HB   H N N 383 
VAL HG11 H N N 384 
VAL HG12 H N N 385 
VAL HG13 H N N 386 
VAL HG21 H N N 387 
VAL HG22 H N N 388 
VAL HG23 H N N 389 
VAL HXT  H N N 390 
# 
loop_
_chem_comp_bond.comp_id 
_chem_comp_bond.atom_id_1 
_chem_comp_bond.atom_id_2 
_chem_comp_bond.value_order 
_chem_comp_bond.pdbx_aromatic_flag 
_chem_comp_bond.pdbx_stereo_config 
_chem_comp_bond.pdbx_ordinal 
ALA N   CA   sing N N 1   
ALA N   H    sing N N 2   
ALA N   H2   sing N N 3   
ALA CA  C    sing N N 4   
ALA CA  CB   sing N N 5   
ALA CA  HA   sing N N 6   
ALA C   O    doub N N 7   
ALA C   OXT  sing N N 8   
ALA CB  HB1  sing N N 9   
ALA CB  HB2  sing N N 10  
ALA CB  HB3  sing N N 11  
ALA OXT HXT  sing N N 12  
ARG N   CA   sing N N 13  
ARG N   H    sing N N 14  
ARG N   H2   sing N N 15  
ARG CA  C    sing N N 16  
ARG CA  CB   sing N N 17  
ARG CA  HA   sing N N 18  
ARG C   O    doub N N 19  
ARG C   OXT  sing N N 20  
ARG CB  CG   sing N N 21  
ARG CB  HB2  sing N N 22  
ARG CB  HB3  sing N N 23  
ARG CG  CD   sing N N 24  
ARG CG  HG2  sing N N 25  
ARG CG  HG3  sing N N 26  
ARG CD  NE   sing N N 27  
ARG CD  HD2  sing N N 28  
ARG CD  HD3  sing N N 29  
ARG NE  CZ   sing N N 30  
ARG NE  HE   sing N N 31  
ARG CZ  NH1  sing N N 32  
ARG CZ  NH2  doub N N 33  
ARG NH1 HH11 sing N N 34  
ARG NH1 HH12 sing N N 35  
ARG NH2 HH21 sing N N 36  
ARG NH2 HH22 sing N N 37  
ARG OXT HXT  sing N N 38  
ASN N   CA   sing N N 39  
ASN N   H    sing N N 40  
ASN N   H2   sing N N 41  
ASN CA  C    sing N N 42  
ASN CA  CB   sing N N 43  
ASN CA  HA   sing N N 44  
ASN C   O    doub N N 45  
ASN C   OXT  sing N N 46  
ASN CB  CG   sing N N 47  
ASN CB  HB2  sing N N 48  
ASN CB  HB3  sing N N 49  
ASN CG  OD1  doub N N 50  
ASN CG  ND2  sing N N 51  
ASN ND2 HD21 sing N N 52  
ASN ND2 HD22 sing N N 53  
ASN OXT HXT  sing N N 54  
ASP N   CA   sing N N 55  
ASP N   H    sing N N 56  
ASP N   H2   sing N N 57  
ASP CA  C    sing N N 58  
ASP CA  CB   sing N N 59  
ASP CA  HA   sing N N 60  
ASP C   O    doub N N 61  
ASP C   OXT  sing N N 62  
ASP CB  CG   sing N N 63  
ASP CB  HB2  sing N N 64  
ASP CB  HB3  sing N N 65  
ASP CG  OD1  doub N N 66  
ASP CG  OD2  sing N N 67  
ASP OD2 HD2  sing N N 68  
ASP OXT HXT  sing N N 69  
CYS N   CA   sing N N 70  
CYS N   H    sing N N 71  
CYS N   H2   sing N N 72  
CYS CA  C    sing N N 73  
CYS CA  CB   sing N N 74  
CYS CA  HA   sing N N 75  
CYS C   O    doub N N 76  
CYS C   OXT  sing N N 77  
CYS CB  SG   sing N N 78  
CYS CB  HB2  sing N N 79  
CYS CB  HB3  sing N N 80  
CYS SG  HG   sing N N 81  
CYS OXT HXT  sing N N 82  
GLN N   CA   sing N N 83  
GLN N   H    sing N N 84  
GLN N   H2   sing N N 85  
GLN CA  C    sing N N 86  
GLN CA  CB   sing N N 87  
GLN CA  HA   sing N N 88  
GLN C   O    doub N N 89  
GLN C   OXT  sing N N 90  
GLN CB  CG   sing N N 91  
GLN CB  HB2  sing N N 92  
GLN CB  HB3  sing N N 93  
GLN CG  CD   sing N N 94  
GLN CG  HG2  sing N N 95  
GLN CG  HG3  sing N N 96  
GLN CD  OE1  doub N N 97  
GLN CD  NE2  sing N N 98  
GLN NE2 HE21 sing N N 99  
GLN NE2 HE22 sing N N 100 
GLN OXT HXT  sing N N 101 
GLU N   CA   sing N N 102 
GLU N   H    sing N N 103 
GLU N   H2   sing N N 104 
GLU CA  C    sing N N 105 
GLU CA  CB   sing N N 106 
GLU CA  HA   sing N N 107 
GLU C   O    doub N N 108 
GLU C   OXT  sing N N 109 
GLU CB  CG   sing N N 110 
GLU CB  HB2  sing N N 111 
GLU CB  HB3  sing N N 112 
GLU CG  CD   sing N N 113 
GLU CG  HG2  sing N N 114 
GLU CG  HG3  sing N N 115 
GLU CD  OE1  doub N N 116 
GLU CD  OE2  sing N N 117 
GLU OE2 HE2  sing N N 118 
GLU OXT HXT  sing N N 119 
GLY N   CA   sing N N 120 
GLY N   H    sing N N 121 
GLY N   H2   sing N N 122 
GLY CA  C    sing N N 123 
GLY CA  HA2  sing N N 124 
GLY CA  HA3  sing N N 125 
GLY C   O    doub N N 126 
GLY C   OXT  sing N N 127 
GLY OXT HXT  sing N N 128 
HIS N   CA   sing N N 129 
HIS N   H    sing N N 130 
HIS N   H2   sing N N 131 
HIS CA  C    sing N N 132 
HIS CA  CB   sing N N 133 
HIS CA  HA   sing N N 134 
HIS C   O    doub N N 135 
HIS C   OXT  sing N N 136 
HIS CB  CG   sing N N 137 
HIS CB  HB2  sing N N 138 
HIS CB  HB3  sing N N 139 
HIS CG  ND1  sing Y N 140 
HIS CG  CD2  doub Y N 141 
HIS ND1 CE1  doub Y N 142 
HIS ND1 HD1  sing N N 143 
HIS CD2 NE2  sing Y N 144 
HIS CD2 HD2  sing N N 145 
HIS CE1 NE2  sing Y N 146 
HIS CE1 HE1  sing N N 147 
HIS NE2 HE2  sing N N 148 
HIS OXT HXT  sing N N 149 
HOH O   H1   sing N N 150 
HOH O   H2   sing N N 151 
ILE N   CA   sing N N 152 
ILE N   H    sing N N 153 
ILE N   H2   sing N N 154 
ILE CA  C    sing N N 155 
ILE CA  CB   sing N N 156 
ILE CA  HA   sing N N 157 
ILE C   O    doub N N 158 
ILE C   OXT  sing N N 159 
ILE CB  CG1  sing N N 160 
ILE CB  CG2  sing N N 161 
ILE CB  HB   sing N N 162 
ILE CG1 CD1  sing N N 163 
ILE CG1 HG12 sing N N 164 
ILE CG1 HG13 sing N N 165 
ILE CG2 HG21 sing N N 166 
ILE CG2 HG22 sing N N 167 
ILE CG2 HG23 sing N N 168 
ILE CD1 HD11 sing N N 169 
ILE CD1 HD12 sing N N 170 
ILE CD1 HD13 sing N N 171 
ILE OXT HXT  sing N N 172 
LEU N   CA   sing N N 173 
LEU N   H    sing N N 174 
LEU N   H2   sing N N 175 
LEU CA  C    sing N N 176 
LEU CA  CB   sing N N 177 
LEU CA  HA   sing N N 178 
LEU C   O    doub N N 179 
LEU C   OXT  sing N N 180 
LEU CB  CG   sing N N 181 
LEU CB  HB2  sing N N 182 
LEU CB  HB3  sing N N 183 
LEU CG  CD1  sing N N 184 
LEU CG  CD2  sing N N 185 
LEU CG  HG   sing N N 186 
LEU CD1 HD11 sing N N 187 
LEU CD1 HD12 sing N N 188 
LEU CD1 HD13 sing N N 189 
LEU CD2 HD21 sing N N 190 
LEU CD2 HD22 sing N N 191 
LEU CD2 HD23 sing N N 192 
LEU OXT HXT  sing N N 193 
LYS N   CA   sing N N 194 
LYS N   H    sing N N 195 
LYS N   H2   sing N N 196 
LYS CA  C    sing N N 197 
LYS CA  CB   sing N N 198 
LYS CA  HA   sing N N 199 
LYS C   O    doub N N 200 
LYS C   OXT  sing N N 201 
LYS CB  CG   sing N N 202 
LYS CB  HB2  sing N N 203 
LYS CB  HB3  sing N N 204 
LYS CG  CD   sing N N 205 
LYS CG  HG2  sing N N 206 
LYS CG  HG3  sing N N 207 
LYS CD  CE   sing N N 208 
LYS CD  HD2  sing N N 209 
LYS CD  HD3  sing N N 210 
LYS CE  NZ   sing N N 211 
LYS CE  HE2  sing N N 212 
LYS CE  HE3  sing N N 213 
LYS NZ  HZ1  sing N N 214 
LYS NZ  HZ2  sing N N 215 
LYS NZ  HZ3  sing N N 216 
LYS OXT HXT  sing N N 217 
MET N   CA   sing N N 218 
MET N   H    sing N N 219 
MET N   H2   sing N N 220 
MET CA  C    sing N N 221 
MET CA  CB   sing N N 222 
MET CA  HA   sing N N 223 
MET C   O    doub N N 224 
MET C   OXT  sing N N 225 
MET CB  CG   sing N N 226 
MET CB  HB2  sing N N 227 
MET CB  HB3  sing N N 228 
MET CG  SD   sing N N 229 
MET CG  HG2  sing N N 230 
MET CG  HG3  sing N N 231 
MET SD  CE   sing N N 232 
MET CE  HE1  sing N N 233 
MET CE  HE2  sing N N 234 
MET CE  HE3  sing N N 235 
MET OXT HXT  sing N N 236 
PHE N   CA   sing N N 237 
PHE N   H    sing N N 238 
PHE N   H2   sing N N 239 
PHE CA  C    sing N N 240 
PHE CA  CB   sing N N 241 
PHE CA  HA   sing N N 242 
PHE C   O    doub N N 243 
PHE C   OXT  sing N N 244 
PHE CB  CG   sing N N 245 
PHE CB  HB2  sing N N 246 
PHE CB  HB3  sing N N 247 
PHE CG  CD1  doub Y N 248 
PHE CG  CD2  sing Y N 249 
PHE CD1 CE1  sing Y N 250 
PHE CD1 HD1  sing N N 251 
PHE CD2 CE2  doub Y N 252 
PHE CD2 HD2  sing N N 253 
PHE CE1 CZ   doub Y N 254 
PHE CE1 HE1  sing N N 255 
PHE CE2 CZ   sing Y N 256 
PHE CE2 HE2  sing N N 257 
PHE CZ  HZ   sing N N 258 
PHE OXT HXT  sing N N 259 
PRO N   CA   sing N N 260 
PRO N   CD   sing N N 261 
PRO N   H    sing N N 262 
PRO CA  C    sing N N 263 
PRO CA  CB   sing N N 264 
PRO CA  HA   sing N N 265 
PRO C   O    doub N N 266 
PRO C   OXT  sing N N 267 
PRO CB  CG   sing N N 268 
PRO CB  HB2  sing N N 269 
PRO CB  HB3  sing N N 270 
PRO CG  CD   sing N N 271 
PRO CG  HG2  sing N N 272 
PRO CG  HG3  sing N N 273 
PRO CD  HD2  sing N N 274 
PRO CD  HD3  sing N N 275 
PRO OXT HXT  sing N N 276 
SER N   CA   sing N N 277 
SER N   H    sing N N 278 
SER N   H2   sing N N 279 
SER CA  C    sing N N 280 
SER CA  CB   sing N N 281 
SER CA  HA   sing N N 282 
SER C   O    doub N N 283 
SER C   OXT  sing N N 284 
SER CB  OG   sing N N 285 
SER CB  HB2  sing N N 286 
SER CB  HB3  sing N N 287 
SER OG  HG   sing N N 288 
SER OXT HXT  sing N N 289 
THR N   CA   sing N N 290 
THR N   H    sing N N 291 
THR N   H2   sing N N 292 
THR CA  C    sing N N 293 
THR CA  CB   sing N N 294 
THR CA  HA   sing N N 295 
THR C   O    doub N N 296 
THR C   OXT  sing N N 297 
THR CB  OG1  sing N N 298 
THR CB  CG2  sing N N 299 
THR CB  HB   sing N N 300 
THR OG1 HG1  sing N N 301 
THR CG2 HG21 sing N N 302 
THR CG2 HG22 sing N N 303 
THR CG2 HG23 sing N N 304 
THR OXT HXT  sing N N 305 
TRP N   CA   sing N N 306 
TRP N   H    sing N N 307 
TRP N   H2   sing N N 308 
TRP CA  C    sing N N 309 
TRP CA  CB   sing N N 310 
TRP CA  HA   sing N N 311 
TRP C   O    doub N N 312 
TRP C   OXT  sing N N 313 
TRP CB  CG   sing N N 314 
TRP CB  HB2  sing N N 315 
TRP CB  HB3  sing N N 316 
TRP CG  CD1  doub Y N 317 
TRP CG  CD2  sing Y N 318 
TRP CD1 NE1  sing Y N 319 
TRP CD1 HD1  sing N N 320 
TRP CD2 CE2  doub Y N 321 
TRP CD2 CE3  sing Y N 322 
TRP NE1 CE2  sing Y N 323 
TRP NE1 HE1  sing N N 324 
TRP CE2 CZ2  sing Y N 325 
TRP CE3 CZ3  doub Y N 326 
TRP CE3 HE3  sing N N 327 
TRP CZ2 CH2  doub Y N 328 
TRP CZ2 HZ2  sing N N 329 
TRP CZ3 CH2  sing Y N 330 
TRP CZ3 HZ3  sing N N 331 
TRP CH2 HH2  sing N N 332 
TRP OXT HXT  sing N N 333 
TYR N   CA   sing N N 334 
TYR N   H    sing N N 335 
TYR N   H2   sing N N 336 
TYR CA  C    sing N N 337 
TYR CA  CB   sing N N 338 
TYR CA  HA   sing N N 339 
TYR C   O    doub N N 340 
TYR C   OXT  sing N N 341 
TYR CB  CG   sing N N 342 
TYR CB  HB2  sing N N 343 
TYR CB  HB3  sing N N 344 
TYR CG  CD1  doub Y N 345 
TYR CG  CD2  sing Y N 346 
TYR CD1 CE1  sing Y N 347 
TYR CD1 HD1  sing N N 348 
TYR CD2 CE2  doub Y N 349 
TYR CD2 HD2  sing N N 350 
TYR CE1 CZ   doub Y N 351 
TYR CE1 HE1  sing N N 352 
TYR CE2 CZ   sing Y N 353 
TYR CE2 HE2  sing N N 354 
TYR CZ  OH   sing N N 355 
TYR OH  HH   sing N N 356 
TYR OXT HXT  sing N N 357 
VAL N   CA   sing N N 358 
VAL N   H    sing N N 359 
VAL N   H2   sing N N 360 
VAL CA  C    sing N N 361 
VAL CA  CB   sing N N 362 
VAL CA  HA   sing N N 363 
VAL C   O    doub N N 364 
VAL C   OXT  sing N N 365 
VAL CB  CG1  sing N N 366 
VAL CB  CG2  sing N N 367 
VAL CB  HB   sing N N 368 
VAL CG1 HG11 sing N N 369 
VAL CG1 HG12 sing N N 370 
VAL CG1 HG13 sing N N 371 
VAL CG2 HG21 sing N N 372 
VAL CG2 HG22 sing N N 373 
VAL CG2 HG23 sing N N 374 
VAL OXT HXT  sing N N 375 
# 
_atom_sites.entry_id                    1LIT 
_atom_sites.fract_transf_matrix[1][1]   -0.02269304 
_atom_sites.fract_transf_matrix[1][2]   -0.00104469 
_atom_sites.fract_transf_matrix[1][3]   -0.00909331 
_atom_sites.fract_transf_matrix[2][1]   -0.01588082 
_atom_sites.fract_transf_matrix[2][2]   0.01802841 
_atom_sites.fract_transf_matrix[2][3]   0.00463766 
_atom_sites.fract_transf_matrix[3][1]   0.00282366 
_atom_sites.fract_transf_matrix[3][2]   0.00443095 
_atom_sites.fract_transf_matrix[3][3]   -0.00755572 
_atom_sites.fract_transf_vector[1]      0.813808 
_atom_sites.fract_transf_vector[2]      0.376070 
_atom_sites.fract_transf_vector[3]      0.600903 
# 
loop_
_atom_type.symbol 
C 
N 
O 
S 
# 
loop_
_atom_site.group_PDB 
_atom_site.id 
_atom_site.type_symbol 
_atom_site.label_atom_id 
_atom_site.label_alt_id 
_atom_site.label_comp_id 
_atom_site.label_asym_id 
_atom_site.label_entity_id 
_atom_site.label_seq_id 
_atom_site.pdbx_PDB_ins_code 
_atom_site.Cartn_x 
_atom_site.Cartn_y 
_atom_site.Cartn_z 
_atom_site.occupancy 
_atom_site.B_iso_or_equiv 
_atom_site.pdbx_formal_charge 
_atom_site.auth_seq_id 
_atom_site.auth_comp_id 
_atom_site.auth_asym_id 
_atom_site.auth_atom_id 
_atom_site.pdbx_PDB_model_num 
ATOM   1    N N   . CYS A 1 14  ? -10.369 -13.760 -10.709 1.00 28.92 ? 14  CYS A N   1 
ATOM   2    C CA  . CYS A 1 14  ? -10.581 -12.356 -10.254 1.00 27.51 ? 14  CYS A CA  1 
ATOM   3    C C   . CYS A 1 14  ? -11.283 -11.540 -11.336 1.00 27.72 ? 14  CYS A C   1 
ATOM   4    O O   . CYS A 1 14  ? -10.937 -11.625 -12.518 1.00 28.84 ? 14  CYS A O   1 
ATOM   5    C CB  . CYS A 1 14  ? -9.238  -11.686 -9.924  1.00 24.92 ? 14  CYS A CB  1 
ATOM   6    S SG  . CYS A 1 14  ? -8.368  -12.405 -8.509  1.00 21.03 ? 14  CYS A SG  1 
ATOM   7    N N   . PRO A 1 15  ? -12.120 -10.599 -10.917 1.00 26.18 ? 15  PRO A N   1 
ATOM   8    C CA  . PRO A 1 15  ? -12.890 -9.791  -11.862 1.00 27.82 ? 15  PRO A CA  1 
ATOM   9    C C   . PRO A 1 15  ? -12.016 -8.925  -12.791 1.00 28.55 ? 15  PRO A C   1 
ATOM   10   O O   . PRO A 1 15  ? -10.864 -8.643  -12.475 1.00 28.89 ? 15  PRO A O   1 
ATOM   11   C CB  . PRO A 1 15  ? -13.794 -8.962  -10.951 1.00 28.10 ? 15  PRO A CB  1 
ATOM   12   C CG  . PRO A 1 15  ? -13.121 -9.037  -9.563  1.00 27.80 ? 15  PRO A CG  1 
ATOM   13   C CD  . PRO A 1 15  ? -12.491 -10.356 -9.511  1.00 26.17 ? 15  PRO A CD  1 
ATOM   14   N N   . GLU A 1 16  ? -12.566 -8.532  -13.942 1.00 28.35 ? 16  GLU A N   1 
ATOM   15   C CA  . GLU A 1 16  ? -11.860 -7.705  -14.919 1.00 27.86 ? 16  GLU A CA  1 
ATOM   16   C C   . GLU A 1 16  ? -11.330 -6.490  -14.208 1.00 27.44 ? 16  GLU A C   1 
ATOM   17   O O   . GLU A 1 16  ? -12.076 -5.852  -13.467 1.00 29.14 ? 16  GLU A O   1 
ATOM   18   C CB  1 GLU A 1 16  ? -12.799 -7.264  -16.069 0.29 28.38 ? 16  GLU A CB  1 
ATOM   19   C CB  2 GLU A 1 16  ? -12.810 -7.257  -16.046 0.44 28.27 ? 16  GLU A CB  1 
ATOM   20   C CG  1 GLU A 1 16  ? -12.080 -6.537  -17.248 0.29 28.52 ? 16  GLU A CG  1 
ATOM   21   C CG  2 GLU A 1 16  ? -12.138 -6.395  -17.149 0.44 27.96 ? 16  GLU A CG  1 
ATOM   22   C CD  1 GLU A 1 16  ? -13.024 -6.035  -18.358 0.29 29.09 ? 16  GLU A CD  1 
ATOM   23   C CD  2 GLU A 1 16  ? -13.127 -5.799  -18.160 0.44 28.64 ? 16  GLU A CD  1 
ATOM   24   O OE1 1 GLU A 1 16  ? -13.463 -6.846  -19.210 0.29 28.37 ? 16  GLU A OE1 1 
ATOM   25   O OE1 2 GLU A 1 16  ? -14.292 -6.262  -18.226 0.44 27.35 ? 16  GLU A OE1 1 
ATOM   26   O OE2 1 GLU A 1 16  ? -13.244 -4.806  -18.437 0.29 28.59 ? 16  GLU A OE2 1 
ATOM   27   O OE2 2 GLU A 1 16  ? -12.725 -4.866  -18.893 0.44 27.26 ? 16  GLU A OE2 1 
ATOM   28   N N   . GLY A 1 17  ? -10.111 -6.095  -14.582 1.00 25.82 ? 17  GLY A N   1 
ATOM   29   C CA  . GLY A 1 17  ? -9.466  -4.938  -14.014 1.00 23.90 ? 17  GLY A CA  1 
ATOM   30   C C   . GLY A 1 17  ? -8.635  -5.338  -12.804 1.00 23.64 ? 17  GLY A C   1 
ATOM   31   O O   . GLY A 1 17  ? -7.896  -4.518  -12.249 1.00 23.58 ? 17  GLY A O   1 
ATOM   32   N N   . THR A 1 18  ? -8.791  -6.565  -12.329 1.00 21.67 ? 18  THR A N   1 
ATOM   33   C CA  . THR A 1 18  ? -8.049  -6.963  -11.124 1.00 20.71 ? 18  THR A CA  1 
ATOM   34   C C   . THR A 1 18  ? -7.182  -8.171  -11.463 1.00 21.00 ? 18  THR A C   1 
ATOM   35   O O   . THR A 1 18  ? -7.483  -8.914  -12.401 1.00 22.72 ? 18  THR A O   1 
ATOM   36   C CB  . THR A 1 18  ? -9.005  -7.295  -9.901  1.00 19.25 ? 18  THR A CB  1 
ATOM   37   O OG1 . THR A 1 18  ? -9.661  -8.558  -10.107 1.00 19.74 ? 18  THR A OG1 1 
ATOM   38   C CG2 . THR A 1 18  ? -10.032 -6.206  -9.685  1.00 18.58 ? 18  THR A CG2 1 
ATOM   39   N N   . ASN A 1 19  ? -6.147  -8.408  -10.663 1.00 19.95 ? 19  ASN A N   1 
ATOM   40   C CA  . ASN A 1 19  ? -5.179  -9.428  -10.962 1.00 20.56 ? 19  ASN A CA  1 
ATOM   41   C C   . ASN A 1 19  ? -5.082  -10.367 -9.797  1.00 20.11 ? 19  ASN A C   1 
ATOM   42   O O   . ASN A 1 19  ? -4.926  -9.948  -8.652  1.00 18.90 ? 19  ASN A O   1 
ATOM   43   C CB  . ASN A 1 19  ? -3.813  -8.806  -11.198 1.00 24.20 ? 19  ASN A CB  1 
ATOM   44   C CG  . ASN A 1 19  ? -3.712  -8.136  -12.541 1.00 30.63 ? 19  ASN A CG  1 
ATOM   45   O OD1 . ASN A 1 19  ? -4.543  -7.293  -12.900 1.00 30.89 ? 19  ASN A OD1 1 
ATOM   46   N ND2 . ASN A 1 19  ? -2.660  -8.477  -13.289 1.00 35.07 ? 19  ASN A ND2 1 
ATOM   47   N N   . ALA A 1 20  ? -4.933  -11.633 -10.120 1.00 20.50 ? 20  ALA A N   1 
ATOM   48   C CA  . ALA A 1 20  ? -4.798  -12.658 -9.109  1.00 20.38 ? 20  ALA A CA  1 
ATOM   49   C C   . ALA A 1 20  ? -3.344  -12.832 -8.701  1.00 20.39 ? 20  ALA A C   1 
ATOM   50   O O   . ALA A 1 20  ? -2.439  -12.824 -9.540  1.00 20.76 ? 20  ALA A O   1 
ATOM   51   C CB  . ALA A 1 20  ? -5.382  -13.978 -9.647  1.00 20.69 ? 20  ALA A CB  1 
ATOM   52   N N   . TYR A 1 21  ? -3.124  -13.066 -7.418  1.00 19.98 ? 21  TYR A N   1 
ATOM   53   C CA  . TYR A 1 21  ? -1.825  -13.487 -6.946  1.00 20.52 ? 21  TYR A CA  1 
ATOM   54   C C   . TYR A 1 21  ? -2.023  -14.284 -5.655  1.00 21.82 ? 21  TYR A C   1 
ATOM   55   O O   . TYR A 1 21  ? -2.589  -13.764 -4.699  1.00 19.62 ? 21  TYR A O   1 
ATOM   56   C CB  . TYR A 1 21  ? -0.916  -12.272 -6.673  1.00 20.83 ? 21  TYR A CB  1 
ATOM   57   C CG  . TYR A 1 21  ? 0.417   -12.661 -6.059  1.00 21.79 ? 21  TYR A CG  1 
ATOM   58   C CD1 . TYR A 1 21  ? 1.378   -13.321 -6.818  1.00 22.93 ? 21  TYR A CD1 1 
ATOM   59   C CD2 . TYR A 1 21  ? 0.680   -12.464 -4.724  1.00 22.12 ? 21  TYR A CD2 1 
ATOM   60   C CE1 . TYR A 1 21  ? 2.538   -13.770 -6.260  1.00 23.95 ? 21  TYR A CE1 1 
ATOM   61   C CE2 . TYR A 1 21  ? 1.852   -12.918 -4.164  1.00 23.17 ? 21  TYR A CE2 1 
ATOM   62   C CZ  . TYR A 1 21  ? 2.768   -13.570 -4.945  1.00 23.99 ? 21  TYR A CZ  1 
ATOM   63   O OH  . TYR A 1 21  ? 3.924   -14.079 -4.407  1.00 27.86 ? 21  TYR A OH  1 
ATOM   64   N N   . ARG A 1 22  ? -1.716  -15.579 -5.710  1.00 23.96 ? 22  ARG A N   1 
ATOM   65   C CA  . ARG A 1 22  ? -1.776  -16.444 -4.544  1.00 26.18 ? 22  ARG A CA  1 
ATOM   66   C C   1 ARG A 1 22  ? -3.031  -16.233 -3.700  0.38 26.87 ? 22  ARG A C   1 
ATOM   67   C C   2 ARG A 1 22  ? -3.034  -16.220 -3.708  0.41 26.51 ? 22  ARG A C   1 
ATOM   68   O O   1 ARG A 1 22  ? -2.963  -15.728 -2.578  0.38 27.92 ? 22  ARG A O   1 
ATOM   69   O O   2 ARG A 1 22  ? -2.979  -15.662 -2.611  0.41 27.21 ? 22  ARG A O   1 
ATOM   70   C CB  . ARG A 1 22  ? -0.546  -16.221 -3.683  1.00 28.78 ? 22  ARG A CB  1 
ATOM   71   C CG  . ARG A 1 22  ? 0.746   -16.464 -4.398  1.00 35.81 ? 22  ARG A CG  1 
ATOM   72   C CD  . ARG A 1 22  ? 1.700   -17.223 -3.509  1.00 41.00 ? 22  ARG A CD  1 
ATOM   73   N NE  . ARG A 1 22  ? 3.085   -16.982 -3.887  1.00 46.99 ? 22  ARG A NE  1 
ATOM   74   C CZ  . ARG A 1 22  ? 3.981   -17.931 -4.159  1.00 50.19 ? 22  ARG A CZ  1 
ATOM   75   N NH1 . ARG A 1 22  ? 3.645   -19.235 -4.127  1.00 51.43 ? 22  ARG A NH1 1 
ATOM   76   N NH2 . ARG A 1 22  ? 5.259   -17.576 -4.306  1.00 51.93 ? 22  ARG A NH2 1 
ATOM   77   N N   1 SER A 1 23  ? -4.182  -16.555 -4.267  0.40 27.14 ? 23  SER A N   1 
ATOM   78   N N   2 SER A 1 23  ? -4.181  -16.550 -4.275  0.60 26.47 ? 23  SER A N   1 
ATOM   79   C CA  . SER A 1 23  ? -5.436  -16.560 -3.509  1.00 28.53 ? 23  SER A CA  1 
ATOM   80   C C   . SER A 1 23  ? -6.102  -15.228 -3.396  1.00 26.62 ? 23  SER A C   1 
ATOM   81   O O   . SER A 1 23  ? -7.176  -15.170 -2.784  1.00 26.03 ? 23  SER A O   1 
ATOM   82   C CB  . SER A 1 23  ? -5.246  -17.057 -2.058  1.00 31.02 ? 23  SER A CB  1 
ATOM   83   O OG  . SER A 1 23  ? -4.997  -18.445 -1.987  1.00 36.60 ? 23  SER A OG  1 
ATOM   84   N N   . TYR A 1 24  ? -5.417  -14.140 -3.757  1.00 22.82 ? 24  TYR A N   1 
ATOM   85   C CA  . TYR A 1 24  ? -6.085  -12.841 -3.647  1.00 20.23 ? 24  TYR A CA  1 
ATOM   86   C C   . TYR A 1 24  ? -6.169  -12.164 -4.995  1.00 18.91 ? 24  TYR A C   1 
ATOM   87   O O   . TYR A 1 24  ? -5.440  -12.519 -5.927  1.00 18.20 ? 24  TYR A O   1 
ATOM   88   C CB  . TYR A 1 24  ? -5.363  -11.935 -2.645  1.00 21.24 ? 24  TYR A CB  1 
ATOM   89   C CG  . TYR A 1 24  ? -5.560  -12.324 -1.206  1.00 22.45 ? 24  TYR A CG  1 
ATOM   90   C CD1 . TYR A 1 24  ? -4.874  -13.407 -0.663  1.00 24.11 ? 24  TYR A CD1 1 
ATOM   91   C CD2 . TYR A 1 24  ? -6.455  -11.654 -0.412  1.00 23.14 ? 24  TYR A CD2 1 
ATOM   92   C CE1 . TYR A 1 24  ? -5.074  -13.814 0.634   1.00 24.89 ? 24  TYR A CE1 1 
ATOM   93   C CE2 . TYR A 1 24  ? -6.685  -12.070 0.916   1.00 25.39 ? 24  TYR A CE2 1 
ATOM   94   C CZ  . TYR A 1 24  ? -5.989  -13.153 1.411   1.00 26.14 ? 24  TYR A CZ  1 
ATOM   95   O OH  . TYR A 1 24  ? -6.279  -13.633 2.662   1.00 29.58 ? 24  TYR A OH  1 
ATOM   96   N N   . CYS A 1 25  ? -6.967  -11.106 -5.035  1.00 17.79 ? 25  CYS A N   1 
ATOM   97   C CA  . CYS A 1 25  ? -7.064  -10.238 -6.195  1.00 16.12 ? 25  CYS A CA  1 
ATOM   98   C C   . CYS A 1 25  ? -6.574  -8.875  -5.786  1.00 15.39 ? 25  CYS A C   1 
ATOM   99   O O   . CYS A 1 25  ? -6.816  -8.419  -4.662  1.00 13.87 ? 25  CYS A O   1 
ATOM   100  C CB  . CYS A 1 25  ? -8.498  -10.089 -6.648  1.00 17.18 ? 25  CYS A CB  1 
ATOM   101  S SG  . CYS A 1 25  ? -9.336  -11.670 -6.935  1.00 20.98 ? 25  CYS A SG  1 
ATOM   102  N N   . TYR A 1 26  ? -5.950  -8.188  -6.737  1.00 14.13 ? 26  TYR A N   1 
ATOM   103  C CA  . TYR A 1 26  ? -5.292  -6.910  -6.455  1.00 13.40 ? 26  TYR A CA  1 
ATOM   104  C C   . TYR A 1 26  ? -5.664  -5.975  -7.575  1.00 14.69 ? 26  TYR A C   1 
ATOM   105  O O   . TYR A 1 26  ? -5.892  -6.424  -8.700  1.00 16.37 ? 26  TYR A O   1 
ATOM   106  C CB  . TYR A 1 26  ? -3.784  -7.070  -6.493  1.00 12.90 ? 26  TYR A CB  1 
ATOM   107  C CG  . TYR A 1 26  ? -3.219  -7.998  -5.463  1.00 13.03 ? 26  TYR A CG  1 
ATOM   108  C CD1 . TYR A 1 26  ? -3.362  -9.375  -5.579  1.00 15.26 ? 26  TYR A CD1 1 
ATOM   109  C CD2 . TYR A 1 26  ? -2.517  -7.503  -4.382  1.00 13.95 ? 26  TYR A CD2 1 
ATOM   110  C CE1 . TYR A 1 26  ? -2.808  -10.244 -4.622  1.00 14.57 ? 26  TYR A CE1 1 
ATOM   111  C CE2 . TYR A 1 26  ? -1.955  -8.367  -3.435  1.00 15.26 ? 26  TYR A CE2 1 
ATOM   112  C CZ  . TYR A 1 26  ? -2.114  -9.728  -3.564  1.00 14.14 ? 26  TYR A CZ  1 
ATOM   113  O OH  . TYR A 1 26  ? -1.539  -10.574 -2.656  1.00 14.38 ? 26  TYR A OH  1 
ATOM   114  N N   . TYR A 1 27  ? -5.745  -4.695  -7.285  1.00 13.99 ? 27  TYR A N   1 
ATOM   115  C CA  . TYR A 1 27  ? -5.745  -3.730  -8.377  1.00 16.30 ? 27  TYR A CA  1 
ATOM   116  C C   . TYR A 1 27  ? -5.214  -2.394  -7.937  1.00 14.63 ? 27  TYR A C   1 
ATOM   117  O O   . TYR A 1 27  ? -5.294  -2.038  -6.757  1.00 13.75 ? 27  TYR A O   1 
ATOM   118  C CB  . TYR A 1 27  ? -7.141  -3.567  -8.983  1.00 19.01 ? 27  TYR A CB  1 
ATOM   119  C CG  . TYR A 1 27  ? -8.166  -3.088  -7.995  1.00 20.44 ? 27  TYR A CG  1 
ATOM   120  C CD1 . TYR A 1 27  ? -8.347  -1.717  -7.744  1.00 20.20 ? 27  TYR A CD1 1 
ATOM   121  C CD2 . TYR A 1 27  ? -8.957  -4.018  -7.296  1.00 21.18 ? 27  TYR A CD2 1 
ATOM   122  C CE1 . TYR A 1 27  ? -9.285  -1.272  -6.837  1.00 21.02 ? 27  TYR A CE1 1 
ATOM   123  C CE2 . TYR A 1 27  ? -9.914  -3.583  -6.388  1.00 21.92 ? 27  TYR A CE2 1 
ATOM   124  C CZ  . TYR A 1 27  ? -10.084 -2.220  -6.164  1.00 22.93 ? 27  TYR A CZ  1 
ATOM   125  O OH  . TYR A 1 27  ? -11.100 -1.829  -5.306  1.00 25.08 ? 27  TYR A OH  1 
ATOM   126  N N   . PHE A 1 28  ? -4.632  -1.689  -8.896  1.00 13.24 ? 28  PHE A N   1 
ATOM   127  C CA  . PHE A 1 28  ? -4.115  -0.358  -8.701  1.00 12.88 ? 28  PHE A CA  1 
ATOM   128  C C   . PHE A 1 28  ? -5.211  0.610   -9.132  1.00 13.56 ? 28  PHE A C   1 
ATOM   129  O O   . PHE A 1 28  ? -5.873  0.392   -10.149 1.00 16.47 ? 28  PHE A O   1 
ATOM   130  C CB  . PHE A 1 28  ? -2.848  -0.195  -9.570  1.00 13.85 ? 28  PHE A CB  1 
ATOM   131  C CG  . PHE A 1 28  ? -2.312  1.202   -9.623  1.00 16.15 ? 28  PHE A CG  1 
ATOM   132  C CD1 . PHE A 1 28  ? -1.802  1.817   -8.497  1.00 16.19 ? 28  PHE A CD1 1 
ATOM   133  C CD2 . PHE A 1 28  ? -2.377  1.939   -10.808 1.00 17.33 ? 28  PHE A CD2 1 
ATOM   134  C CE1 . PHE A 1 28  ? -1.360  3.176   -8.537  1.00 17.72 ? 28  PHE A CE1 1 
ATOM   135  C CE2 . PHE A 1 28  ? -1.956  3.260   -10.872 1.00 18.05 ? 28  PHE A CE2 1 
ATOM   136  C CZ  . PHE A 1 28  ? -1.437  3.893   -9.725  1.00 19.31 ? 28  PHE A CZ  1 
ATOM   137  N N   . ASN A 1 29  ? -5.471  1.609   -8.312  1.00 12.81 ? 29  ASN A N   1 
ATOM   138  C CA  . ASN A 1 29  ? -6.464  2.623   -8.586  1.00 15.17 ? 29  ASN A CA  1 
ATOM   139  C C   . ASN A 1 29  ? -5.736  3.960   -8.628  1.00 16.22 ? 29  ASN A C   1 
ATOM   140  O O   . ASN A 1 29  ? -5.087  4.380   -7.683  1.00 14.93 ? 29  ASN A O   1 
ATOM   141  C CB  . ASN A 1 29  ? -7.535  2.653   -7.487  1.00 16.95 ? 29  ASN A CB  1 
ATOM   142  C CG  . ASN A 1 29  ? -8.769  3.478   -7.867  1.00 20.50 ? 29  ASN A CG  1 
ATOM   143  O OD1 . ASN A 1 29  ? -9.876  3.183   -7.422  1.00 25.42 ? 29  ASN A OD1 1 
ATOM   144  N ND2 . ASN A 1 29  ? -8.600  4.470   -8.691  1.00 18.49 ? 29  ASN A ND2 1 
ATOM   145  N N   . GLU A 1 30  ? -5.842  4.615   -9.766  1.00 18.31 ? 30  GLU A N   1 
ATOM   146  C CA  . GLU A 1 30  ? -5.130  5.856   -10.032 1.00 20.94 ? 30  GLU A CA  1 
ATOM   147  C C   . GLU A 1 30  ? -5.842  7.079   -9.420  1.00 24.46 ? 30  GLU A C   1 
ATOM   148  O O   . GLU A 1 30  ? -5.273  8.166   -9.332  1.00 28.55 ? 30  GLU A O   1 
ATOM   149  C CB  . GLU A 1 30  ? -4.986  5.976   -11.551 1.00 24.56 ? 30  GLU A CB  1 
ATOM   150  C CG  . GLU A 1 30  ? -4.236  7.163   -12.057 1.00 30.17 ? 30  GLU A CG  1 
ATOM   151  C CD  . GLU A 1 30  ? -2.886  7.306   -11.399 1.00 34.06 ? 30  GLU A CD  1 
ATOM   152  O OE1 . GLU A 1 30  ? -1.921  6.689   -11.926 1.00 35.49 ? 30  GLU A OE1 1 
ATOM   153  O OE2 . GLU A 1 30  ? -2.785  8.106   -10.404 1.00 35.59 ? 30  GLU A OE2 1 
ATOM   154  N N   . ASP A 1 31  ? -6.936  6.829   -8.724  1.00 25.96 ? 31  ASP A N   1 
ATOM   155  C CA  . ASP A 1 31  ? -7.624  7.846   -7.925  1.00 26.82 ? 31  ASP A CA  1 
ATOM   156  C C   . ASP A 1 31  ? -6.779  8.247   -6.720  1.00 26.36 ? 31  ASP A C   1 
ATOM   157  O O   . ASP A 1 31  ? -6.521  7.447   -5.847  1.00 25.49 ? 31  ASP A O   1 
ATOM   158  C CB  . ASP A 1 31  ? -8.958  7.270   -7.449  1.00 31.52 ? 31  ASP A CB  1 
ATOM   159  C CG  . ASP A 1 31  ? -9.853  8.289   -6.762  1.00 35.40 ? 31  ASP A CG  1 
ATOM   160  O OD1 . ASP A 1 31  ? -9.619  9.523   -6.811  1.00 38.97 ? 31  ASP A OD1 1 
ATOM   161  O OD2 . ASP A 1 31  ? -10.839 7.831   -6.165  1.00 39.03 ? 31  ASP A OD2 1 
ATOM   162  N N   . ARG A 1 32  ? -6.487  9.526   -6.596  1.00 24.73 ? 32  ARG A N   1 
ATOM   163  C CA  . ARG A 1 32  ? -5.728  9.985   -5.471  1.00 24.16 ? 32  ARG A CA  1 
ATOM   164  C C   . ARG A 1 32  ? -6.642  10.328  -4.308  1.00 24.08 ? 32  ARG A C   1 
ATOM   165  O O   . ARG A 1 32  ? -7.493  11.216  -4.416  1.00 23.70 ? 32  ARG A O   1 
ATOM   166  C CB  . ARG A 1 32  ? -4.871  11.168  -5.883  1.00 26.68 ? 32  ARG A CB  1 
ATOM   167  C CG  . ARG A 1 32  ? -3.910  10.777  -6.978  1.00 29.72 ? 32  ARG A CG  1 
ATOM   168  C CD  . ARG A 1 32  ? -2.974  11.886  -7.234  1.00 34.74 ? 32  ARG A CD  1 
ATOM   169  N NE  . ARG A 1 32  ? -1.920  11.491  -8.153  1.00 40.47 ? 32  ARG A NE  1 
ATOM   170  C CZ  . ARG A 1 32  ? -0.646  11.852  -7.992  1.00 45.06 ? 32  ARG A CZ  1 
ATOM   171  N NH1 . ARG A 1 32  ? -0.285  12.573  -6.921  1.00 46.63 ? 32  ARG A NH1 1 
ATOM   172  N NH2 . ARG A 1 32  ? 0.248   11.616  -8.956  1.00 46.86 ? 32  ARG A NH2 1 
ATOM   173  N N   . GLU A 1 33  ? -6.466  9.601   -3.196  1.00 21.70 ? 33  GLU A N   1 
ATOM   174  C CA  . GLU A 1 33  ? -7.274  9.760   -1.993  1.00 20.14 ? 33  GLU A CA  1 
ATOM   175  C C   . GLU A 1 33  ? -6.353  9.813   -0.810  1.00 17.38 ? 33  GLU A C   1 
ATOM   176  O O   . GLU A 1 33  ? -5.240  9.335   -0.876  1.00 15.44 ? 33  GLU A O   1 
ATOM   177  C CB  . GLU A 1 33  ? -8.158  8.550   -1.786  1.00 24.62 ? 33  GLU A CB  1 
ATOM   178  C CG  . GLU A 1 33  ? -8.735  8.025   -3.024  1.00 30.66 ? 33  GLU A CG  1 
ATOM   179  C CD  . GLU A 1 33  ? -10.176 8.407   -3.171  1.00 37.22 ? 33  GLU A CD  1 
ATOM   180  O OE1 . GLU A 1 33  ? -10.467 9.643   -3.225  1.00 38.93 ? 33  GLU A OE1 1 
ATOM   181  O OE2 . GLU A 1 33  ? -11.009 7.461   -3.301  1.00 40.56 ? 33  GLU A OE2 1 
ATOM   182  N N   . THR A 1 34  ? -6.882  10.252  0.324   1.00 17.10 ? 34  THR A N   1 
ATOM   183  C CA  . THR A 1 34  ? -6.168  10.096  1.578   1.00 16.10 ? 34  THR A CA  1 
ATOM   184  C C   . THR A 1 34  ? -6.064  8.596   1.919   1.00 14.07 ? 34  THR A C   1 
ATOM   185  O O   . THR A 1 34  ? -6.786  7.781   1.367   1.00 14.30 ? 34  THR A O   1 
ATOM   186  C CB  . THR A 1 34  ? -6.877  10.812  2.708   1.00 17.50 ? 34  THR A CB  1 
ATOM   187  O OG1 . THR A 1 34  ? -8.152  10.193  2.917   1.00 18.79 ? 34  THR A OG1 1 
ATOM   188  C CG2 . THR A 1 34  ? -7.053  12.308  2.392   1.00 17.87 ? 34  THR A CG2 1 
ATOM   189  N N   . TRP A 1 35  ? -5.115  8.248   2.776   1.00 14.59 ? 35  TRP A N   1 
ATOM   190  C CA  . TRP A 1 35  ? -4.930  6.862   3.195   1.00 14.53 ? 35  TRP A CA  1 
ATOM   191  C C   . TRP A 1 35  ? -6.257  6.265   3.724   1.00 15.33 ? 35  TRP A C   1 
ATOM   192  O O   . TRP A 1 35  ? -6.744  5.256   3.231   1.00 14.79 ? 35  TRP A O   1 
ATOM   193  C CB  . TRP A 1 35  ? -3.867  6.826   4.273   1.00 13.88 ? 35  TRP A CB  1 
ATOM   194  C CG  . TRP A 1 35  ? -3.494  5.443   4.616   1.00 14.22 ? 35  TRP A CG  1 
ATOM   195  C CD1 . TRP A 1 35  ? -2.498  4.691   4.050   1.00 14.25 ? 35  TRP A CD1 1 
ATOM   196  C CD2 . TRP A 1 35  ? -4.142  4.602   5.592   1.00 15.55 ? 35  TRP A CD2 1 
ATOM   197  N NE1 . TRP A 1 35  ? -2.487  3.420   4.609   1.00 15.67 ? 35  TRP A NE1 1 
ATOM   198  C CE2 . TRP A 1 35  ? -3.480  3.343   5.562   1.00 15.80 ? 35  TRP A CE2 1 
ATOM   199  C CE3 . TRP A 1 35  ? -5.218  4.793   6.486   1.00 16.47 ? 35  TRP A CE3 1 
ATOM   200  C CZ2 . TRP A 1 35  ? -3.857  2.262   6.401   1.00 14.76 ? 35  TRP A CZ2 1 
ATOM   201  C CZ3 . TRP A 1 35  ? -5.598  3.711   7.319   1.00 16.84 ? 35  TRP A CZ3 1 
ATOM   202  C CH2 . TRP A 1 35  ? -4.906  2.460   7.258   1.00 15.49 ? 35  TRP A CH2 1 
ATOM   203  N N   . VAL A 1 36  ? -6.925  7.000   4.606   1.00 17.60 ? 36  VAL A N   1 
ATOM   204  C CA  . VAL A 1 36  ? -8.224  6.584   5.104   1.00 18.44 ? 36  VAL A CA  1 
ATOM   205  C C   . VAL A 1 36  ? -9.246  6.346   4.023   1.00 17.84 ? 36  VAL A C   1 
ATOM   206  O O   . VAL A 1 36  ? -9.896  5.303   4.000   1.00 18.45 ? 36  VAL A O   1 
ATOM   207  C CB  1 VAL A 1 36  ? -8.785  7.594   6.123   0.34 18.67 ? 36  VAL A CB  1 
ATOM   208  C CB  2 VAL A 1 36  ? -8.754  7.629   6.108   0.50 19.23 ? 36  VAL A CB  1 
ATOM   209  C CG1 1 VAL A 1 36  ? -10.126 7.117   6.649   0.34 18.76 ? 36  VAL A CG1 1 
ATOM   210  C CG1 2 VAL A 1 36  ? -10.262 7.700   6.100   0.50 20.47 ? 36  VAL A CG1 1 
ATOM   211  C CG2 1 VAL A 1 36  ? -7.810  7.732   7.281   0.34 19.68 ? 36  VAL A CG2 1 
ATOM   212  C CG2 2 VAL A 1 36  ? -8.257  7.259   7.478   0.50 20.08 ? 36  VAL A CG2 1 
ATOM   213  N N   . ASP A 1 37  ? -9.433  7.303   3.123   1.00 17.95 ? 37  ASP A N   1 
ATOM   214  C CA  . ASP A 1 37  ? -10.440 7.118   2.087   1.00 17.13 ? 37  ASP A CA  1 
ATOM   215  C C   . ASP A 1 37  ? -10.097 5.989   1.122   1.00 17.29 ? 37  ASP A C   1 
ATOM   216  O O   . ASP A 1 37  ? -10.997 5.369   0.573   1.00 17.67 ? 37  ASP A O   1 
ATOM   217  C CB  . ASP A 1 37  ? -10.642 8.392   1.302   1.00 20.52 ? 37  ASP A CB  1 
ATOM   218  C CG  . ASP A 1 37  ? -11.361 9.447   2.091   1.00 25.02 ? 37  ASP A CG  1 
ATOM   219  O OD1 . ASP A 1 37  ? -11.963 9.126   3.137   1.00 25.64 ? 37  ASP A OD1 1 
ATOM   220  O OD2 . ASP A 1 37  ? -11.319 10.615  1.663   1.00 27.75 ? 37  ASP A OD2 1 
ATOM   221  N N   . ALA A 1 38  ? -8.803  5.797   0.835   1.00 15.03 ? 38  ALA A N   1 
ATOM   222  C CA  . ALA A 1 38  ? -8.377  4.754   -0.068  1.00 13.18 ? 38  ALA A CA  1 
ATOM   223  C C   . ALA A 1 38  ? -8.783  3.412   0.532   1.00 12.90 ? 38  ALA A C   1 
ATOM   224  O O   . ALA A 1 38  ? -9.264  2.540   -0.166  1.00 12.65 ? 38  ALA A O   1 
ATOM   225  C CB  . ALA A 1 38  ? -6.851  4.804   -0.244  1.00 13.77 ? 38  ALA A CB  1 
ATOM   226  N N   . ASP A 1 39  ? -8.393  3.204   1.790   1.00 14.42 ? 39  ASP A N   1 
ATOM   227  C CA  . ASP A 1 39  ? -8.717  1.970   2.479   1.00 15.59 ? 39  ASP A CA  1 
ATOM   228  C C   . ASP A 1 39  ? -10.242 1.702   2.505   1.00 16.18 ? 39  ASP A C   1 
ATOM   229  O O   . ASP A 1 39  ? -10.679 0.578   2.246   1.00 16.79 ? 39  ASP A O   1 
ATOM   230  C CB  . ASP A 1 39  ? -8.158  2.022   3.896   1.00 15.12 ? 39  ASP A CB  1 
ATOM   231  C CG  . ASP A 1 39  ? -8.153  0.669   4.551   1.00 18.59 ? 39  ASP A CG  1 
ATOM   232  O OD1 . ASP A 1 39  ? -7.558  -0.266  3.993   1.00 17.60 ? 39  ASP A OD1 1 
ATOM   233  O OD2 . ASP A 1 39  ? -8.863  0.487   5.546   1.00 20.66 ? 39  ASP A OD2 1 
ATOM   234  N N   . LEU A 1 40  ? -11.032 2.758   2.695   1.00 17.22 ? 40  LEU A N   1 
ATOM   235  C CA  . LEU A 1 40  ? -12.488 2.644   2.648   1.00 20.47 ? 40  LEU A CA  1 
ATOM   236  C C   . LEU A 1 40  ? -12.923 2.254   1.269   1.00 18.71 ? 40  LEU A C   1 
ATOM   237  O O   . LEU A 1 40  ? -13.862 1.492   1.116   1.00 19.86 ? 40  LEU A O   1 
ATOM   238  C CB  . LEU A 1 40  ? -13.147 3.968   3.004   1.00 25.26 ? 40  LEU A CB  1 
ATOM   239  C CG  . LEU A 1 40  ? -13.851 4.076   4.360   1.00 31.41 ? 40  LEU A CG  1 
ATOM   240  C CD1 . LEU A 1 40  ? -13.079 3.357   5.482   1.00 34.34 ? 40  LEU A CD1 1 
ATOM   241  C CD2 . LEU A 1 40  ? -13.947 5.557   4.718   1.00 32.42 ? 40  LEU A CD2 1 
ATOM   242  N N   . TYR A 1 41  ? -12.273 2.802   0.245   1.00 17.79 ? 41  TYR A N   1 
ATOM   243  C CA  . TYR A 1 41  ? -12.629 2.455   -1.118  1.00 15.40 ? 41  TYR A CA  1 
ATOM   244  C C   . TYR A 1 41  ? -12.460 0.955   -1.253  1.00 15.21 ? 41  TYR A C   1 
ATOM   245  O O   . TYR A 1 41  ? -13.308 0.254   -1.803  1.00 16.19 ? 41  TYR A O   1 
ATOM   246  C CB  . TYR A 1 41  ? -11.719 3.178   -2.116  1.00 16.98 ? 41  TYR A CB  1 
ATOM   247  C CG  . TYR A 1 41  ? -12.013 2.842   -3.579  1.00 18.61 ? 41  TYR A CG  1 
ATOM   248  C CD1 . TYR A 1 41  ? -11.558 1.653   -4.168  1.00 18.07 ? 41  TYR A CD1 1 
ATOM   249  C CD2 . TYR A 1 41  ? -12.809 3.691   -4.352  1.00 20.68 ? 41  TYR A CD2 1 
ATOM   250  C CE1 . TYR A 1 41  ? -11.902 1.311   -5.469  1.00 19.36 ? 41  TYR A CE1 1 
ATOM   251  C CE2 . TYR A 1 41  ? -13.148 3.357   -5.674  1.00 20.89 ? 41  TYR A CE2 1 
ATOM   252  C CZ  . TYR A 1 41  ? -12.699 2.176   -6.220  1.00 21.58 ? 41  TYR A CZ  1 
ATOM   253  O OH  . TYR A 1 41  ? -13.079 1.872   -7.517  1.00 24.52 ? 41  TYR A OH  1 
ATOM   254  N N   . CYS A 1 42  ? -11.327 0.454   -0.784  1.00 14.76 ? 42  CYS A N   1 
ATOM   255  C CA  . CYS A 1 42  ? -11.037 -0.957  -0.922  1.00 15.43 ? 42  CYS A CA  1 
ATOM   256  C C   . CYS A 1 42  ? -12.128 -1.783  -0.204  1.00 17.31 ? 42  CYS A C   1 
ATOM   257  O O   . CYS A 1 42  ? -12.523 -2.854  -0.679  1.00 18.61 ? 42  CYS A O   1 
ATOM   258  C CB  . CYS A 1 42  ? -9.658  -1.268  -0.319  1.00 15.10 ? 42  CYS A CB  1 
ATOM   259  S SG  . CYS A 1 42  ? -8.241  -0.531  -1.224  1.00 14.36 ? 42  CYS A SG  1 
ATOM   260  N N   . GLN A 1 43  ? -12.491 -1.349  0.993   1.00 16.92 ? 43  GLN A N   1 
ATOM   261  C CA  . GLN A 1 43  ? -13.516 -2.070  1.776   1.00 21.49 ? 43  GLN A CA  1 
ATOM   262  C C   . GLN A 1 43  ? -14.877 -2.110  1.075   1.00 21.45 ? 43  GLN A C   1 
ATOM   263  O O   . GLN A 1 43  ? -15.465 -3.166  0.910   1.00 21.11 ? 43  GLN A O   1 
ATOM   264  C CB  . GLN A 1 43  ? -13.672 -1.435  3.160   1.00 21.82 ? 43  GLN A CB  1 
ATOM   265  C CG  . GLN A 1 43  ? -12.498 -1.656  4.082   1.00 23.97 ? 43  GLN A CG  1 
ATOM   266  C CD  . GLN A 1 43  ? -12.606 -0.808  5.349   1.00 28.49 ? 43  GLN A CD  1 
ATOM   267  O OE1 . GLN A 1 43  ? -11.633 -0.174  5.788   1.00 30.00 ? 43  GLN A OE1 1 
ATOM   268  N NE2 . GLN A 1 43  ? -13.821 -0.705  5.879   1.00 29.13 ? 43  GLN A NE2 1 
ATOM   269  N N   . ASN A 1 44  ? -15.277 -0.969  0.525   1.00 23.50 ? 44  ASN A N   1 
ATOM   270  C CA  . ASN A 1 44  ? -16.572 -0.804  -0.125  1.00 25.12 ? 44  ASN A CA  1 
ATOM   271  C C   . ASN A 1 44  ? -16.696 -1.555  -1.422  1.00 26.25 ? 44  ASN A C   1 
ATOM   272  O O   . ASN A 1 44  ? -17.746 -2.108  -1.741  1.00 25.62 ? 44  ASN A O   1 
ATOM   273  C CB  . ASN A 1 44  ? -16.835 0.671   -0.391  1.00 26.56 ? 44  ASN A CB  1 
ATOM   274  C CG  . ASN A 1 44  ? -17.153 1.427   0.866   1.00 27.04 ? 44  ASN A CG  1 
ATOM   275  O OD1 . ASN A 1 44  ? -17.569 0.830   1.869   1.00 29.35 ? 44  ASN A OD1 1 
ATOM   276  N ND2 . ASN A 1 44  ? -16.896 2.733   0.857   1.00 28.02 ? 44  ASN A ND2 1 
ATOM   277  N N   . MET A 1 45  ? -15.667 -1.465  -2.249  1.00 29.05 ? 45  MET A N   1 
ATOM   278  C CA  . MET A 1 45  ? -15.791 -2.014  -3.580  1.00 31.07 ? 45  MET A CA  1 
ATOM   279  C C   . MET A 1 45  ? -15.653 -3.511  -3.534  1.00 32.51 ? 45  MET A C   1 
ATOM   280  O O   . MET A 1 45  ? -16.299 -4.209  -4.319  1.00 34.73 ? 45  MET A O   1 
ATOM   281  C CB  . MET A 1 45  ? -14.773 -1.403  -4.558  1.00 32.49 ? 45  MET A CB  1 
ATOM   282  C CG  . MET A 1 45  ? -14.894 0.095   -4.692  1.00 35.12 ? 45  MET A CG  1 
ATOM   283  S SD  . MET A 1 45  ? -16.576 0.687   -5.002  1.00 39.61 ? 45  MET A SD  1 
ATOM   284  C CE  . MET A 1 45  ? -17.030 -0.297  -6.424  1.00 35.94 ? 45  MET A CE  1 
ATOM   285  N N   . ASN A 1 46  ? -14.842 -4.039  -2.628  1.00 31.79 ? 46  ASN A N   1 
ATOM   286  C CA  . ASN A 1 46  ? -14.571 -5.464  -2.743  1.00 33.00 ? 46  ASN A CA  1 
ATOM   287  C C   . ASN A 1 46  ? -14.490 -6.186  -1.421  1.00 32.42 ? 46  ASN A C   1 
ATOM   288  O O   . ASN A 1 46  ? -14.136 -7.356  -1.384  1.00 31.84 ? 46  ASN A O   1 
ATOM   289  C CB  . ASN A 1 46  ? -13.278 -5.690  -3.535  1.00 35.24 ? 46  ASN A CB  1 
ATOM   290  C CG  . ASN A 1 46  ? -13.235 -4.907  -4.861  1.00 36.08 ? 46  ASN A CG  1 
ATOM   291  O OD1 . ASN A 1 46  ? -12.742 -3.776  -4.902  1.00 36.06 ? 46  ASN A OD1 1 
ATOM   292  N ND2 . ASN A 1 46  ? -13.744 -5.518  -5.942  1.00 35.37 ? 46  ASN A ND2 1 
ATOM   293  N N   . SER A 1 47  ? -14.881 -5.500  -0.350  1.00 32.15 ? 47  SER A N   1 
ATOM   294  C CA  . SER A 1 47  ? -14.620 -5.936  1.018   1.00 31.26 ? 47  SER A CA  1 
ATOM   295  C C   . SER A 1 47  ? -13.177 -6.391  1.167   1.00 29.99 ? 47  SER A C   1 
ATOM   296  O O   . SER A 1 47  ? -12.886 -7.418  1.808   1.00 28.43 ? 47  SER A O   1 
ATOM   297  C CB  . SER A 1 47  ? -15.605 -7.030  1.445   1.00 33.29 ? 47  SER A CB  1 
ATOM   298  O OG  . SER A 1 47  ? -16.848 -6.436  1.852   1.00 35.22 ? 47  SER A OG  1 
ATOM   299  N N   . GLY A 1 48  ? -12.283 -5.590  0.572   1.00 25.99 ? 48  GLY A N   1 
ATOM   300  C CA  . GLY A 1 48  ? -10.859 -5.785  0.752   1.00 20.63 ? 48  GLY A CA  1 
ATOM   301  C C   . GLY A 1 48  ? -10.320 -4.652  1.588   1.00 19.23 ? 48  GLY A C   1 
ATOM   302  O O   . GLY A 1 48  ? -11.034 -4.074  2.413   1.00 18.32 ? 48  GLY A O   1 
ATOM   303  N N   . ASN A 1 49  ? -9.034  -4.355  1.431   1.00 16.34 ? 49  ASN A N   1 
ATOM   304  C CA  . ASN A 1 49  ? -8.374  -3.293  2.201   1.00 15.34 ? 49  ASN A CA  1 
ATOM   305  C C   . ASN A 1 49  ? -7.265  -2.807  1.285   1.00 13.57 ? 49  ASN A C   1 
ATOM   306  O O   . ASN A 1 49  ? -6.907  -3.507  0.337   1.00 13.24 ? 49  ASN A O   1 
ATOM   307  C CB  1 ASN A 1 49  ? -7.717  -3.858  3.458   0.39 14.87 ? 49  ASN A CB  1 
ATOM   308  C CB  2 ASN A 1 49  ? -7.740  -3.838  3.499   0.64 16.15 ? 49  ASN A CB  1 
ATOM   309  C CG  1 ASN A 1 49  ? -8.712  -4.338  4.449   0.39 15.45 ? 49  ASN A CG  1 
ATOM   310  C CG  2 ASN A 1 49  ? -8.689  -3.795  4.688   0.64 17.29 ? 49  ASN A CG  1 
ATOM   311  O OD1 1 ASN A 1 49  ? -8.986  -5.532  4.510   0.39 13.83 ? 49  ASN A OD1 1 
ATOM   312  O OD1 2 ASN A 1 49  ? -9.128  -4.846  5.139   0.64 17.78 ? 49  ASN A OD1 1 
ATOM   313  N ND2 1 ASN A 1 49  ? -9.357  -3.405  5.151   0.39 14.15 ? 49  ASN A ND2 1 
ATOM   314  N ND2 2 ASN A 1 49  ? -8.879  -2.620  5.288   0.64 15.36 ? 49  ASN A ND2 1 
ATOM   315  N N   . LEU A 1 50  ? -6.623  -1.713  1.680   1.00 13.32 ? 50  LEU A N   1 
ATOM   316  C CA  . LEU A 1 50  ? -5.312  -1.357  1.134   1.00 13.27 ? 50  LEU A CA  1 
ATOM   317  C C   . LEU A 1 50  ? -4.424  -2.575  1.236   1.00 15.29 ? 50  LEU A C   1 
ATOM   318  O O   . LEU A 1 50  ? -4.480  -3.328  2.242   1.00 13.01 ? 50  LEU A O   1 
ATOM   319  C CB  . LEU A 1 50  ? -4.695  -0.209  1.939   1.00 12.30 ? 50  LEU A CB  1 
ATOM   320  C CG  . LEU A 1 50  ? -5.295  1.156   1.557   1.00 12.44 ? 50  LEU A CG  1 
ATOM   321  C CD1 . LEU A 1 50  ? -4.776  2.244   2.507   1.00 14.16 ? 50  LEU A CD1 1 
ATOM   322  C CD2 . LEU A 1 50  ? -4.934  1.462   0.082   1.00 13.51 ? 50  LEU A CD2 1 
ATOM   323  N N   . VAL A 1 51  ? -3.644  -2.827  0.190   1.00 11.63 ? 51  VAL A N   1 
ATOM   324  C CA  . VAL A 1 51  ? -2.804  -4.011  0.168   1.00 11.43 ? 51  VAL A CA  1 
ATOM   325  C C   . VAL A 1 51  ? -1.890  -4.157  1.413   1.00 10.26 ? 51  VAL A C   1 
ATOM   326  O O   . VAL A 1 51  ? -1.305  -3.179  1.939   1.00 11.51 ? 51  VAL A O   1 
ATOM   327  C CB  . VAL A 1 51  ? -1.952  -4.028  -1.139  1.00 12.64 ? 51  VAL A CB  1 
ATOM   328  C CG1 . VAL A 1 51  ? -1.029  -2.766  -1.210  1.00 11.85 ? 51  VAL A CG1 1 
ATOM   329  C CG2 . VAL A 1 51  ? -1.172  -5.346  -1.236  1.00 13.23 ? 51  VAL A CG2 1 
ATOM   330  N N   . SER A 1 52  ? -1.789  -5.394  1.877   1.00 10.62 ? 52  SER A N   1 
ATOM   331  C CA  . SER A 1 52  ? -0.802  -5.824  2.868   1.00 12.13 ? 52  SER A CA  1 
ATOM   332  C C   . SER A 1 52  ? 0.282   -6.522  2.085   1.00 13.27 ? 52  SER A C   1 
ATOM   333  O O   . SER A 1 52  ? -0.023  -7.412  1.310   1.00 16.81 ? 52  SER A O   1 
ATOM   334  C CB  1 SER A 1 52  ? -1.389  -6.887  3.816   0.38 13.30 ? 52  SER A CB  1 
ATOM   335  C CB  2 SER A 1 52  ? -1.444  -6.792  3.862   0.45 12.83 ? 52  SER A CB  1 
ATOM   336  O OG  1 SER A 1 52  ? -2.671  -6.565  4.281   0.38 16.44 ? 52  SER A OG  1 
ATOM   337  O OG  2 SER A 1 52  ? -2.335  -6.078  4.675   0.45 15.80 ? 52  SER A OG  1 
ATOM   338  N N   . VAL A 1 53  ? 1.543   -6.186  2.342   1.00 11.43 ? 53  VAL A N   1 
ATOM   339  C CA  . VAL A 1 53  ? 2.641   -6.828  1.654   1.00 11.50 ? 53  VAL A CA  1 
ATOM   340  C C   . VAL A 1 53  ? 3.338   -7.697  2.689   1.00 10.89 ? 53  VAL A C   1 
ATOM   341  O O   . VAL A 1 53  ? 3.962   -7.191  3.610   1.00 12.33 ? 53  VAL A O   1 
ATOM   342  C CB  . VAL A 1 53  ? 3.631   -5.756  1.088   1.00 13.77 ? 53  VAL A CB  1 
ATOM   343  C CG1 . VAL A 1 53  ? 4.778   -6.455  0.327   1.00 14.31 ? 53  VAL A CG1 1 
ATOM   344  C CG2 . VAL A 1 53  ? 2.855   -4.748  0.148   1.00 13.25 ? 53  VAL A CG2 1 
ATOM   345  N N   . LEU A 1 54  ? 3.145   -9.004  2.564   1.00 13.22 ? 54  LEU A N   1 
ATOM   346  C CA  . LEU A 1 54  ? 3.471   -9.928  3.649   1.00 13.67 ? 54  LEU A CA  1 
ATOM   347  C C   . LEU A 1 54  ? 4.729   -10.745 3.385   1.00 14.99 ? 54  LEU A C   1 
ATOM   348  O O   . LEU A 1 54  ? 5.267   -11.397 4.311   1.00 14.93 ? 54  LEU A O   1 
ATOM   349  C CB  . LEU A 1 54  ? 2.267   -10.840 3.900   1.00 13.04 ? 54  LEU A CB  1 
ATOM   350  C CG  . LEU A 1 54  ? 0.994   -10.044 4.283   1.00 13.85 ? 54  LEU A CG  1 
ATOM   351  C CD1 . LEU A 1 54  ? -0.165  -10.995 4.508   1.00 16.28 ? 54  LEU A CD1 1 
ATOM   352  C CD2 . LEU A 1 54  ? 1.239   -9.149  5.478   1.00 14.61 ? 54  LEU A CD2 1 
ATOM   353  N N   . THR A 1 55  ? 5.196   -10.722 2.128   1.00 13.53 ? 55  THR A N   1 
ATOM   354  C CA  . THR A 1 55  ? 6.422   -11.421 1.744   1.00 14.61 ? 55  THR A CA  1 
ATOM   355  C C   . THR A 1 55  ? 7.134   -10.577 0.701   1.00 15.85 ? 55  THR A C   1 
ATOM   356  O O   . THR A 1 55  ? 6.490   -9.757  0.019   1.00 14.14 ? 55  THR A O   1 
ATOM   357  C CB  . THR A 1 55  ? 6.155   -12.806 1.097   1.00 14.58 ? 55  THR A CB  1 
ATOM   358  O OG1 . THR A 1 55  ? 5.350   -12.641 -0.080  1.00 14.20 ? 55  THR A OG1 1 
ATOM   359  C CG2 . THR A 1 55  ? 5.433   -13.754 2.101   1.00 14.53 ? 55  THR A CG2 1 
ATOM   360  N N   . GLN A 1 56  ? 8.395   -10.889 0.473   1.00 14.59 ? 56  GLN A N   1 
ATOM   361  C CA  . GLN A 1 56  ? 9.184   -10.202 -0.542  1.00 16.29 ? 56  GLN A CA  1 
ATOM   362  C C   . GLN A 1 56  ? 8.556   -10.463 -1.922  1.00 15.42 ? 56  GLN A C   1 
ATOM   363  O O   . GLN A 1 56  ? 8.377   -9.537  -2.707  1.00 16.31 ? 56  GLN A O   1 
ATOM   364  C CB  . GLN A 1 56  ? 10.605  -10.736 -0.484  1.00 17.48 ? 56  GLN A CB  1 
ATOM   365  C CG  . GLN A 1 56  ? 11.614  -10.066 -1.389  1.00 24.04 ? 56  GLN A CG  1 
ATOM   366  C CD  . GLN A 1 56  ? 13.054  -10.546 -1.099  1.00 28.39 ? 56  GLN A CD  1 
ATOM   367  O OE1 . GLN A 1 56  ? 13.649  -11.309 -1.867  1.00 32.73 ? 56  GLN A OE1 1 
ATOM   368  N NE2 . GLN A 1 56  ? 13.587  -10.146 0.042   1.00 31.52 ? 56  GLN A NE2 1 
ATOM   369  N N   . ALA A 1 57  ? 8.059   -11.675 -2.138  1.00 13.38 ? 57  ALA A N   1 
ATOM   370  C CA  . ALA A 1 57  ? 7.492   -12.050 -3.418  1.00 13.69 ? 57  ALA A CA  1 
ATOM   371  C C   . ALA A 1 57  ? 6.193   -11.257 -3.684  1.00 13.87 ? 57  ALA A C   1 
ATOM   372  O O   . ALA A 1 57  ? 5.876   -10.865 -4.836  1.00 14.78 ? 57  ALA A O   1 
ATOM   373  C CB  . ALA A 1 57  ? 7.221   -13.549 -3.457  1.00 13.95 ? 57  ALA A CB  1 
ATOM   374  N N   . GLU A 1 58  ? 5.423   -11.036 -2.624  1.00 11.76 ? 58  GLU A N   1 
ATOM   375  C CA  . GLU A 1 58  ? 4.186   -10.296 -2.778  1.00 13.45 ? 58  GLU A CA  1 
ATOM   376  C C   . GLU A 1 58  ? 4.525   -8.822  -3.093  1.00 12.98 ? 58  GLU A C   1 
ATOM   377  O O   . GLU A 1 58  ? 3.858   -8.178  -3.915  1.00 14.25 ? 58  GLU A O   1 
ATOM   378  C CB  . GLU A 1 58  ? 3.343   -10.379 -1.495  1.00 12.72 ? 58  GLU A CB  1 
ATOM   379  C CG  . GLU A 1 58  ? 2.020   -9.676  -1.642  1.00 13.36 ? 58  GLU A CG  1 
ATOM   380  C CD  . GLU A 1 58  ? 1.080   -9.938  -0.482  1.00 13.05 ? 58  GLU A CD  1 
ATOM   381  O OE1 . GLU A 1 58  ? 1.598   -10.200 0.635   1.00 13.47 ? 58  GLU A OE1 1 
ATOM   382  O OE2 . GLU A 1 58  ? -0.140  -9.746  -0.676  1.00 13.74 ? 58  GLU A OE2 1 
ATOM   383  N N   . GLY A 1 59  ? 5.572   -8.313  -2.472  1.00 11.62 ? 59  GLY A N   1 
ATOM   384  C CA  . GLY A 1 59  ? 5.992   -6.946  -2.757  1.00 13.44 ? 59  GLY A CA  1 
ATOM   385  C C   . GLY A 1 59  ? 6.452   -6.828  -4.187  1.00 13.58 ? 59  GLY A C   1 
ATOM   386  O O   . GLY A 1 59  ? 6.132   -5.840  -4.841  1.00 15.00 ? 59  GLY A O   1 
ATOM   387  N N   . ALA A 1 60  ? 7.072   -7.870  -4.710  1.00 13.33 ? 60  ALA A N   1 
ATOM   388  C CA  . ALA A 1 60  ? 7.522   -7.831  -6.098  1.00 14.27 ? 60  ALA A CA  1 
ATOM   389  C C   . ALA A 1 60  ? 6.332   -7.837  -7.011  1.00 15.69 ? 60  ALA A C   1 
ATOM   390  O O   . ALA A 1 60  ? 6.249   -7.013  -7.932  1.00 16.98 ? 60  ALA A O   1 
ATOM   391  C CB  . ALA A 1 60  ? 8.406   -8.979  -6.405  1.00 13.83 ? 60  ALA A CB  1 
ATOM   392  N N   . PHE A 1 61  ? 5.348   -8.683  -6.719  1.00 14.50 ? 61  PHE A N   1 
ATOM   393  C CA  . PHE A 1 61  ? 4.133   -8.713  -7.503  1.00 14.46 ? 61  PHE A CA  1 
ATOM   394  C C   . PHE A 1 61  ? 3.462   -7.327  -7.525  1.00 14.31 ? 61  PHE A C   1 
ATOM   395  O O   . PHE A 1 61  ? 3.040   -6.846  -8.576  1.00 14.57 ? 61  PHE A O   1 
ATOM   396  C CB  . PHE A 1 61  ? 3.176   -9.754  -6.920  1.00 14.26 ? 61  PHE A CB  1 
ATOM   397  C CG  . PHE A 1 61  ? 1.818   -9.702  -7.530  1.00 15.67 ? 61  PHE A CG  1 
ATOM   398  C CD1 . PHE A 1 61  ? 1.595   -10.250 -8.789  1.00 16.83 ? 61  PHE A CD1 1 
ATOM   399  C CD2 . PHE A 1 61  ? 0.783   -9.042  -6.884  1.00 16.71 ? 61  PHE A CD2 1 
ATOM   400  C CE1 . PHE A 1 61  ? 0.357   -10.150 -9.404  1.00 18.82 ? 61  PHE A CE1 1 
ATOM   401  C CE2 . PHE A 1 61  ? -0.456  -8.918  -7.473  1.00 18.57 ? 61  PHE A CE2 1 
ATOM   402  C CZ  . PHE A 1 61  ? -0.676  -9.478  -8.745  1.00 19.65 ? 61  PHE A CZ  1 
ATOM   403  N N   . VAL A 1 62  ? 3.262   -6.730  -6.350  1.00 13.95 ? 62  VAL A N   1 
ATOM   404  C CA  . VAL A 1 62  ? 2.594   -5.435  -6.262  1.00 13.56 ? 62  VAL A CA  1 
ATOM   405  C C   . VAL A 1 62  ? 3.371   -4.346  -7.027  1.00 13.72 ? 62  VAL A C   1 
ATOM   406  O O   . VAL A 1 62  ? 2.765   -3.527  -7.706  1.00 14.25 ? 62  VAL A O   1 
ATOM   407  C CB  . VAL A 1 62  ? 2.396   -5.018  -4.785  1.00 12.64 ? 62  VAL A CB  1 
ATOM   408  C CG1 . VAL A 1 62  ? 1.898   -3.577  -4.713  1.00 13.26 ? 62  VAL A CG1 1 
ATOM   409  C CG2 . VAL A 1 62  ? 1.366   -5.948  -4.140  1.00 12.81 ? 62  VAL A CG2 1 
ATOM   410  N N   . ALA A 1 63  ? 4.701   -4.383  -6.949  1.00 14.01 ? 63  ALA A N   1 
ATOM   411  C CA  . ALA A 1 63  ? 5.533   -3.393  -7.653  1.00 14.41 ? 63  ALA A CA  1 
ATOM   412  C C   . ALA A 1 63  ? 5.350   -3.549  -9.167  1.00 13.59 ? 63  ALA A C   1 
ATOM   413  O O   . ALA A 1 63  ? 5.123   -2.561  -9.871  1.00 16.01 ? 63  ALA A O   1 
ATOM   414  C CB  . ALA A 1 63  ? 7.001   -3.570  -7.280  1.00 14.33 ? 63  ALA A CB  1 
ATOM   415  N N   . SER A 1 64  ? 5.248   -4.773  -9.632  1.00 14.00 ? 64  SER A N   1 
ATOM   416  C CA  . SER A 1 64  ? 5.061   -4.992  -11.041 1.00 16.31 ? 64  SER A CA  1 
ATOM   417  C C   . SER A 1 64  ? 3.665   -4.618  -11.495 1.00 17.31 ? 64  SER A C   1 
ATOM   418  O O   . SER A 1 64  ? 3.482   -4.041  -12.565 1.00 17.96 ? 64  SER A O   1 
ATOM   419  C CB  . SER A 1 64  ? 5.396   -6.428  -11.403 1.00 18.82 ? 64  SER A CB  1 
ATOM   420  O OG  . SER A 1 64  ? 4.233   -7.230  -11.435 1.00 28.00 ? 64  SER A OG  1 
ATOM   421  N N   . LEU A 1 65  ? 2.680   -4.818  -10.627 1.00 14.74 ? 65  LEU A N   1 
ATOM   422  C CA  . LEU A 1 65  ? 1.325   -4.427  -10.937 1.00 14.74 ? 65  LEU A CA  1 
ATOM   423  C C   . LEU A 1 65  ? 1.270   -2.905  -11.158 1.00 15.54 ? 65  LEU A C   1 
ATOM   424  O O   . LEU A 1 65  ? 0.599   -2.422  -12.093 1.00 15.96 ? 65  LEU A O   1 
ATOM   425  C CB  . LEU A 1 65  ? 0.384   -4.847  -9.790  1.00 16.76 ? 65  LEU A CB  1 
ATOM   426  C CG  . LEU A 1 65  ? -1.098  -4.525  -9.995  1.00 20.53 ? 65  LEU A CG  1 
ATOM   427  C CD1 . LEU A 1 65  ? -1.711  -5.495  -11.005 1.00 20.55 ? 65  LEU A CD1 1 
ATOM   428  C CD2 . LEU A 1 65  ? -1.838  -4.576  -8.646  1.00 22.47 ? 65  LEU A CD2 1 
ATOM   429  N N   . ILE A 1 66  ? 1.882   -2.143  -10.252 1.00 12.36 ? 66  ILE A N   1 
ATOM   430  C CA  . ILE A 1 66  ? 1.854   -0.689  -10.364 1.00 14.53 ? 66  ILE A CA  1 
ATOM   431  C C   . ILE A 1 66  ? 2.585   -0.240  -11.658 1.00 15.24 ? 66  ILE A C   1 
ATOM   432  O O   . ILE A 1 66  ? 2.088   0.602   -12.397 1.00 15.85 ? 66  ILE A O   1 
ATOM   433  C CB  . ILE A 1 66  ? 2.535   -0.060  -9.156  1.00 14.54 ? 66  ILE A CB  1 
ATOM   434  C CG1 . ILE A 1 66  ? 1.708   -0.380  -7.896  1.00 13.88 ? 66  ILE A CG1 1 
ATOM   435  C CG2 . ILE A 1 66  ? 2.708   1.462   -9.338  1.00 12.95 ? 66  ILE A CG2 1 
ATOM   436  C CD1 . ILE A 1 66  ? 2.427   0.030   -6.602  1.00 11.96 ? 66  ILE A CD1 1 
ATOM   437  N N   . LYS A 1 67  ? 3.730   -0.838  -11.923 1.00 15.60 ? 67  LYS A N   1 
ATOM   438  C CA  . LYS A 1 67  ? 4.545   -0.423  -13.052 1.00 20.63 ? 67  LYS A CA  1 
ATOM   439  C C   . LYS A 1 67  ? 3.838   -0.701  -14.356 1.00 20.46 ? 67  LYS A C   1 
ATOM   440  O O   . LYS A 1 67  ? 3.672   0.212   -15.141 1.00 21.21 ? 67  LYS A O   1 
ATOM   441  C CB  . LYS A 1 67  ? 5.908   -1.116  -13.017 1.00 24.18 ? 67  LYS A CB  1 
ATOM   442  C CG  . LYS A 1 67  ? 6.820   -0.456  -11.985 1.00 30.53 ? 67  LYS A CG  1 
ATOM   443  C CD  . LYS A 1 67  ? 8.046   -1.273  -11.677 1.00 35.08 ? 67  LYS A CD  1 
ATOM   444  C CE  . LYS A 1 67  ? 9.081   -1.074  -12.767 1.00 38.17 ? 67  LYS A CE  1 
ATOM   445  N NZ  . LYS A 1 67  ? 10.449  -1.055  -12.162 1.00 42.42 ? 67  LYS A NZ  1 
ATOM   446  N N   . GLU A 1 68  ? 3.161   -1.838  -14.437 1.00 18.65 ? 68  GLU A N   1 
ATOM   447  C CA  . GLU A 1 68  ? 2.405   -2.188  -15.622 1.00 20.66 ? 68  GLU A CA  1 
ATOM   448  C C   . GLU A 1 68  ? 1.294   -1.219  -15.955 1.00 19.26 ? 68  GLU A C   1 
ATOM   449  O O   . GLU A 1 68  ? 0.722   -1.282  -17.048 1.00 19.98 ? 68  GLU A O   1 
ATOM   450  C CB  . GLU A 1 68  ? 1.756   -3.526  -15.438 1.00 25.30 ? 68  GLU A CB  1 
ATOM   451  C CG  . GLU A 1 68  ? 2.600   -4.638  -15.854 1.00 35.12 ? 68  GLU A CG  1 
ATOM   452  C CD  . GLU A 1 68  ? 1.950   -5.933  -15.469 1.00 39.62 ? 68  GLU A CD  1 
ATOM   453  O OE1 . GLU A 1 68  ? 0.689   -6.020  -15.578 1.00 42.47 ? 68  GLU A OE1 1 
ATOM   454  O OE2 . GLU A 1 68  ? 2.691   -6.843  -15.020 1.00 43.41 ? 68  GLU A OE2 1 
ATOM   455  N N   . SER A 1 69  ? 0.803   -0.516  -14.950 1.00 15.35 ? 69  SER A N   1 
ATOM   456  C CA  . SER A 1 69  ? -0.289  0.400   -15.175 1.00 15.04 ? 69  SER A CA  1 
ATOM   457  C C   . SER A 1 69  ? 0.147   1.550   -16.094 1.00 14.65 ? 69  SER A C   1 
ATOM   458  O O   . SER A 1 69  ? -0.682  2.240   -16.675 1.00 15.59 ? 69  SER A O   1 
ATOM   459  C CB  . SER A 1 69  ? -0.780  0.959   -13.848 1.00 13.72 ? 69  SER A CB  1 
ATOM   460  O OG  . SER A 1 69  ? 0.153   1.875   -13.301 1.00 14.06 ? 69  SER A OG  1 
ATOM   461  N N   . GLY A 1 70  ? 1.437   1.834   -16.079 1.00 15.02 ? 70  GLY A N   1 
ATOM   462  C CA  . GLY A 1 70  ? 1.963   2.968   -16.821 1.00 16.61 ? 70  GLY A CA  1 
ATOM   463  C C   . GLY A 1 70  ? 1.960   4.247   -16.037 1.00 16.50 ? 70  GLY A C   1 
ATOM   464  O O   . GLY A 1 70  ? 2.356   5.286   -16.568 1.00 17.01 ? 70  GLY A O   1 
ATOM   465  N N   . THR A 1 71  ? 1.572   4.188   -14.755 1.00 13.28 ? 71  THR A N   1 
ATOM   466  C CA  . THR A 1 71  ? 1.502   5.384   -13.963 1.00 12.99 ? 71  THR A CA  1 
ATOM   467  C C   . THR A 1 71  ? 2.857   6.140   -13.863 1.00 13.11 ? 71  THR A C   1 
ATOM   468  O O   . THR A 1 71  ? 3.931   5.541   -13.864 1.00 15.28 ? 71  THR A O   1 
ATOM   469  C CB  . THR A 1 71  ? 0.975   5.096   -12.539 1.00 12.26 ? 71  THR A CB  1 
ATOM   470  O OG1 . THR A 1 71  ? 0.737   6.337   -11.882 1.00 13.57 ? 71  THR A OG1 1 
ATOM   471  C CG2 . THR A 1 71  ? 1.972   4.296   -11.740 1.00 11.52 ? 71  THR A CG2 1 
ATOM   472  N N   . ASP A 1 72  ? 2.769   7.455   -13.748 1.00 14.87 ? 72  ASP A N   1 
ATOM   473  C CA  . ASP A 1 72  ? 3.923   8.289   -13.475 1.00 15.02 ? 72  ASP A CA  1 
ATOM   474  C C   . ASP A 1 72  ? 3.863   8.733   -12.016 1.00 16.55 ? 72  ASP A C   1 
ATOM   475  O O   . ASP A 1 72  ? 4.589   9.644   -11.615 1.00 16.31 ? 72  ASP A O   1 
ATOM   476  C CB  . ASP A 1 72  ? 3.885   9.518   -14.378 1.00 17.83 ? 72  ASP A CB  1 
ATOM   477  C CG  . ASP A 1 72  ? 4.209   9.179   -15.821 1.00 20.15 ? 72  ASP A CG  1 
ATOM   478  O OD1 . ASP A 1 72  ? 5.238   8.512   -16.024 1.00 19.53 ? 72  ASP A OD1 1 
ATOM   479  O OD2 . ASP A 1 72  ? 3.367   9.453   -16.715 1.00 22.91 ? 72  ASP A OD2 1 
ATOM   480  N N   . ASP A 1 73  ? 2.949   8.161   -11.225 1.00 14.90 ? 73  ASP A N   1 
ATOM   481  C CA  . ASP A 1 73  ? 2.840   8.617   -9.833  1.00 15.19 ? 73  ASP A CA  1 
ATOM   482  C C   . ASP A 1 73  ? 4.153   8.360   -9.109  1.00 12.54 ? 73  ASP A C   1 
ATOM   483  O O   . ASP A 1 73  ? 4.892   7.447   -9.458  1.00 13.37 ? 73  ASP A O   1 
ATOM   484  C CB  . ASP A 1 73  ? 1.697   7.873   -9.108  1.00 16.80 ? 73  ASP A CB  1 
ATOM   485  C CG  . ASP A 1 73  ? 0.320   8.379   -9.507  1.00 20.53 ? 73  ASP A CG  1 
ATOM   486  O OD1 . ASP A 1 73  ? 0.202   9.224   -10.435 1.00 21.08 ? 73  ASP A OD1 1 
ATOM   487  O OD2 . ASP A 1 73  ? -0.645  8.050   -8.800  1.00 20.99 ? 73  ASP A OD2 1 
ATOM   488  N N   . PHE A 1 74  ? 4.378   9.118   -8.044  1.00 15.95 ? 74  PHE A N   1 
ATOM   489  C CA  . PHE A 1 74  ? 5.582   8.942   -7.214  1.00 16.32 ? 74  PHE A CA  1 
ATOM   490  C C   . PHE A 1 74  ? 5.356   8.085   -5.984  1.00 15.12 ? 74  PHE A C   1 
ATOM   491  O O   . PHE A 1 74  ? 6.296   7.528   -5.464  1.00 16.04 ? 74  PHE A O   1 
ATOM   492  C CB  . PHE A 1 74  ? 6.103   10.307  -6.758  1.00 20.39 ? 74  PHE A CB  1 
ATOM   493  C CG  . PHE A 1 74  ? 6.598   11.161  -7.889  1.00 22.09 ? 74  PHE A CG  1 
ATOM   494  C CD1 . PHE A 1 74  ? 7.731   10.809  -8.571  1.00 23.16 ? 74  PHE A CD1 1 
ATOM   495  C CD2 . PHE A 1 74  ? 5.936   12.325  -8.235  1.00 24.78 ? 74  PHE A CD2 1 
ATOM   496  C CE1 . PHE A 1 74  ? 8.210   11.614  -9.576  1.00 25.27 ? 74  PHE A CE1 1 
ATOM   497  C CE2 . PHE A 1 74  ? 6.427   13.129  -9.248  1.00 25.29 ? 74  PHE A CE2 1 
ATOM   498  C CZ  . PHE A 1 74  ? 7.563   12.759  -9.904  1.00 23.36 ? 74  PHE A CZ  1 
ATOM   499  N N   . ASN A 1 75  ? 4.154   8.171   -5.440  1.00 14.11 ? 75  ASN A N   1 
ATOM   500  C CA  . ASN A 1 75  ? 3.776   7.491   -4.192  1.00 14.97 ? 75  ASN A CA  1 
ATOM   501  C C   . ASN A 1 75  ? 2.480   6.738   -4.381  1.00 12.93 ? 75  ASN A C   1 
ATOM   502  O O   . ASN A 1 75  ? 1.567   7.232   -4.995  1.00 14.21 ? 75  ASN A O   1 
ATOM   503  C CB  . ASN A 1 75  ? 3.590   8.508   -3.079  1.00 14.33 ? 75  ASN A CB  1 
ATOM   504  C CG  . ASN A 1 75  ? 4.893   9.126   -2.667  1.00 18.44 ? 75  ASN A CG  1 
ATOM   505  O OD1 . ASN A 1 75  ? 5.735   8.473   -2.041  1.00 20.71 ? 75  ASN A OD1 1 
ATOM   506  N ND2 . ASN A 1 75  ? 5.126   10.351  -3.115  1.00 19.80 ? 75  ASN A ND2 1 
ATOM   507  N N   . VAL A 1 76  ? 2.427   5.510   -3.893  1.00 12.40 ? 76  VAL A N   1 
ATOM   508  C CA  . VAL A 1 76  ? 1.202   4.707   -3.965  1.00 12.13 ? 76  VAL A CA  1 
ATOM   509  C C   . VAL A 1 76  ? 0.954   4.185   -2.538  1.00 10.52 ? 76  VAL A C   1 
ATOM   510  O O   . VAL A 1 76  ? 1.884   3.677   -1.907  1.00 12.01 ? 76  VAL A O   1 
ATOM   511  C CB  . VAL A 1 76  ? 1.397   3.508   -4.955  1.00 11.27 ? 76  VAL A CB  1 
ATOM   512  C CG1 . VAL A 1 76  ? 0.183   2.564   -4.919  1.00 11.42 ? 76  VAL A CG1 1 
ATOM   513  C CG2 . VAL A 1 76  ? 1.596   4.019   -6.391  1.00 11.95 ? 76  VAL A CG2 1 
ATOM   514  N N   . TRP A 1 77  ? -0.246  4.401   -2.015  1.00 10.66 ? 77  TRP A N   1 
ATOM   515  C CA  . TRP A 1 77  ? -0.612  3.895   -0.684  1.00 11.47 ? 77  TRP A CA  1 
ATOM   516  C C   . TRP A 1 77  ? -0.549  2.361   -0.588  1.00 12.04 ? 77  TRP A C   1 
ATOM   517  O O   . TRP A 1 77  ? -1.081  1.620   -1.454  1.00 10.22 ? 77  TRP A O   1 
ATOM   518  C CB  . TRP A 1 77  ? -2.038  4.291   -0.319  1.00 11.37 ? 77  TRP A CB  1 
ATOM   519  C CG  . TRP A 1 77  ? -2.238  5.703   -0.002  1.00 11.54 ? 77  TRP A CG  1 
ATOM   520  C CD1 . TRP A 1 77  ? -3.205  6.496   -0.500  1.00 11.39 ? 77  TRP A CD1 1 
ATOM   521  C CD2 . TRP A 1 77  ? -1.516  6.489   0.962   1.00 12.69 ? 77  TRP A CD2 1 
ATOM   522  N NE1 . TRP A 1 77  ? -3.174  7.715   0.116   1.00 12.99 ? 77  TRP A NE1 1 
ATOM   523  C CE2 . TRP A 1 77  ? -2.148  7.746   1.021   1.00 11.83 ? 77  TRP A CE2 1 
ATOM   524  C CE3 . TRP A 1 77  ? -0.394  6.249   1.775   1.00 12.49 ? 77  TRP A CE3 1 
ATOM   525  C CZ2 . TRP A 1 77  ? -1.715  8.773   1.866   1.00 12.73 ? 77  TRP A CZ2 1 
ATOM   526  C CZ3 . TRP A 1 77  ? 0.046   7.253   2.610   1.00 13.96 ? 77  TRP A CZ3 1 
ATOM   527  C CH2 . TRP A 1 77  ? -0.620  8.512   2.661   1.00 13.41 ? 77  TRP A CH2 1 
ATOM   528  N N   . ILE A 1 78  ? -0.002  1.905   0.536   1.00 10.36 ? 78  ILE A N   1 
ATOM   529  C CA  . ILE A 1 78  ? -0.294  0.552   0.967   1.00 11.40 ? 78  ILE A CA  1 
ATOM   530  C C   . ILE A 1 78  ? -0.936  0.599   2.380   1.00 10.29 ? 78  ILE A C   1 
ATOM   531  O O   . ILE A 1 78  ? -1.106  1.667   2.966   1.00 10.79 ? 78  ILE A O   1 
ATOM   532  C CB  . ILE A 1 78  ? 0.981   -0.320  0.930   1.00 12.54 ? 78  ILE A CB  1 
ATOM   533  C CG1 . ILE A 1 78  ? 2.044   0.203   1.906   1.00 12.04 ? 78  ILE A CG1 1 
ATOM   534  C CG2 . ILE A 1 78  ? 1.493   -0.422  -0.541  1.00 13.67 ? 78  ILE A CG2 1 
ATOM   535  C CD1 . ILE A 1 78  ? 3.276   -0.699  1.963   1.00 13.14 ? 78  ILE A CD1 1 
ATOM   536  N N   . GLY A 1 79  ? -1.351  -0.563  2.889   1.00 11.61 ? 79  GLY A N   1 
ATOM   537  C CA  . GLY A 1 79  ? -2.178  -0.557  4.104   1.00 11.54 ? 79  GLY A CA  1 
ATOM   538  C C   . GLY A 1 79  ? -1.464  -0.404  5.448   1.00 12.75 ? 79  GLY A C   1 
ATOM   539  O O   . GLY A 1 79  ? -2.105  -0.607  6.480   1.00 15.09 ? 79  GLY A O   1 
ATOM   540  N N   . LEU A 1 80  ? -0.202  -0.002  5.483   1.00 10.20 ? 80  LEU A N   1 
ATOM   541  C CA  . LEU A 1 80  ? 0.529   0.076   6.741   1.00 11.30 ? 80  LEU A CA  1 
ATOM   542  C C   . LEU A 1 80  ? 0.366   1.456   7.349   1.00 14.59 ? 80  LEU A C   1 
ATOM   543  O O   . LEU A 1 80  ? 0.464   2.472   6.652   1.00 15.38 ? 80  LEU A O   1 
ATOM   544  C CB  . LEU A 1 80  ? 2.025   -0.218  6.539   1.00 11.34 ? 80  LEU A CB  1 
ATOM   545  C CG  . LEU A 1 80  ? 2.836   -0.635  7.779   1.00 11.67 ? 80  LEU A CG  1 
ATOM   546  C CD1 . LEU A 1 80  ? 2.283   -1.968  8.314   1.00 13.18 ? 80  LEU A CD1 1 
ATOM   547  C CD2 . LEU A 1 80  ? 4.327   -0.820  7.470   1.00 12.64 ? 80  LEU A CD2 1 
ATOM   548  N N   . HIS A 1 81  ? 0.053   1.527   8.638   1.00 13.71 ? 81  HIS A N   1 
ATOM   549  C CA  . HIS A 1 81  ? -0.040  2.816   9.289   1.00 14.06 ? 81  HIS A CA  1 
ATOM   550  C C   . HIS A 1 81  ? 0.290   2.648   10.763  1.00 14.80 ? 81  HIS A C   1 
ATOM   551  O O   . HIS A 1 81  ? 0.509   1.531   11.228  1.00 14.14 ? 81  HIS A O   1 
ATOM   552  C CB  . HIS A 1 81  ? -1.416  3.450   9.118   1.00 15.11 ? 81  HIS A CB  1 
ATOM   553  C CG  . HIS A 1 81  ? -2.515  2.702   9.808   1.00 18.75 ? 81  HIS A CG  1 
ATOM   554  N ND1 . HIS A 1 81  ? -3.528  3.335   10.504  1.00 19.27 ? 81  HIS A ND1 1 
ATOM   555  C CD2 . HIS A 1 81  ? -2.772  1.373   9.888   1.00 17.83 ? 81  HIS A CD2 1 
ATOM   556  C CE1 . HIS A 1 81  ? -4.364  2.425   10.978  1.00 19.65 ? 81  HIS A CE1 1 
ATOM   557  N NE2 . HIS A 1 81  ? -3.924  1.228   10.627  1.00 18.22 ? 81  HIS A NE2 1 
ATOM   558  N N   . ASP A 1 82  ? 0.444   3.779   11.436  1.00 16.51 ? 82  ASP A N   1 
ATOM   559  C CA  . ASP A 1 82  ? 0.955   3.842   12.799  1.00 17.37 ? 82  ASP A CA  1 
ATOM   560  C C   . ASP A 1 82  ? -0.156  4.526   13.606  1.00 19.06 ? 82  ASP A C   1 
ATOM   561  O O   . ASP A 1 82  ? -0.158  5.751   13.781  1.00 21.17 ? 82  ASP A O   1 
ATOM   562  C CB  1 ASP A 1 82  ? 2.244   4.672   12.805  0.30 17.35 ? 82  ASP A CB  1 
ATOM   563  C CB  2 ASP A 1 82  ? 2.252   4.665   12.804  0.70 18.31 ? 82  ASP A CB  1 
ATOM   564  C CG  1 ASP A 1 82  ? 2.804   4.887   14.190  0.30 17.86 ? 82  ASP A CG  1 
ATOM   565  C CG  2 ASP A 1 82  ? 2.802   4.927   14.200  0.70 20.17 ? 82  ASP A CG  1 
ATOM   566  O OD1 1 ASP A 1 82  ? 2.788   3.935   15.001  0.30 15.84 ? 82  ASP A OD1 1 
ATOM   567  O OD1 2 ASP A 1 82  ? 2.142   4.554   15.205  0.70 17.67 ? 82  ASP A OD1 1 
ATOM   568  O OD2 1 ASP A 1 82  ? 3.309   6.002   14.453  0.30 16.24 ? 82  ASP A OD2 1 
ATOM   569  O OD2 2 ASP A 1 82  ? 3.917   5.513   14.282  0.70 17.41 ? 82  ASP A OD2 1 
ATOM   570  N N   . PRO A 1 83  ? -1.206  3.764   13.975  1.00 19.16 ? 83  PRO A N   1 
ATOM   571  C CA  . PRO A 1 83  ? -2.469  4.350   14.464  1.00 20.06 ? 83  PRO A CA  1 
ATOM   572  C C   . PRO A 1 83  ? -2.325  5.113   15.808  1.00 22.20 ? 83  PRO A C   1 
ATOM   573  O O   . PRO A 1 83  ? -3.045  6.077   16.058  1.00 23.41 ? 83  PRO A O   1 
ATOM   574  C CB  . PRO A 1 83  ? -3.401  3.133   14.578  1.00 18.15 ? 83  PRO A CB  1 
ATOM   575  C CG  . PRO A 1 83  ? -2.474  1.999   14.835  1.00 17.78 ? 83  PRO A CG  1 
ATOM   576  C CD  . PRO A 1 83  ? -1.259  2.291   13.979  1.00 18.31 ? 83  PRO A CD  1 
ATOM   577  N N   . LYS A 1 84  ? -1.297  4.784   16.580  1.00 23.13 ? 84  LYS A N   1 
ATOM   578  C CA  . LYS A 1 84  ? -1.078  5.433   17.860  1.00 26.36 ? 84  LYS A CA  1 
ATOM   579  C C   . LYS A 1 84  ? 0.079   6.441   17.813  1.00 29.27 ? 84  LYS A C   1 
ATOM   580  O O   . LYS A 1 84  ? 0.524   6.955   18.852  1.00 30.19 ? 84  LYS A O   1 
ATOM   581  C CB  . LYS A 1 84  ? -0.812  4.362   18.925  1.00 25.35 ? 84  LYS A CB  1 
ATOM   582  C CG  . LYS A 1 84  ? -2.019  3.480   19.183  1.00 25.94 ? 84  LYS A CG  1 
ATOM   583  C CD  . LYS A 1 84  ? -1.675  2.375   20.169  1.00 26.87 ? 84  LYS A CD  1 
ATOM   584  C CE  . LYS A 1 84  ? -2.835  1.376   20.266  1.00 28.78 ? 84  LYS A CE  1 
ATOM   585  N NZ  . LYS A 1 84  ? -2.554  0.291   21.276  1.00 29.08 ? 84  LYS A NZ  1 
ATOM   586  N N   . LYS A 1 85  ? 0.666   6.623   16.632  1.00 30.98 ? 85  LYS A N   1 
ATOM   587  C CA  . LYS A 1 85  ? 1.764   7.582   16.460  1.00 31.18 ? 85  LYS A CA  1 
ATOM   588  C C   . LYS A 1 85  ? 2.889   7.290   17.423  1.00 30.20 ? 85  LYS A C   1 
ATOM   589  O O   . LYS A 1 85  ? 3.499   8.192   17.973  1.00 30.87 ? 85  LYS A O   1 
ATOM   590  C CB  . LYS A 1 85  ? 1.256   9.008   16.652  1.00 32.11 ? 85  LYS A CB  1 
ATOM   591  C CG  . LYS A 1 85  ? 0.046   9.279   15.809  1.00 35.44 ? 85  LYS A CG  1 
ATOM   592  C CD  . LYS A 1 85  ? -0.242  10.740  15.716  1.00 40.36 ? 85  LYS A CD  1 
ATOM   593  C CE  . LYS A 1 85  ? -1.601  10.931  15.083  1.00 44.02 ? 85  LYS A CE  1 
ATOM   594  N NZ  . LYS A 1 85  ? -2.649  10.172  15.883  1.00 49.73 ? 85  LYS A NZ  1 
ATOM   595  N N   . ASN A 1 86  ? 3.199   6.011   17.572  1.00 28.83 ? 86  ASN A N   1 
ATOM   596  C CA  . ASN A 1 86  ? 4.263   5.598   18.457  1.00 28.41 ? 86  ASN A CA  1 
ATOM   597  C C   . ASN A 1 86  ? 5.090   4.609   17.728  1.00 28.79 ? 86  ASN A C   1 
ATOM   598  O O   . ASN A 1 86  ? 5.856   3.863   18.343  1.00 30.09 ? 86  ASN A O   1 
ATOM   599  C CB  . ASN A 1 86  ? 3.709   4.983   19.759  1.00 28.48 ? 86  ASN A CB  1 
ATOM   600  C CG  . ASN A 1 86  ? 2.809   3.779   19.515  1.00 28.61 ? 86  ASN A CG  1 
ATOM   601  O OD1 . ASN A 1 86  ? 2.436   3.495   18.372  1.00 24.90 ? 86  ASN A OD1 1 
ATOM   602  N ND2 . ASN A 1 86  ? 2.466   3.056   20.592  1.00 27.17 ? 86  ASN A ND2 1 
ATOM   603  N N   . ARG A 1 87  ? 5.047   4.699   16.400  1.00 26.92 ? 87  ARG A N   1 
ATOM   604  C CA  . ARG A 1 87  ? 5.877   3.868   15.517  1.00 26.79 ? 87  ARG A CA  1 
ATOM   605  C C   . ARG A 1 87  ? 5.686   2.384   15.748  1.00 25.06 ? 87  ARG A C   1 
ATOM   606  O O   . ARG A 1 87  ? 6.615   1.591   15.616  1.00 26.69 ? 87  ARG A O   1 
ATOM   607  C CB  . ARG A 1 87  ? 7.380   4.228   15.608  1.00 28.50 ? 87  ARG A CB  1 
ATOM   608  C CG  . ARG A 1 87  ? 7.724   5.740   15.687  1.00 29.80 ? 87  ARG A CG  1 
ATOM   609  C CD  . ARG A 1 87  ? 6.909   6.621   14.727  1.00 28.66 ? 87  ARG A CD  1 
ATOM   610  N NE  . ARG A 1 87  ? 7.510   6.817   13.409  1.00 27.71 ? 87  ARG A NE  1 
ATOM   611  C CZ  . ARG A 1 87  ? 6.817   7.133   12.312  1.00 27.33 ? 87  ARG A CZ  1 
ATOM   612  N NH1 . ARG A 1 87  ? 5.492   7.223   12.364  1.00 25.72 ? 87  ARG A NH1 1 
ATOM   613  N NH2 . ARG A 1 87  ? 7.444   7.604   11.249  1.00 25.66 ? 87  ARG A NH2 1 
ATOM   614  N N   . ARG A 1 88  ? 4.482   2.033   16.075  1.00 23.30 ? 88  ARG A N   1 
ATOM   615  C CA  . ARG A 1 88  ? 4.056   0.627   16.053  1.00 22.16 ? 88  ARG A CA  1 
ATOM   616  C C   . ARG A 1 88  ? 3.123   0.379   14.864  1.00 18.53 ? 88  ARG A C   1 
ATOM   617  O O   . ARG A 1 88  ? 2.017   0.915   14.863  1.00 19.40 ? 88  ARG A O   1 
ATOM   618  C CB  . ARG A 1 88  ? 3.317   0.282   17.344  1.00 22.26 ? 88  ARG A CB  1 
ATOM   619  C CG  . ARG A 1 88  ? 3.572   -1.150  17.809  0.00 20.00 ? 88  ARG A CG  1 
ATOM   620  C CD  . ARG A 1 88  ? 5.004   -1.378  18.292  0.00 20.00 ? 88  ARG A CD  1 
ATOM   621  N NE  . ARG A 1 88  ? 5.108   -2.473  19.266  0.00 20.00 ? 88  ARG A NE  1 
ATOM   622  C CZ  . ARG A 1 88  ? 4.246   -3.495  19.340  0.00 20.00 ? 88  ARG A CZ  1 
ATOM   623  N NH1 . ARG A 1 88  ? 3.205   -3.582  18.502  0.00 20.00 ? 88  ARG A NH1 1 
ATOM   624  N NH2 . ARG A 1 88  ? 4.343   -4.492  20.229  0.00 20.00 ? 88  ARG A NH2 1 
ATOM   625  N N   . TRP A 1 89  ? 3.619   -0.312  13.880  1.00 16.89 ? 89  TRP A N   1 
ATOM   626  C CA  . TRP A 1 89  ? 2.979   -0.330  12.580  1.00 15.65 ? 89  TRP A CA  1 
ATOM   627  C C   . TRP A 1 89  ? 1.987   -1.465  12.495  1.00 16.37 ? 89  TRP A C   1 
ATOM   628  O O   . TRP A 1 89  ? 2.265   -2.543  13.009  1.00 18.04 ? 89  TRP A O   1 
ATOM   629  C CB  . TRP A 1 89  ? 4.059   -0.507  11.514  1.00 16.41 ? 89  TRP A CB  1 
ATOM   630  C CG  . TRP A 1 89  ? 4.976   0.664   11.467  1.00 16.69 ? 89  TRP A CG  1 
ATOM   631  C CD1 . TRP A 1 89  ? 6.188   0.765   12.066  1.00 18.25 ? 89  TRP A CD1 1 
ATOM   632  C CD2 . TRP A 1 89  ? 4.702   1.948   10.872  1.00 17.70 ? 89  TRP A CD2 1 
ATOM   633  N NE1 . TRP A 1 89  ? 6.688   2.039   11.915  1.00 19.50 ? 89  TRP A NE1 1 
ATOM   634  C CE2 . TRP A 1 89  ? 5.805   2.781   11.171  1.00 18.53 ? 89  TRP A CE2 1 
ATOM   635  C CE3 . TRP A 1 89  ? 3.649   2.463   10.091  1.00 17.07 ? 89  TRP A CE3 1 
ATOM   636  C CZ2 . TRP A 1 89  ? 5.888   4.102   10.711  1.00 18.30 ? 89  TRP A CZ2 1 
ATOM   637  C CZ3 . TRP A 1 89  ? 3.729   3.786   9.638   1.00 16.34 ? 89  TRP A CZ3 1 
ATOM   638  C CH2 . TRP A 1 89  ? 4.840   4.583   9.953   1.00 15.95 ? 89  TRP A CH2 1 
ATOM   639  N N   . HIS A 1 90  ? 0.856   -1.249  11.837  1.00 15.17 ? 90  HIS A N   1 
ATOM   640  C CA  . HIS A 1 90  ? -0.156  -2.286  11.662  1.00 14.99 ? 90  HIS A CA  1 
ATOM   641  C C   . HIS A 1 90  ? -0.653  -2.239  10.226  1.00 14.32 ? 90  HIS A C   1 
ATOM   642  O O   . HIS A 1 90  ? -0.826  -1.153  9.672   1.00 15.34 ? 90  HIS A O   1 
ATOM   643  C CB  . HIS A 1 90  ? -1.349  -2.020  12.569  1.00 18.11 ? 90  HIS A CB  1 
ATOM   644  C CG  . HIS A 1 90  ? -1.011  -2.046  14.021  1.00 22.93 ? 90  HIS A CG  1 
ATOM   645  N ND1 . HIS A 1 90  ? -1.012  -3.212  14.762  1.00 27.02 ? 90  HIS A ND1 1 
ATOM   646  C CD2 . HIS A 1 90  ? -0.529  -1.084  14.836  1.00 24.43 ? 90  HIS A CD2 1 
ATOM   647  C CE1 . HIS A 1 90  ? -0.523  -2.965  15.962  1.00 28.02 ? 90  HIS A CE1 1 
ATOM   648  N NE2 . HIS A 1 90  ? -0.224  -1.680  16.032  1.00 27.40 ? 90  HIS A NE2 1 
ATOM   649  N N   . TRP A 1 91  ? -1.054  -3.384  9.703   1.00 12.46 ? 91  TRP A N   1 
ATOM   650  C CA  . TRP A 1 91  ? -1.773  -3.435  8.445   1.00 13.70 ? 91  TRP A CA  1 
ATOM   651  C C   . TRP A 1 91  ? -3.238  -3.142  8.736   1.00 17.72 ? 91  TRP A C   1 
ATOM   652  O O   . TRP A 1 91  ? -3.813  -3.712  9.690   1.00 16.57 ? 91  TRP A O   1 
ATOM   653  C CB  . TRP A 1 91  ? -1.633  -4.804  7.765   1.00 12.39 ? 91  TRP A CB  1 
ATOM   654  C CG  . TRP A 1 91  ? -0.256  -5.083  7.254   1.00 13.86 ? 91  TRP A CG  1 
ATOM   655  C CD1 . TRP A 1 91  ? 0.625   -6.002  7.735   1.00 14.21 ? 91  TRP A CD1 1 
ATOM   656  C CD2 . TRP A 1 91  ? 0.440   -4.380  6.188   1.00 13.82 ? 91  TRP A CD2 1 
ATOM   657  N NE1 . TRP A 1 91  ? 1.821   -5.926  7.040   1.00 15.87 ? 91  TRP A NE1 1 
ATOM   658  C CE2 . TRP A 1 91  ? 1.735   -4.929  6.101   1.00 13.62 ? 91  TRP A CE2 1 
ATOM   659  C CE3 . TRP A 1 91  ? 0.078   -3.347  5.308   1.00 13.74 ? 91  TRP A CE3 1 
ATOM   660  C CZ2 . TRP A 1 91  ? 2.691   -4.481  5.171   1.00 13.71 ? 91  TRP A CZ2 1 
ATOM   661  C CZ3 . TRP A 1 91  ? 1.023   -2.906  4.383   1.00 13.03 ? 91  TRP A CZ3 1 
ATOM   662  C CH2 . TRP A 1 91  ? 2.316   -3.473  4.328   1.00 12.54 ? 91  TRP A CH2 1 
ATOM   663  N N   . SER A 1 92  ? -3.891  -2.361  7.872   1.00 14.78 ? 92  SER A N   1 
ATOM   664  C CA  . SER A 1 92  ? -5.315  -2.129  8.046   1.00 15.05 ? 92  SER A CA  1 
ATOM   665  C C   . SER A 1 92  ? -6.103  -3.427  7.952   1.00 15.11 ? 92  SER A C   1 
ATOM   666  O O   . SER A 1 92  ? -7.215  -3.494  8.412   1.00 16.28 ? 92  SER A O   1 
ATOM   667  C CB  . SER A 1 92  ? -5.854  -1.107  7.018   1.00 15.41 ? 92  SER A CB  1 
ATOM   668  O OG  . SER A 1 92  ? -5.675  -1.591  5.703   1.00 17.17 ? 92  SER A OG  1 
ATOM   669  N N   . SER A 1 93  ? -5.596  -4.412  7.238   1.00 14.57 ? 93  SER A N   1 
ATOM   670  C CA  . SER A 1 93  ? -6.347  -5.652  7.102   1.00 15.53 ? 93  SER A CA  1 
ATOM   671  C C   . SER A 1 93  ? -6.261  -6.479  8.387   1.00 17.24 ? 93  SER A C   1 
ATOM   672  O O   . SER A 1 93  ? -6.880  -7.545  8.458   1.00 18.63 ? 93  SER A O   1 
ATOM   673  C CB  . SER A 1 93  ? -5.810  -6.485  5.949   1.00 14.86 ? 93  SER A CB  1 
ATOM   674  O OG  . SER A 1 93  ? -4.518  -6.957  6.272   1.00 17.24 ? 93  SER A OG  1 
ATOM   675  N N   . GLY A 1 94  ? -5.374  -6.083  9.298   1.00 16.75 ? 94  GLY A N   1 
ATOM   676  C CA  . GLY A 1 94  ? -5.159  -6.820  10.533  1.00 17.90 ? 94  GLY A CA  1 
ATOM   677  C C   . GLY A 1 94  ? -4.100  -7.919  10.448  1.00 20.78 ? 94  GLY A C   1 
ATOM   678  O O   . GLY A 1 94  ? -3.870  -8.638  11.454  1.00 22.73 ? 94  GLY A O   1 
ATOM   679  N N   . SER A 1 95  ? -3.530  -8.161  9.257   1.00 19.15 ? 95  SER A N   1 
ATOM   680  C CA  . SER A 1 95  ? -2.444  -9.139  9.117   1.00 18.74 ? 95  SER A CA  1 
ATOM   681  C C   . SER A 1 95  ? -1.267  -8.768  9.977   1.00 18.00 ? 95  SER A C   1 
ATOM   682  O O   . SER A 1 95  ? -1.043  -7.582  10.215  1.00 17.65 ? 95  SER A O   1 
ATOM   683  C CB  . SER A 1 95  ? -1.955  -9.217  7.678   1.00 20.11 ? 95  SER A CB  1 
ATOM   684  O OG  . SER A 1 95  ? -2.978  -9.749  6.895   1.00 27.22 ? 95  SER A OG  1 
ATOM   685  N N   . LEU A 1 96  ? -0.478  -9.774  10.376  1.00 16.85 ? 96  LEU A N   1 
ATOM   686  C CA  . LEU A 1 96  ? 0.764   -9.539  11.102  1.00 18.69 ? 96  LEU A CA  1 
ATOM   687  C C   . LEU A 1 96  ? 1.768   -8.892  10.163  1.00 17.25 ? 96  LEU A C   1 
ATOM   688  O O   . LEU A 1 96  ? 1.708   -9.098  8.955   1.00 18.92 ? 96  LEU A O   1 
ATOM   689  C CB  . LEU A 1 96  ? 1.349   -10.867 11.637  1.00 22.79 ? 96  LEU A CB  1 
ATOM   690  C CG  . LEU A 1 96  ? 0.460   -11.641 12.627  1.00 26.97 ? 96  LEU A CG  1 
ATOM   691  C CD1 . LEU A 1 96  ? 1.173   -12.879 13.175  1.00 28.77 ? 96  LEU A CD1 1 
ATOM   692  C CD2 . LEU A 1 96  ? 0.078   -10.737 13.794  1.00 28.10 ? 96  LEU A CD2 1 
ATOM   693  N N   . VAL A 1 97  ? 2.710   -8.146  10.707  1.00 16.15 ? 97  VAL A N   1 
ATOM   694  C CA  . VAL A 1 97  ? 3.760   -7.603  9.874   1.00 16.44 ? 97  VAL A CA  1 
ATOM   695  C C   . VAL A 1 97  ? 4.910   -8.625  9.772   1.00 18.06 ? 97  VAL A C   1 
ATOM   696  O O   . VAL A 1 97  ? 5.835   -8.677  10.615  1.00 21.18 ? 97  VAL A O   1 
ATOM   697  C CB  . VAL A 1 97  ? 4.222   -6.245  10.398  1.00 16.72 ? 97  VAL A CB  1 
ATOM   698  C CG1 . VAL A 1 97  ? 5.262   -5.638  9.442   1.00 17.61 ? 97  VAL A CG1 1 
ATOM   699  C CG2 . VAL A 1 97  ? 3.011   -5.314  10.596  1.00 15.97 ? 97  VAL A CG2 1 
ATOM   700  N N   . SER A 1 98  ? 4.857   -9.439  8.726   1.00 16.78 ? 98  SER A N   1 
ATOM   701  C CA  . SER A 1 98  ? 5.817   -10.521 8.546   1.00 16.19 ? 98  SER A CA  1 
ATOM   702  C C   . SER A 1 98  ? 6.979   -10.104 7.645   1.00 17.31 ? 98  SER A C   1 
ATOM   703  O O   . SER A 1 98  ? 7.825   -10.925 7.287   1.00 18.07 ? 98  SER A O   1 
ATOM   704  C CB  . SER A 1 98  ? 5.121   -11.716 7.923   1.00 14.64 ? 98  SER A CB  1 
ATOM   705  O OG  . SER A 1 98  ? 4.236   -11.314 6.886   1.00 17.08 ? 98  SER A OG  1 
ATOM   706  N N   . TYR A 1 99  ? 6.946   -8.858  7.187   1.00 16.59 ? 99  TYR A N   1 
ATOM   707  C CA  . TYR A 1 99  ? 7.844   -8.386  6.133   1.00 16.38 ? 99  TYR A CA  1 
ATOM   708  C C   . TYR A 1 99  ? 7.905   -6.862  6.217   1.00 15.61 ? 99  TYR A C   1 
ATOM   709  O O   . TYR A 1 99  ? 6.873   -6.208  6.428   1.00 15.31 ? 99  TYR A O   1 
ATOM   710  C CB  . TYR A 1 99  ? 7.300   -8.789  4.761   1.00 16.50 ? 99  TYR A CB  1 
ATOM   711  C CG  . TYR A 1 99  ? 8.089   -8.203  3.614   1.00 17.79 ? 99  TYR A CG  1 
ATOM   712  C CD1 . TYR A 1 99  ? 9.364   -8.654  3.366   1.00 19.25 ? 99  TYR A CD1 1 
ATOM   713  C CD2 . TYR A 1 99  ? 7.563   -7.199  2.793   1.00 18.68 ? 99  TYR A CD2 1 
ATOM   714  C CE1 . TYR A 1 99  ? 10.131  -8.133  2.339   1.00 20.99 ? 99  TYR A CE1 1 
ATOM   715  C CE2 . TYR A 1 99  ? 8.311   -6.676  1.721   1.00 20.03 ? 99  TYR A CE2 1 
ATOM   716  C CZ  . TYR A 1 99  ? 9.603   -7.160  1.517   1.00 20.84 ? 99  TYR A CZ  1 
ATOM   717  O OH  . TYR A 1 99  ? 10.400  -6.794  0.470   1.00 22.43 ? 99  TYR A OH  1 
ATOM   718  N N   . LYS A 1 100 ? 9.108   -6.306  6.095   1.00 16.85 ? 100 LYS A N   1 
ATOM   719  C CA  . LYS A 1 100 ? 9.272   -4.847  6.076   1.00 19.44 ? 100 LYS A CA  1 
ATOM   720  C C   . LYS A 1 100 ? 10.211  -4.509  4.935   1.00 17.54 ? 100 LYS A C   1 
ATOM   721  O O   . LYS A 1 100 ? 11.105  -5.290  4.620   1.00 17.63 ? 100 LYS A O   1 
ATOM   722  C CB  . LYS A 1 100 ? 9.851   -4.345  7.397   1.00 23.47 ? 100 LYS A CB  1 
ATOM   723  C CG  . LYS A 1 100 ? 9.004   -4.684  8.625   1.00 29.65 ? 100 LYS A CG  1 
ATOM   724  C CD  . LYS A 1 100 ? 8.294   -3.459  9.243   1.00 35.43 ? 100 LYS A CD  1 
ATOM   725  C CE  . LYS A 1 100 ? 7.905   -3.706  10.740  1.00 38.61 ? 100 LYS A CE  1 
ATOM   726  N NZ  . LYS A 1 100 ? 7.056   -2.647  11.404  1.00 39.27 ? 100 LYS A NZ  1 
ATOM   727  N N   . SER A 1 101 ? 9.955   -3.395  4.253   1.00 17.77 ? 101 SER A N   1 
ATOM   728  C CA  . SER A 1 101 ? 10.837  -2.961  3.165   1.00 16.93 ? 101 SER A CA  1 
ATOM   729  C C   . SER A 1 101 ? 11.064  -1.449  3.171   1.00 17.32 ? 101 SER A C   1 
ATOM   730  O O   . SER A 1 101 ? 10.716  -0.776  2.199   1.00 17.00 ? 101 SER A O   1 
ATOM   731  C CB  . SER A 1 101 ? 10.234  -3.385  1.836   1.00 17.82 ? 101 SER A CB  1 
ATOM   732  O OG  . SER A 1 101 ? 11.203  -3.394  0.822   1.00 19.20 ? 101 SER A OG  1 
ATOM   733  N N   . TRP A 1 102 ? 11.532  -0.908  4.304   1.00 16.40 ? 102 TRP A N   1 
ATOM   734  C CA  . TRP A 1 102 ? 11.683  0.526   4.457   1.00 17.35 ? 102 TRP A CA  1 
ATOM   735  C C   . TRP A 1 102 ? 12.799  1.011   3.555   1.00 17.83 ? 102 TRP A C   1 
ATOM   736  O O   . TRP A 1 102 ? 13.786  0.299   3.366   1.00 18.82 ? 102 TRP A O   1 
ATOM   737  C CB  . TRP A 1 102 ? 12.002  0.901   5.893   1.00 16.51 ? 102 TRP A CB  1 
ATOM   738  C CG  . TRP A 1 102 ? 10.891  0.597   6.847   1.00 17.80 ? 102 TRP A CG  1 
ATOM   739  C CD1 . TRP A 1 102 ? 10.883  -0.383  7.801   1.00 19.59 ? 102 TRP A CD1 1 
ATOM   740  C CD2 . TRP A 1 102 ? 9.654   1.319   7.006   1.00 19.87 ? 102 TRP A CD2 1 
ATOM   741  N NE1 . TRP A 1 102 ? 9.749   -0.289  8.575   1.00 18.53 ? 102 TRP A NE1 1 
ATOM   742  C CE2 . TRP A 1 102 ? 8.966   0.732   8.106   1.00 19.37 ? 102 TRP A CE2 1 
ATOM   743  C CE3 . TRP A 1 102 ? 9.049   2.389   6.321   1.00 17.46 ? 102 TRP A CE3 1 
ATOM   744  C CZ2 . TRP A 1 102 ? 7.724   1.175   8.521   1.00 18.09 ? 102 TRP A CZ2 1 
ATOM   745  C CZ3 . TRP A 1 102 ? 7.803   2.813   6.724   1.00 18.98 ? 102 TRP A CZ3 1 
ATOM   746  C CH2 . TRP A 1 102 ? 7.147   2.210   7.818   1.00 19.68 ? 102 TRP A CH2 1 
ATOM   747  N N   . GLY A 1 103 ? 12.575  2.159   2.914   1.00 19.15 ? 103 GLY A N   1 
ATOM   748  C CA  . GLY A 1 103 ? 13.630  2.799   2.142   1.00 19.97 ? 103 GLY A CA  1 
ATOM   749  C C   . GLY A 1 103 ? 14.577  3.582   3.046   1.00 23.66 ? 103 GLY A C   1 
ATOM   750  O O   . GLY A 1 103 ? 14.374  3.695   4.273   1.00 20.99 ? 103 GLY A O   1 
ATOM   751  N N   . ILE A 1 104 ? 15.637  4.136   2.459   1.00 25.93 ? 104 ILE A N   1 
ATOM   752  C CA  . ILE A 1 104 ? 16.666  4.787   3.266   1.00 28.12 ? 104 ILE A CA  1 
ATOM   753  C C   . ILE A 1 104 ? 16.043  5.889   4.098   1.00 27.46 ? 104 ILE A C   1 
ATOM   754  O O   . ILE A 1 104 ? 15.264  6.682   3.576   1.00 29.02 ? 104 ILE A O   1 
ATOM   755  C CB  . ILE A 1 104 ? 17.779  5.398   2.392   1.00 29.85 ? 104 ILE A CB  1 
ATOM   756  C CG1 . ILE A 1 104 ? 18.386  4.304   1.533   1.00 31.10 ? 104 ILE A CG1 1 
ATOM   757  C CG2 . ILE A 1 104 ? 18.874  6.060   3.277   1.00 29.23 ? 104 ILE A CG2 1 
ATOM   758  C CD1 . ILE A 1 104 ? 18.885  4.821   0.203   1.00 34.18 ? 104 ILE A CD1 1 
ATOM   759  N N   . GLY A 1 105 ? 16.246  5.814   5.407   1.00 27.00 ? 105 GLY A N   1 
ATOM   760  C CA  . GLY A 1 105 ? 15.832  6.892   6.290   1.00 26.78 ? 105 GLY A CA  1 
ATOM   761  C C   . GLY A 1 105 ? 14.394  6.801   6.747   1.00 27.39 ? 105 GLY A C   1 
ATOM   762  O O   . GLY A 1 105 ? 13.849  7.738   7.334   1.00 27.96 ? 105 GLY A O   1 
ATOM   763  N N   . ALA A 1 106 ? 13.740  5.701   6.400   1.00 26.46 ? 106 ALA A N   1 
ATOM   764  C CA  . ALA A 1 106 ? 12.367  5.490   6.854   1.00 24.06 ? 106 ALA A CA  1 
ATOM   765  C C   . ALA A 1 106 ? 12.385  4.321   7.831   1.00 22.12 ? 106 ALA A C   1 
ATOM   766  O O   . ALA A 1 106 ? 13.233  3.420   7.706   1.00 22.72 ? 106 ALA A O   1 
ATOM   767  C CB  . ALA A 1 106 ? 11.450  5.176   5.663   1.00 23.12 ? 106 ALA A CB  1 
ATOM   768  N N   . PRO A 1 107 ? 11.436  4.298   8.786   1.00 22.56 ? 107 PRO A N   1 
ATOM   769  C CA  . PRO A 1 107 ? 10.494  5.401   9.045   1.00 24.11 ? 107 PRO A CA  1 
ATOM   770  C C   . PRO A 1 107 ? 11.159  6.594   9.710   1.00 24.16 ? 107 PRO A C   1 
ATOM   771  O O   . PRO A 1 107 ? 12.113  6.432   10.452  1.00 25.20 ? 107 PRO A O   1 
ATOM   772  C CB  . PRO A 1 107 ? 9.443   4.776   9.953   1.00 23.79 ? 107 PRO A CB  1 
ATOM   773  C CG  . PRO A 1 107 ? 10.179  3.674   10.645  1.00 22.91 ? 107 PRO A CG  1 
ATOM   774  C CD  . PRO A 1 107 ? 11.195  3.147   9.681   1.00 21.49 ? 107 PRO A CD  1 
ATOM   775  N N   . SER A 1 108 ? 10.700  7.789   9.400   1.00 25.98 ? 108 SER A N   1 
ATOM   776  C CA  . SER A 1 108 ? 11.348  8.983   9.922   1.00 29.47 ? 108 SER A CA  1 
ATOM   777  C C   . SER A 1 108 ? 11.035  9.132   11.417  1.00 30.03 ? 108 SER A C   1 
ATOM   778  O O   . SER A 1 108 ? 9.894   8.959   11.840  1.00 31.12 ? 108 SER A O   1 
ATOM   779  C CB  . SER A 1 108 ? 10.855  10.206  9.147   1.00 30.04 ? 108 SER A CB  1 
ATOM   780  O OG  . SER A 1 108 ? 11.362  11.404  9.718   1.00 35.78 ? 108 SER A OG  1 
ATOM   781  N N   . SER A 1 109 ? 12.034  9.411   12.240  1.00 31.77 ? 109 SER A N   1 
ATOM   782  C CA  . SER A 1 109 ? 11.729  9.748   13.613  1.00 34.33 ? 109 SER A CA  1 
ATOM   783  C C   . SER A 1 109 ? 11.717  11.253  13.737  1.00 36.52 ? 109 SER A C   1 
ATOM   784  O O   . SER A 1 109 ? 11.059  11.796  14.620  1.00 37.31 ? 109 SER A O   1 
ATOM   785  C CB  . SER A 1 109 ? 12.735  9.118   14.578  1.00 33.91 ? 109 SER A CB  1 
ATOM   786  O OG  . SER A 1 109 ? 14.072  9.412   14.210  1.00 34.89 ? 109 SER A OG  1 
ATOM   787  N N   . VAL A 1 110 ? 12.260  11.929  12.725  1.00 38.39 ? 110 VAL A N   1 
ATOM   788  C CA  . VAL A 1 110 ? 12.323  13.380  12.758  1.00 38.69 ? 110 VAL A CA  1 
ATOM   789  C C   . VAL A 1 110 ? 11.064  13.993  12.187  1.00 39.88 ? 110 VAL A C   1 
ATOM   790  O O   . VAL A 1 110 ? 10.420  14.793  12.860  1.00 42.56 ? 110 VAL A O   1 
ATOM   791  C CB  . VAL A 1 110 ? 13.558  13.905  12.029  1.00 38.70 ? 110 VAL A CB  1 
ATOM   792  C CG1 . VAL A 1 110 ? 13.330  15.306  11.567  1.00 39.31 ? 110 VAL A CG1 1 
ATOM   793  C CG2 . VAL A 1 110 ? 14.747  13.859  12.966  1.00 38.66 ? 110 VAL A CG2 1 
ATOM   794  N N   . ASN A 1 111 ? 10.702  13.648  10.959  1.00 38.60 ? 111 ASN A N   1 
ATOM   795  C CA  . ASN A 1 111 ? 9.430   14.128  10.431  1.00 40.91 ? 111 ASN A CA  1 
ATOM   796  C C   . ASN A 1 111 ? 8.532   12.906  10.263  1.00 39.37 ? 111 ASN A C   1 
ATOM   797  O O   . ASN A 1 111 ? 8.416   12.377  9.149   1.00 41.09 ? 111 ASN A O   1 
ATOM   798  C CB  . ASN A 1 111 ? 9.569   14.791  9.035   1.00 44.63 ? 111 ASN A CB  1 
ATOM   799  C CG  . ASN A 1 111 ? 10.486  16.021  9.013   1.00 48.28 ? 111 ASN A CG  1 
ATOM   800  O OD1 . ASN A 1 111 ? 11.321  16.163  8.095   1.00 48.91 ? 111 ASN A OD1 1 
ATOM   801  N ND2 . ASN A 1 111 ? 10.198  16.999  9.884   1.00 48.86 ? 111 ASN A ND2 1 
ATOM   802  N N   . PRO A 1 112 ? 7.980   12.359  11.362  1.00 36.35 ? 112 PRO A N   1 
ATOM   803  C CA  . PRO A 1 112 ? 7.258   11.089  11.164  1.00 31.82 ? 112 PRO A CA  1 
ATOM   804  C C   . PRO A 1 112 ? 5.960   11.238  10.355  1.00 27.50 ? 112 PRO A C   1 
ATOM   805  O O   . PRO A 1 112 ? 5.116   12.077  10.664  1.00 25.48 ? 112 PRO A O   1 
ATOM   806  C CB  . PRO A 1 112 ? 6.992   10.607  12.597  1.00 32.72 ? 112 PRO A CB  1 
ATOM   807  C CG  . PRO A 1 112 ? 6.882   11.890  13.376  1.00 34.37 ? 112 PRO A CG  1 
ATOM   808  C CD  . PRO A 1 112 ? 7.952   12.788  12.775  1.00 34.71 ? 112 PRO A CD  1 
ATOM   809  N N   . GLY A 1 113 ? 5.818   10.452  9.292   1.00 23.45 ? 113 GLY A N   1 
ATOM   810  C CA  . GLY A 1 113 ? 4.495   10.252  8.742   1.00 19.97 ? 113 GLY A CA  1 
ATOM   811  C C   . GLY A 1 113 ? 3.895   9.007   9.382   1.00 20.11 ? 113 GLY A C   1 
ATOM   812  O O   . GLY A 1 113 ? 4.615   8.169   9.940   1.00 20.84 ? 113 GLY A O   1 
ATOM   813  N N   . TYR A 1 114 ? 2.580   8.923   9.408   1.00 20.17 ? 114 TYR A N   1 
ATOM   814  C CA  . TYR A 1 114 ? 1.923   7.800   10.081  1.00 18.73 ? 114 TYR A CA  1 
ATOM   815  C C   . TYR A 1 114 ? 1.220   6.848   9.126   1.00 18.97 ? 114 TYR A C   1 
ATOM   816  O O   . TYR A 1 114 ? 0.572   5.889   9.567   1.00 18.25 ? 114 TYR A O   1 
ATOM   817  C CB  . TYR A 1 114 ? 0.936   8.344   11.109  1.00 20.94 ? 114 TYR A CB  1 
ATOM   818  C CG  . TYR A 1 114 ? 1.618   9.228   12.141  1.00 23.52 ? 114 TYR A CG  1 
ATOM   819  C CD1 . TYR A 1 114 ? 2.567   8.701   13.009  1.00 22.64 ? 114 TYR A CD1 1 
ATOM   820  C CD2 . TYR A 1 114 ? 1.372   10.603  12.179  1.00 24.15 ? 114 TYR A CD2 1 
ATOM   821  C CE1 . TYR A 1 114 ? 3.248   9.502   13.893  1.00 24.10 ? 114 TYR A CE1 1 
ATOM   822  C CE2 . TYR A 1 114 ? 2.064   11.421  13.056  1.00 25.18 ? 114 TYR A CE2 1 
ATOM   823  C CZ  . TYR A 1 114 ? 3.000   10.861  13.904  1.00 25.87 ? 114 TYR A CZ  1 
ATOM   824  O OH  . TYR A 1 114 ? 3.742   11.675  14.722  1.00 28.58 ? 114 TYR A OH  1 
ATOM   825  N N   . CYS A 1 115 ? 1.409   7.049   7.823   1.00 16.75 ? 115 CYS A N   1 
ATOM   826  C CA  . CYS A 1 115 ? 0.907   6.132   6.814   1.00 13.88 ? 115 CYS A CA  1 
ATOM   827  C C   . CYS A 1 115 ? 2.036   5.858   5.865   1.00 13.82 ? 115 CYS A C   1 
ATOM   828  O O   . CYS A 1 115 ? 3.036   6.559   5.880   1.00 16.40 ? 115 CYS A O   1 
ATOM   829  C CB  . CYS A 1 115 ? -0.264  6.745   6.079   1.00 15.12 ? 115 CYS A CB  1 
ATOM   830  S SG  . CYS A 1 115 ? -1.775  6.791   7.086   1.00 16.97 ? 115 CYS A SG  1 
ATOM   831  N N   . VAL A 1 116 ? 1.914   4.796   5.089   1.00 12.65 ? 116 VAL A N   1 
ATOM   832  C CA  . VAL A 1 116 ? 3.022   4.298   4.318   1.00 13.17 ? 116 VAL A CA  1 
ATOM   833  C C   . VAL A 1 116 ? 2.702   4.212   2.833   1.00 12.14 ? 116 VAL A C   1 
ATOM   834  O O   . VAL A 1 116 ? 1.666   3.704   2.422   1.00 11.18 ? 116 VAL A O   1 
ATOM   835  C CB  . VAL A 1 116 ? 3.493   2.927   4.857   1.00 13.56 ? 116 VAL A CB  1 
ATOM   836  C CG1 . VAL A 1 116 ? 4.687   2.385   4.022   1.00 14.39 ? 116 VAL A CG1 1 
ATOM   837  C CG2 . VAL A 1 116 ? 3.922   3.108   6.347   1.00 14.09 ? 116 VAL A CG2 1 
ATOM   838  N N   . SER A 1 117 ? 3.652   4.682   2.028   1.00 12.68 ? 117 SER A N   1 
ATOM   839  C CA  . SER A 1 117 ? 3.551   4.573   0.579   1.00 10.88 ? 117 SER A CA  1 
ATOM   840  C C   . SER A 1 117 ? 4.725   3.808   -0.048  1.00 10.54 ? 117 SER A C   1 
ATOM   841  O O   . SER A 1 117 ? 5.817   3.744   0.511   1.00 13.13 ? 117 SER A O   1 
ATOM   842  C CB  1 SER A 1 117 ? 3.511   5.978   -0.022  0.40 9.98  ? 117 SER A CB  1 
ATOM   843  C CB  2 SER A 1 117 ? 3.408   5.971   -0.043  0.56 11.41 ? 117 SER A CB  1 
ATOM   844  O OG  1 SER A 1 117 ? 4.818   6.525   -0.081  0.40 6.99  ? 117 SER A OG  1 
ATOM   845  O OG  2 SER A 1 117 ? 4.244   6.932   0.579   0.56 11.46 ? 117 SER A OG  1 
ATOM   846  N N   . LEU A 1 118 ? 4.484   3.236   -1.218  1.00 10.95 ? 118 LEU A N   1 
ATOM   847  C CA  . LEU A 1 118 ? 5.531   2.728   -2.098  1.00 12.36 ? 118 LEU A CA  1 
ATOM   848  C C   . LEU A 1 118 ? 6.025   3.897   -2.940  1.00 12.95 ? 118 LEU A C   1 
ATOM   849  O O   . LEU A 1 118 ? 5.231   4.737   -3.321  1.00 14.08 ? 118 LEU A O   1 
ATOM   850  C CB  . LEU A 1 118 ? 4.986   1.672   -3.040  1.00 13.47 ? 118 LEU A CB  1 
ATOM   851  C CG  . LEU A 1 118 ? 4.434   0.415   -2.345  1.00 15.67 ? 118 LEU A CG  1 
ATOM   852  C CD1 . LEU A 1 118 ? 3.799   -0.446  -3.406  1.00 17.50 ? 118 LEU A CD1 1 
ATOM   853  C CD2 . LEU A 1 118 ? 5.546   -0.353  -1.605  1.00 14.83 ? 118 LEU A CD2 1 
ATOM   854  N N   . THR A 1 119 ? 7.340   3.960   -3.145  1.00 15.31 ? 119 THR A N   1 
ATOM   855  C CA  . THR A 1 119 ? 7.962   5.111   -3.834  1.00 15.20 ? 119 THR A CA  1 
ATOM   856  C C   . THR A 1 119 ? 8.473   4.704   -5.234  1.00 13.11 ? 119 THR A C   1 
ATOM   857  O O   . THR A 1 119 ? 9.096   3.650   -5.422  1.00 12.39 ? 119 THR A O   1 
ATOM   858  C CB  . THR A 1 119 ? 9.144   5.697   -3.001  1.00 15.00 ? 119 THR A CB  1 
ATOM   859  O OG1 . THR A 1 119 ? 10.125  4.670   -2.796  1.00 16.82 ? 119 THR A OG1 1 
ATOM   860  C CG2 . THR A 1 119 ? 8.640   6.237   -1.676  1.00 16.76 ? 119 THR A CG2 1 
ATOM   861  N N   . SER A 1 120 ? 8.180   5.545   -6.229  1.00 15.41 ? 120 SER A N   1 
ATOM   862  C CA  . SER A 1 120 ? 8.601   5.241   -7.589  1.00 15.18 ? 120 SER A CA  1 
ATOM   863  C C   . SER A 1 120 ? 10.118  5.270   -7.648  1.00 15.11 ? 120 SER A C   1 
ATOM   864  O O   . SER A 1 120 ? 10.700  4.558   -8.424  1.00 18.86 ? 120 SER A O   1 
ATOM   865  C CB  . SER A 1 120 ? 8.029   6.262   -8.590  1.00 17.44 ? 120 SER A CB  1 
ATOM   866  O OG  . SER A 1 120 ? 8.390   7.600   -8.259  1.00 20.17 ? 120 SER A OG  1 
ATOM   867  N N   . SER A 1 121 ? 10.748  6.063   -6.800  1.00 16.79 ? 121 SER A N   1 
ATOM   868  C CA  . SER A 1 121 ? 12.202  6.183   -6.818  1.00 20.33 ? 121 SER A CA  1 
ATOM   869  C C   . SER A 1 121 ? 12.881  4.869   -6.471  1.00 21.30 ? 121 SER A C   1 
ATOM   870  O O   . SER A 1 121 ? 13.991  4.618   -6.898  1.00 21.81 ? 121 SER A O   1 
ATOM   871  C CB  . SER A 1 121 ? 12.666  7.307   -5.869  1.00 21.83 ? 121 SER A CB  1 
ATOM   872  O OG  . SER A 1 121 ? 12.458  6.995   -4.507  1.00 25.87 ? 121 SER A OG  1 
ATOM   873  N N   . THR A 1 122 ? 12.133  3.942   -5.883  1.00 19.78 ? 122 THR A N   1 
ATOM   874  C CA  . THR A 1 122 ? 12.661  2.612   -5.608  1.00 19.73 ? 122 THR A CA  1 
ATOM   875  C C   . THR A 1 122 ? 11.978  1.520   -6.442  1.00 19.70 ? 122 THR A C   1 
ATOM   876  O O   . THR A 1 122 ? 12.088  0.332   -6.126  1.00 21.97 ? 122 THR A O   1 
ATOM   877  C CB  . THR A 1 122 ? 12.498  2.277   -4.105  1.00 20.28 ? 122 THR A CB  1 
ATOM   878  O OG1 . THR A 1 122 ? 11.090  2.214   -3.777  1.00 19.67 ? 122 THR A OG1 1 
ATOM   879  C CG2 . THR A 1 122 ? 13.126  3.374   -3.263  1.00 20.19 ? 122 THR A CG2 1 
ATOM   880  N N   . GLY A 1 123 ? 11.286  1.889   -7.514  1.00 17.51 ? 123 GLY A N   1 
ATOM   881  C CA  . GLY A 1 123 ? 10.662  0.864   -8.332  1.00 16.66 ? 123 GLY A CA  1 
ATOM   882  C C   . GLY A 1 123 ? 9.418   0.325   -7.650  1.00 17.27 ? 123 GLY A C   1 
ATOM   883  O O   . GLY A 1 123 ? 8.991   -0.785  -7.916  1.00 18.63 ? 123 GLY A O   1 
ATOM   884  N N   . PHE A 1 124 ? 8.910   1.102   -6.702  1.00 18.16 ? 124 PHE A N   1 
ATOM   885  C CA  . PHE A 1 124 ? 7.798   0.728   -5.828  1.00 17.59 ? 124 PHE A CA  1 
ATOM   886  C C   . PHE A 1 124 ? 8.111   -0.516  -4.997  1.00 19.50 ? 124 PHE A C   1 
ATOM   887  O O   . PHE A 1 124 ? 7.204   -1.272  -4.629  1.00 19.25 ? 124 PHE A O   1 
ATOM   888  C CB  . PHE A 1 124 ? 6.533   0.522   -6.652  1.00 17.40 ? 124 PHE A CB  1 
ATOM   889  C CG  . PHE A 1 124 ? 6.138   1.736   -7.432  1.00 18.27 ? 124 PHE A CG  1 
ATOM   890  C CD1 . PHE A 1 124 ? 5.652   2.855   -6.788  1.00 17.14 ? 124 PHE A CD1 1 
ATOM   891  C CD2 . PHE A 1 124 ? 6.266   1.749   -8.825  1.00 18.98 ? 124 PHE A CD2 1 
ATOM   892  C CE1 . PHE A 1 124 ? 5.277   3.963   -7.507  1.00 18.85 ? 124 PHE A CE1 1 
ATOM   893  C CE2 . PHE A 1 124 ? 5.895   2.871   -9.551  1.00 17.68 ? 124 PHE A CE2 1 
ATOM   894  C CZ  . PHE A 1 124 ? 5.401   3.960   -8.903  1.00 17.97 ? 124 PHE A CZ  1 
ATOM   895  N N   . GLN A 1 125 ? 9.384   -0.718  -4.697  1.00 19.31 ? 125 GLN A N   1 
ATOM   896  C CA  . GLN A 1 125 ? 9.749   -1.833  -3.851  1.00 23.07 ? 125 GLN A CA  1 
ATOM   897  C C   . GLN A 1 125 ? 10.027  -1.454  -2.401  1.00 21.37 ? 125 GLN A C   1 
ATOM   898  O O   . GLN A 1 125 ? 10.081  -2.343  -1.551  1.00 21.57 ? 125 GLN A O   1 
ATOM   899  C CB  . GLN A 1 125 ? 10.924  -2.594  -4.459  1.00 28.49 ? 125 GLN A CB  1 
ATOM   900  C CG  . GLN A 1 125 ? 10.444  -3.605  -5.509  1.00 36.02 ? 125 GLN A CG  1 
ATOM   901  C CD  . GLN A 1 125 ? 11.567  -4.413  -6.124  1.00 41.15 ? 125 GLN A CD  1 
ATOM   902  O OE1 . GLN A 1 125 ? 12.684  -3.916  -6.292  1.00 44.35 ? 125 GLN A OE1 1 
ATOM   903  N NE2 . GLN A 1 125 ? 11.283  -5.670  -6.463  1.00 44.00 ? 125 GLN A NE2 1 
ATOM   904  N N   . LYS A 1 126 ? 10.206  -0.162  -2.111  1.00 17.43 ? 126 LYS A N   1 
ATOM   905  C CA  . LYS A 1 126 ? 10.463  0.262   -0.754  1.00 16.47 ? 126 LYS A CA  1 
ATOM   906  C C   . LYS A 1 126 ? 9.453   1.243   -0.261  1.00 14.25 ? 126 LYS A C   1 
ATOM   907  O O   . LYS A 1 126 ? 8.720   1.866   -1.026  1.00 16.22 ? 126 LYS A O   1 
ATOM   908  C CB  . LYS A 1 126 ? 11.868  0.840   -0.620  1.00 20.01 ? 126 LYS A CB  1 
ATOM   909  C CG  . LYS A 1 126 ? 12.912  -0.130  -1.070  1.00 25.16 ? 126 LYS A CG  1 
ATOM   910  C CD  . LYS A 1 126 ? 14.125  -0.026  -0.203  1.00 31.76 ? 126 LYS A CD  1 
ATOM   911  C CE  . LYS A 1 126 ? 14.604  -1.419  0.231   1.00 36.93 ? 126 LYS A CE  1 
ATOM   912  N NZ  . LYS A 1 126 ? 13.797  -1.986  1.381   1.00 39.55 ? 126 LYS A NZ  1 
ATOM   913  N N   . TRP A 1 127 ? 9.459   1.458   1.041   1.00 14.09 ? 127 TRP A N   1 
ATOM   914  C CA  . TRP A 1 127 ? 8.353   2.129   1.688   1.00 13.58 ? 127 TRP A CA  1 
ATOM   915  C C   . TRP A 1 127 ? 8.847   3.442   2.207   1.00 14.68 ? 127 TRP A C   1 
ATOM   916  O O   . TRP A 1 127 ? 9.972   3.530   2.722   1.00 16.74 ? 127 TRP A O   1 
ATOM   917  C CB  . TRP A 1 127 ? 7.836   1.305   2.889   1.00 14.48 ? 127 TRP A CB  1 
ATOM   918  C CG  . TRP A 1 127 ? 7.394   -0.068  2.557   1.00 15.44 ? 127 TRP A CG  1 
ATOM   919  C CD1 . TRP A 1 127 ? 7.199   -0.610  1.311   1.00 14.40 ? 127 TRP A CD1 1 
ATOM   920  C CD2 . TRP A 1 127 ? 7.062   -1.097  3.495   1.00 16.28 ? 127 TRP A CD2 1 
ATOM   921  N NE1 . TRP A 1 127 ? 6.758   -1.921  1.425   1.00 16.02 ? 127 TRP A NE1 1 
ATOM   922  C CE2 . TRP A 1 127 ? 6.662   -2.236  2.754   1.00 16.04 ? 127 TRP A CE2 1 
ATOM   923  C CE3 . TRP A 1 127 ? 7.060   -1.162  4.881   1.00 18.64 ? 127 TRP A CE3 1 
ATOM   924  C CZ2 . TRP A 1 127 ? 6.259   -3.424  3.366   1.00 15.91 ? 127 TRP A CZ2 1 
ATOM   925  C CZ3 . TRP A 1 127 ? 6.652   -2.361  5.481   1.00 18.16 ? 127 TRP A CZ3 1 
ATOM   926  C CH2 . TRP A 1 127 ? 6.264   -3.460  4.723   1.00 15.66 ? 127 TRP A CH2 1 
ATOM   927  N N   . LYS A 1 128 ? 7.934   4.386   2.324   1.00 14.09 ? 128 LYS A N   1 
ATOM   928  C CA  . LYS A 1 128 ? 8.225   5.623   3.017   1.00 17.71 ? 128 LYS A CA  1 
ATOM   929  C C   . LYS A 1 128 ? 7.020   6.001   3.881   1.00 14.33 ? 128 LYS A C   1 
ATOM   930  O O   . LYS A 1 128 ? 5.885   5.881   3.452   1.00 15.44 ? 128 LYS A O   1 
ATOM   931  C CB  . LYS A 1 128 ? 8.526   6.737   1.983   1.00 19.46 ? 128 LYS A CB  1 
ATOM   932  C CG  . LYS A 1 128 ? 8.821   8.085   2.609   1.00 26.22 ? 128 LYS A CG  1 
ATOM   933  C CD  . LYS A 1 128 ? 9.309   9.108   1.557   1.00 30.09 ? 128 LYS A CD  1 
ATOM   934  C CE  . LYS A 1 128 ? 8.170   9.570   0.627   1.00 34.41 ? 128 LYS A CE  1 
ATOM   935  N NZ  . LYS A 1 128 ? 8.651   10.275  -0.641  1.00 35.90 ? 128 LYS A NZ  1 
ATOM   936  N N   . ASP A 1 129 ? 7.271   6.502   5.081   1.00 14.27 ? 129 ASP A N   1 
ATOM   937  C CA  . ASP A 1 129 ? 6.199   7.017   5.911   1.00 15.68 ? 129 ASP A CA  1 
ATOM   938  C C   . ASP A 1 129 ? 5.900   8.460   5.532   1.00 18.40 ? 129 ASP A C   1 
ATOM   939  O O   . ASP A 1 129 ? 6.827   9.265   5.376   1.00 21.03 ? 129 ASP A O   1 
ATOM   940  C CB  . ASP A 1 129 ? 6.613   6.940   7.373   1.00 19.43 ? 129 ASP A CB  1 
ATOM   941  C CG  . ASP A 1 129 ? 7.920   7.667   7.651   1.00 18.47 ? 129 ASP A CG  1 
ATOM   942  O OD1 . ASP A 1 129 ? 8.957   7.297   7.081   1.00 19.24 ? 129 ASP A OD1 1 
ATOM   943  O OD2 . ASP A 1 129 ? 7.902   8.591   8.469   1.00 23.19 ? 129 ASP A OD2 1 
ATOM   944  N N   . VAL A 1 130 ? 4.635   8.768   5.308   1.00 17.25 ? 130 VAL A N   1 
ATOM   945  C CA  . VAL A 1 130 ? 4.219   10.071  4.815   1.00 18.15 ? 130 VAL A CA  1 
ATOM   946  C C   . VAL A 1 130 ? 2.997   10.518  5.593   1.00 21.44 ? 130 VAL A C   1 
ATOM   947  O O   . VAL A 1 130 ? 2.379   9.729   6.321   1.00 21.61 ? 130 VAL A O   1 
ATOM   948  C CB  . VAL A 1 130 ? 3.859   10.007  3.305   1.00 19.90 ? 130 VAL A CB  1 
ATOM   949  C CG1 . VAL A 1 130 ? 5.121   9.790   2.476   1.00 19.75 ? 130 VAL A CG1 1 
ATOM   950  C CG2 . VAL A 1 130 ? 2.877   8.892   3.034   1.00 18.69 ? 130 VAL A CG2 1 
ATOM   951  N N   . PRO A 1 131 ? 2.604   11.787  5.444   1.00 21.74 ? 131 PRO A N   1 
ATOM   952  C CA  . PRO A 1 131 ? 1.358   12.213  6.076   1.00 20.99 ? 131 PRO A CA  1 
ATOM   953  C C   . PRO A 1 131 ? 0.150   11.418  5.528   1.00 21.29 ? 131 PRO A C   1 
ATOM   954  O O   . PRO A 1 131 ? -0.037  11.308  4.306   1.00 21.14 ? 131 PRO A O   1 
ATOM   955  C CB  . PRO A 1 131 ? 1.275   13.717  5.724   1.00 20.92 ? 131 PRO A CB  1 
ATOM   956  C CG  . PRO A 1 131 ? 2.697   14.104  5.521   1.00 21.18 ? 131 PRO A CG  1 
ATOM   957  C CD  . PRO A 1 131 ? 3.301   12.917  4.806   1.00 21.02 ? 131 PRO A CD  1 
ATOM   958  N N   . CYS A 1 132 ? -0.714  10.947  6.426   1.00 19.20 ? 132 CYS A N   1 
ATOM   959  C CA  . CYS A 1 132 ? -1.877  10.193  6.022   1.00 19.53 ? 132 CYS A CA  1 
ATOM   960  C C   . CYS A 1 132 ? -2.826  11.010  5.190   1.00 19.28 ? 132 CYS A C   1 
ATOM   961  O O   . CYS A 1 132 ? -3.712  10.477  4.570   1.00 18.72 ? 132 CYS A O   1 
ATOM   962  C CB  . CYS A 1 132 ? -2.609  9.659   7.262   1.00 19.80 ? 132 CYS A CB  1 
ATOM   963  S SG  . CYS A 1 132 ? -1.588  8.483   8.203   1.00 19.33 ? 132 CYS A SG  1 
ATOM   964  N N   . GLU A 1 133 ? -2.712  12.322  5.269   1.00 22.08 ? 133 GLU A N   1 
ATOM   965  C CA  . GLU A 1 133 ? -3.664  13.186  4.592   1.00 24.60 ? 133 GLU A CA  1 
ATOM   966  C C   . GLU A 1 133 ? -3.187  13.579  3.190   1.00 22.82 ? 133 GLU A C   1 
ATOM   967  O O   . GLU A 1 133 ? -3.929  14.216  2.451   1.00 22.96 ? 133 GLU A O   1 
ATOM   968  C CB  . GLU A 1 133 ? -3.945  14.435  5.427   1.00 28.32 ? 133 GLU A CB  1 
ATOM   969  C CG  . GLU A 1 133 ? -2.719  14.993  6.123   1.00 33.89 ? 133 GLU A CG  1 
ATOM   970  C CD  . GLU A 1 133 ? -2.280  14.173  7.337   1.00 36.10 ? 133 GLU A CD  1 
ATOM   971  O OE1 . GLU A 1 133 ? -3.133  13.667  8.113   1.00 39.21 ? 133 GLU A OE1 1 
ATOM   972  O OE2 . GLU A 1 133 ? -1.062  14.076  7.541   1.00 39.10 ? 133 GLU A OE2 1 
ATOM   973  N N   . ASP A 1 134 ? -2.031  13.062  2.785   1.00 21.46 ? 134 ASP A N   1 
ATOM   974  C CA  . ASP A 1 134 ? -1.649  13.053  1.371   1.00 22.09 ? 134 ASP A CA  1 
ATOM   975  C C   . ASP A 1 134 ? -2.638  12.311  0.486   1.00 20.62 ? 134 ASP A C   1 
ATOM   976  O O   . ASP A 1 134 ? -3.243  11.346  0.914   1.00 19.22 ? 134 ASP A O   1 
ATOM   977  C CB  . ASP A 1 134 ? -0.269  12.426  1.178   1.00 23.36 ? 134 ASP A CB  1 
ATOM   978  C CG  . ASP A 1 134 ? 0.849   13.338  1.621   1.00 24.50 ? 134 ASP A CG  1 
ATOM   979  O OD1 . ASP A 1 134 ? 0.512   14.484  2.011   1.00 24.10 ? 134 ASP A OD1 1 
ATOM   980  O OD2 . ASP A 1 134 ? 2.027   12.870  1.642   1.00 25.12 ? 134 ASP A OD2 1 
ATOM   981  N N   . LYS A 1 135 ? -2.757  12.727  -0.768  1.00 19.68 ? 135 LYS A N   1 
ATOM   982  C CA  . LYS A 1 135 ? -3.684  12.072  -1.666  1.00 20.39 ? 135 LYS A CA  1 
ATOM   983  C C   . LYS A 1 135 ? -2.854  11.366  -2.696  1.00 20.37 ? 135 LYS A C   1 
ATOM   984  O O   . LYS A 1 135 ? -2.180  12.016  -3.489  1.00 19.92 ? 135 LYS A O   1 
ATOM   985  C CB  . LYS A 1 135 ? -4.623  13.080  -2.341  1.00 24.43 ? 135 LYS A CB  1 
ATOM   986  C CG  . LYS A 1 135 ? -5.577  13.776  -1.376  1.00 29.02 ? 135 LYS A CG  1 
ATOM   987  C CD  . LYS A 1 135 ? -6.994  13.793  -1.903  1.00 33.64 ? 135 LYS A CD  1 
ATOM   988  C CE  . LYS A 1 135 ? -7.811  14.935  -1.270  1.00 37.76 ? 135 LYS A CE  1 
ATOM   989  N NZ  . LYS A 1 135 ? -9.183  14.532  -0.700  1.00 41.23 ? 135 LYS A NZ  1 
ATOM   990  N N   . PHE A 1 136 ? -2.821  10.038  -2.609  1.00 15.95 ? 136 PHE A N   1 
ATOM   991  C CA  . PHE A 1 136 ? -2.049  9.201   -3.511  1.00 14.37 ? 136 PHE A CA  1 
ATOM   992  C C   . PHE A 1 136 ? -2.959  8.144   -4.108  1.00 14.37 ? 136 PHE A C   1 
ATOM   993  O O   . PHE A 1 136 ? -4.034  7.819   -3.566  1.00 14.24 ? 136 PHE A O   1 
ATOM   994  C CB  . PHE A 1 136 ? -0.949  8.466   -2.764  1.00 14.89 ? 136 PHE A CB  1 
ATOM   995  C CG  . PHE A 1 136 ? 0.092   9.363   -2.163  1.00 17.17 ? 136 PHE A CG  1 
ATOM   996  C CD1 . PHE A 1 136 ? 0.513   10.507  -2.824  1.00 15.92 ? 136 PHE A CD1 1 
ATOM   997  C CD2 . PHE A 1 136 ? 0.656   9.061   -0.929  1.00 17.32 ? 136 PHE A CD2 1 
ATOM   998  C CE1 . PHE A 1 136 ? 1.458   11.320  -2.261  1.00 15.88 ? 136 PHE A CE1 1 
ATOM   999  C CE2 . PHE A 1 136 ? 1.606   9.879   -0.356  1.00 18.17 ? 136 PHE A CE2 1 
ATOM   1000 C CZ  . PHE A 1 136 ? 2.009   11.021  -1.021  1.00 17.16 ? 136 PHE A CZ  1 
ATOM   1001 N N   . SER A 1 137 ? -2.542  7.612   -5.241  1.00 13.26 ? 137 SER A N   1 
ATOM   1002 C CA  . SER A 1 137 ? -3.167  6.418   -5.785  1.00 12.60 ? 137 SER A CA  1 
ATOM   1003 C C   . SER A 1 137 ? -2.912  5.242   -4.797  1.00 12.67 ? 137 SER A C   1 
ATOM   1004 O O   . SER A 1 137 ? -2.172  5.393   -3.795  1.00 12.13 ? 137 SER A O   1 
ATOM   1005 C CB  . SER A 1 137 ? -2.557  6.105   -7.151  1.00 12.07 ? 137 SER A CB  1 
ATOM   1006 O OG  . SER A 1 137 ? -1.143  6.021   -7.061  1.00 14.21 ? 137 SER A OG  1 
ATOM   1007 N N   . PHE A 1 138 ? -3.454  4.068   -5.102  1.00 12.76 ? 138 PHE A N   1 
ATOM   1008 C CA  . PHE A 1 138 ? -3.453  3.017   -4.102  1.00 12.64 ? 138 PHE A CA  1 
ATOM   1009 C C   . PHE A 1 138 ? -3.735  1.689   -4.715  1.00 11.96 ? 138 PHE A C   1 
ATOM   1010 O O   . PHE A 1 138 ? -4.215  1.582   -5.841  1.00 11.22 ? 138 PHE A O   1 
ATOM   1011 C CB  . PHE A 1 138 ? -4.480  3.326   -2.984  1.00 12.77 ? 138 PHE A CB  1 
ATOM   1012 C CG  . PHE A 1 138 ? -5.893  3.535   -3.481  1.00 13.93 ? 138 PHE A CG  1 
ATOM   1013 C CD1 . PHE A 1 138 ? -6.330  4.811   -3.859  1.00 12.91 ? 138 PHE A CD1 1 
ATOM   1014 C CD2 . PHE A 1 138 ? -6.822  2.473   -3.463  1.00 14.37 ? 138 PHE A CD2 1 
ATOM   1015 C CE1 . PHE A 1 138 ? -7.663  5.031   -4.199  1.00 13.53 ? 138 PHE A CE1 1 
ATOM   1016 C CE2 . PHE A 1 138 ? -8.173  2.695   -3.794  1.00 14.98 ? 138 PHE A CE2 1 
ATOM   1017 C CZ  . PHE A 1 138 ? -8.589  3.981   -4.161  1.00 14.72 ? 138 PHE A CZ  1 
ATOM   1018 N N   . VAL A 1 139 ? -3.297  0.657   -4.004  1.00 11.06 ? 139 VAL A N   1 
ATOM   1019 C CA  . VAL A 1 139 ? -3.547  -0.704  -4.430  1.00 11.49 ? 139 VAL A CA  1 
ATOM   1020 C C   . VAL A 1 139 ? -4.453  -1.354  -3.376  1.00 10.89 ? 139 VAL A C   1 
ATOM   1021 O O   . VAL A 1 139 ? -4.137  -1.283  -2.195  1.00 10.88 ? 139 VAL A O   1 
ATOM   1022 C CB  . VAL A 1 139 ? -2.219  -1.514  -4.490  1.00 12.55 ? 139 VAL A CB  1 
ATOM   1023 C CG1 . VAL A 1 139 ? -2.486  -3.002  -4.827  1.00 11.47 ? 139 VAL A CG1 1 
ATOM   1024 C CG2 . VAL A 1 139 ? -1.256  -0.878  -5.506  1.00 12.18 ? 139 VAL A CG2 1 
ATOM   1025 N N   . CYS A 1 140 ? -5.512  -2.009  -3.832  1.00 11.34 ? 140 CYS A N   1 
ATOM   1026 C CA  . CYS A 1 140 ? -6.404  -2.802  -2.969  1.00 12.19 ? 140 CYS A CA  1 
ATOM   1027 C C   . CYS A 1 140 ? -6.067  -4.286  -3.102  1.00 13.23 ? 140 CYS A C   1 
ATOM   1028 O O   . CYS A 1 140 ? -5.684  -4.755  -4.180  1.00 12.22 ? 140 CYS A O   1 
ATOM   1029 C CB  . CYS A 1 140 ? -7.867  -2.626  -3.378  1.00 12.05 ? 140 CYS A CB  1 
ATOM   1030 S SG  . CYS A 1 140 ? -8.504  -0.969  -3.174  1.00 14.79 ? 140 CYS A SG  1 
ATOM   1031 N N   . LYS A 1 141 ? -6.359  -5.042  -2.037  1.00 12.71 ? 141 LYS A N   1 
ATOM   1032 C CA  . LYS A 1 141 ? -6.201  -6.490  -2.044  1.00 12.80 ? 141 LYS A CA  1 
ATOM   1033 C C   . LYS A 1 141 ? -7.479  -7.069  -1.419  1.00 15.16 ? 141 LYS A C   1 
ATOM   1034 O O   . LYS A 1 141 ? -7.966  -6.570  -0.386  1.00 14.75 ? 141 LYS A O   1 
ATOM   1035 C CB  . LYS A 1 141 ? -4.983  -6.855  -1.200  1.00 13.28 ? 141 LYS A CB  1 
ATOM   1036 C CG  . LYS A 1 141 ? -4.791  -8.327  -0.886  1.00 12.86 ? 141 LYS A CG  1 
ATOM   1037 C CD  . LYS A 1 141 ? -3.629  -8.455  0.070   1.00 13.57 ? 141 LYS A CD  1 
ATOM   1038 C CE  . LYS A 1 141 ? -3.206  -9.891  0.300   1.00 14.39 ? 141 LYS A CE  1 
ATOM   1039 N NZ  . LYS A 1 141 ? -1.988  -9.983  1.181   1.00 13.94 ? 141 LYS A NZ  1 
ATOM   1040 N N   . PHE A 1 142 ? -8.043  -8.065  -2.075  1.00 16.45 ? 142 PHE A N   1 
ATOM   1041 C CA  . PHE A 1 142 ? -9.248  -8.682  -1.573  1.00 18.81 ? 142 PHE A CA  1 
ATOM   1042 C C   . PHE A 1 142 ? -9.313  -10.157 -1.957  1.00 22.14 ? 142 PHE A C   1 
ATOM   1043 O O   . PHE A 1 142 ? -8.616  -10.645 -2.862  1.00 20.65 ? 142 PHE A O   1 
ATOM   1044 C CB  . PHE A 1 142 ? -10.470 -7.919  -2.089  1.00 17.96 ? 142 PHE A CB  1 
ATOM   1045 C CG  . PHE A 1 142 ? -10.680 -8.018  -3.589  1.00 19.45 ? 142 PHE A CG  1 
ATOM   1046 C CD1 . PHE A 1 142 ? -10.071 -7.130  -4.449  1.00 18.71 ? 142 PHE A CD1 1 
ATOM   1047 C CD2 . PHE A 1 142 ? -11.589 -8.929  -4.125  1.00 19.32 ? 142 PHE A CD2 1 
ATOM   1048 C CE1 . PHE A 1 142 ? -10.374 -7.149  -5.799  1.00 18.99 ? 142 PHE A CE1 1 
ATOM   1049 C CE2 . PHE A 1 142 ? -11.874 -8.937  -5.462  1.00 19.59 ? 142 PHE A CE2 1 
ATOM   1050 C CZ  . PHE A 1 142 ? -11.269 -8.048  -6.297  1.00 19.22 ? 142 PHE A CZ  1 
ATOM   1051 N N   . LYS A 1 143 ? -10.105 -10.887 -1.191  1.00 29.00 ? 143 LYS A N   1 
ATOM   1052 C CA  . LYS A 1 143 ? -10.332 -12.310 -1.434  1.00 34.90 ? 143 LYS A CA  1 
ATOM   1053 C C   . LYS A 1 143 ? -11.567 -12.451 -2.311  1.00 36.95 ? 143 LYS A C   1 
ATOM   1054 O O   . LYS A 1 143 ? -12.576 -11.806 -2.040  1.00 35.32 ? 143 LYS A O   1 
ATOM   1055 C CB  . LYS A 1 143 ? -10.550 -13.012 -0.095  1.00 37.04 ? 143 LYS A CB  1 
ATOM   1056 C CG  . LYS A 1 143 ? -10.353 -14.494 -0.139  1.00 41.58 ? 143 LYS A CG  1 
ATOM   1057 C CD  . LYS A 1 143 ? -9.218  -14.930 0.763   1.00 44.19 ? 143 LYS A CD  1 
ATOM   1058 C CE  . LYS A 1 143 ? -8.445  -16.072 0.096   1.00 47.44 ? 143 LYS A CE  1 
ATOM   1059 N NZ  . LYS A 1 143 ? -7.181  -16.410 0.827   1.00 49.89 ? 143 LYS A NZ  1 
ATOM   1060 N N   . ASN A 1 144 ? -11.379 -13.058 -3.479  1.00 42.22 ? 144 ASN A N   1 
ATOM   1061 C CA  . ASN A 1 144 ? -12.469 -13.480 -4.361  1.00 48.46 ? 144 ASN A CA  1 
ATOM   1062 C C   . ASN A 1 144 ? -13.089 -12.458 -5.300  1.00 51.86 ? 144 ASN A C   1 
ATOM   1063 O O   . ASN A 1 144 ? -13.302 -11.320 -4.836  1.00 55.48 ? 144 ASN A O   1 
ATOM   1064 C CB  . ASN A 1 144 ? -13.588 -14.104 -3.558  1.00 50.11 ? 144 ASN A CB  1 
ATOM   1065 C CG  . ASN A 1 144 ? -13.463 -15.573 -3.478  1.00 51.39 ? 144 ASN A CG  1 
ATOM   1066 O OD1 . ASN A 1 144 ? -12.606 -16.096 -2.758  1.00 52.25 ? 144 ASN A OD1 1 
ATOM   1067 N ND2 . ASN A 1 144 ? -14.309 -16.276 -4.220  1.00 53.15 ? 144 ASN A ND2 1 
ATOM   1068 O OXT . ASN A 1 144 ? -13.590 -12.878 -6.381  1.00 53.65 ? 144 ASN A OXT 1 
HETATM 1069 O O   . HOH B 2 .   ? 4.329   -7.231  6.400   1.00 14.69 ? 200 HOH A O   1 
HETATM 1070 O O   . HOH B 2 .   ? 6.878   -3.784  -0.821  1.00 19.56 ? 201 HOH A O   1 
HETATM 1071 O O   . HOH B 2 .   ? -3.804  -3.540  4.895   1.00 15.82 ? 202 HOH A O   1 
HETATM 1072 O O   . HOH B 2 .   ? 2.333   10.759  -6.584  1.00 22.02 ? 203 HOH A O   1 
HETATM 1073 O O   . HOH B 2 .   ? -3.026  3.979   -14.564 1.00 20.69 ? 204 HOH A O   1 
HETATM 1074 O O   . HOH B 2 .   ? -4.323  -2.563  -11.795 1.00 23.59 ? 205 HOH A O   1 
HETATM 1075 O O   . HOH B 2 .   ? -1.112  -5.590  11.645  1.00 23.65 ? 206 HOH A O   1 
HETATM 1076 O O   . HOH B 2 .   ? 5.862   -3.408  -3.343  1.00 19.18 ? 207 HOH A O   1 
HETATM 1077 O O   . HOH B 2 .   ? 7.956   -12.727 4.912   1.00 25.58 ? 208 HOH A O   1 
HETATM 1078 O O   . HOH B 2 .   ? -5.957  9.467   5.849   1.00 29.64 ? 209 HOH A O   1 
HETATM 1079 O O   . HOH B 2 .   ? -0.095  9.066   -6.253  1.00 15.23 ? 210 HOH A O   1 
HETATM 1080 O O   . HOH B 2 .   ? -13.388 6.102   -0.227  1.00 32.57 ? 211 HOH A O   1 
HETATM 1081 O O   . HOH B 2 .   ? 0.648   2.430   16.703  1.00 22.24 ? 212 HOH A O   1 
HETATM 1082 O O   . HOH B 2 .   ? -4.646  -6.154  2.619   1.00 20.40 ? 213 HOH A O   1 
HETATM 1083 O O   . HOH B 2 .   ? -9.602  11.295  -0.222  1.00 28.87 ? 214 HOH A O   1 
HETATM 1084 O O   . HOH B 2 .   ? -10.834 -9.454  1.324   1.00 32.05 ? 215 HOH A O   1 
HETATM 1085 O O   . HOH B 2 .   ? 0.702   9.228   -13.710 1.00 34.04 ? 216 HOH A O   1 
HETATM 1086 O O   . HOH B 2 .   ? 13.188  -2.583  6.048   1.00 29.34 ? 217 HOH A O   1 
HETATM 1087 O O   . HOH B 2 .   ? 7.094   9.129   -18.098 1.00 20.67 ? 218 HOH A O   1 
HETATM 1088 O O   . HOH B 2 .   ? -1.623  -13.161 -1.852  1.00 21.33 ? 219 HOH A O   1 
HETATM 1089 O O   . HOH B 2 .   ? -1.656  -2.464  -13.621 1.00 25.72 ? 220 HOH A O   1 
HETATM 1090 O O   . HOH B 2 .   ? 6.496   -12.157 -6.948  1.00 34.85 ? 221 HOH A O   1 
HETATM 1091 O O   . HOH B 2 .   ? -7.057  -15.393 -6.845  1.00 39.84 ? 222 HOH A O   1 
HETATM 1092 O O   . HOH B 2 .   ? 8.300   9.456   -3.109  1.00 36.76 ? 223 HOH A O   1 
HETATM 1093 O O   . HOH B 2 .   ? -7.258  -2.014  -13.155 1.00 30.94 ? 224 HOH A O   1 
HETATM 1094 O O   . HOH B 2 .   ? -6.315  -3.255  -15.283 1.00 29.06 ? 225 HOH A O   1 
HETATM 1095 O O   . HOH B 2 .   ? 9.014   1.669   13.400  1.00 34.33 ? 226 HOH A O   1 
HETATM 1096 O O   . HOH B 2 .   ? 9.169   -5.085  -1.341  1.00 25.83 ? 227 HOH A O   1 
HETATM 1097 O O   . HOH B 2 .   ? -1.560  -12.876 1.535   1.00 28.57 ? 228 HOH A O   1 
HETATM 1098 O O   . HOH B 2 .   ? -18.423 -9.128  3.086   1.00 47.78 ? 229 HOH A O   1 
HETATM 1099 O O   . HOH B 2 .   ? -3.661  6.026   10.735  1.00 39.97 ? 230 HOH A O   1 
HETATM 1100 O O   . HOH B 2 .   ? 14.554  -2.237  3.678   1.00 40.65 ? 231 HOH A O   1 
HETATM 1101 O O   . HOH B 2 .   ? -7.133  -7.592  2.234   1.00 28.62 ? 232 HOH A O   1 
HETATM 1102 O O   . HOH B 2 .   ? 11.060  8.741   5.859   1.00 68.16 ? 233 HOH A O   1 
HETATM 1103 O O   . HOH B 2 .   ? -4.148  -17.429 -7.022  1.00 50.21 ? 234 HOH A O   1 
HETATM 1104 O O   . HOH B 2 .   ? -3.055  -4.884  13.573  1.00 38.78 ? 235 HOH A O   1 
HETATM 1105 O O   . HOH B 2 .   ? 5.994   6.292   -11.678 1.00 27.00 ? 236 HOH A O   1 
HETATM 1106 O O   . HOH B 2 .   ? -10.538 6.386   -10.403 1.00 42.34 ? 237 HOH A O   1 
HETATM 1107 O O   . HOH B 2 .   ? 0.295   11.419  9.002   1.00 35.90 ? 238 HOH A O   1 
HETATM 1108 O O   . HOH B 2 .   ? -2.102  -3.686  -15.925 1.00 40.58 ? 239 HOH A O   1 
HETATM 1109 O O   . HOH B 2 .   ? 9.438   8.531   -5.382  1.00 24.98 ? 240 HOH A O   1 
HETATM 1110 O O   . HOH B 2 .   ? -6.503  8.558   -13.298 1.00 38.81 ? 241 HOH A O   1 
HETATM 1111 O O   . HOH B 2 .   ? -5.256  -5.164  -11.692 1.00 38.86 ? 242 HOH A O   1 
HETATM 1112 O O   . HOH B 2 .   ? -16.234 -9.475  4.441   1.00 39.86 ? 243 HOH A O   1 
HETATM 1113 O O   . HOH B 2 .   ? -13.106 -4.958  4.372   1.00 42.07 ? 244 HOH A O   1 
HETATM 1114 O O   . HOH B 2 .   ? -10.017 3.675   6.500   1.00 47.76 ? 245 HOH A O   1 
HETATM 1115 O O   . HOH B 2 .   ? 9.928   -6.781  -3.032  1.00 31.10 ? 246 HOH A O   1 
HETATM 1116 O O   . HOH B 2 .   ? 6.151   -1.914  14.156  1.00 36.81 ? 247 HOH A O   1 
HETATM 1117 O O   . HOH B 2 .   ? -15.696 4.375   -1.105  1.00 38.86 ? 248 HOH A O   1 
HETATM 1118 O O   . HOH B 2 .   ? -8.046  -12.010 3.978   1.00 49.24 ? 249 HOH A O   1 
HETATM 1119 O O   . HOH B 2 .   ? 3.354   12.035  -10.891 1.00 46.20 ? 250 HOH A O   1 
HETATM 1120 O O   . HOH B 2 .   ? 10.894  9.157   -3.105  1.00 32.68 ? 251 HOH A O   1 
HETATM 1121 O O   . HOH B 2 .   ? 2.471   -7.850  13.581  1.00 43.76 ? 252 HOH A O   1 
HETATM 1122 O O   . HOH B 2 .   ? 15.386  2.096   6.514   1.00 34.11 ? 253 HOH A O   1 
HETATM 1123 O O   . HOH B 2 .   ? -5.616  -3.682  11.980  1.00 46.79 ? 254 HOH A O   1 
HETATM 1124 O O   . HOH B 2 .   ? 2.270   13.336  9.743   1.00 42.66 ? 255 HOH A O   1 
HETATM 1125 O O   . HOH B 2 .   ? -3.721  -11.743 11.166  1.00 46.51 ? 256 HOH A O   1 
HETATM 1126 O O   . HOH B 2 .   ? -5.014  -1.107  11.657  1.00 37.11 ? 257 HOH A O   1 
HETATM 1127 O O   . HOH B 2 .   ? 8.615   -6.409  -9.476  1.00 36.31 ? 258 HOH A O   1 
HETATM 1128 O O   . HOH B 2 .   ? -1.861  7.563   12.683  1.00 34.07 ? 259 HOH A O   1 
HETATM 1129 O O   . HOH B 2 .   ? -5.985  -2.649  -18.172 1.00 44.64 ? 260 HOH A O   1 
HETATM 1130 O O   . HOH B 2 .   ? -2.071  -12.179 -12.351 1.00 55.27 ? 261 HOH A O   1 
HETATM 1131 O O   . HOH B 2 .   ? 11.098  8.926   -8.833  1.00 57.53 ? 262 HOH A O   1 
HETATM 1132 O O   . HOH B 2 .   ? 12.776  -7.685  0.432   1.00 36.50 ? 263 HOH A O   1 
HETATM 1133 O O   . HOH B 2 .   ? -6.180  15.939  2.070   1.00 43.90 ? 264 HOH A O   1 
HETATM 1134 O O   . HOH B 2 .   ? 1.571   -8.324  -12.681 1.00 56.40 ? 265 HOH A O   1 
HETATM 1135 O O   . HOH B 2 .   ? 5.199   -15.307 -6.287  1.00 51.97 ? 266 HOH A O   1 
HETATM 1136 O O   . HOH B 2 .   ? 4.067   -14.459 -1.651  1.00 37.59 ? 267 HOH A O   1 
HETATM 1137 O O   . HOH B 2 .   ? -12.802 -4.240  -11.607 1.00 38.57 ? 268 HOH A O   1 
HETATM 1138 O O   . HOH B 2 .   ? 11.022  -11.910 -3.992  1.00 50.38 ? 269 HOH A O   1 
HETATM 1139 O O   . HOH B 2 .   ? 6.756   11.873  -1.357  1.00 45.41 ? 270 HOH A O   1 
HETATM 1140 O O   . HOH B 2 .   ? -14.780 -10.215 -2.984  1.00 36.90 ? 271 HOH A O   1 
HETATM 1141 O O   . HOH B 2 .   ? 1.619   -12.300 7.872   1.00 49.39 ? 272 HOH A O   1 
HETATM 1142 O O   . HOH B 2 .   ? 7.123   3.873   -12.782 1.00 60.84 ? 273 HOH A O   1 
HETATM 1143 O O   . HOH B 2 .   ? 9.283   -0.955  11.355  1.00 46.42 ? 274 HOH A O   1 
HETATM 1144 O O   . HOH B 2 .   ? 15.684  6.519   -1.499  1.00 49.88 ? 275 HOH A O   1 
HETATM 1145 O O   . HOH B 2 .   ? -7.500  11.622  -8.925  1.00 66.76 ? 276 HOH A O   1 
HETATM 1146 O O   . HOH B 2 .   ? 10.115  -2.516  -9.542  1.00 48.06 ? 277 HOH A O   1 
HETATM 1147 O O   . HOH B 2 .   ? 4.152   14.575  1.839   1.00 49.39 ? 278 HOH A O   1 
HETATM 1148 O O   . HOH B 2 .   ? 10.454  6.449   13.714  1.00 45.27 ? 279 HOH A O   1 
HETATM 1149 O O   . HOH B 2 .   ? 8.975   -4.467  -11.190 1.00 47.99 ? 280 HOH A O   1 
HETATM 1150 O O   . HOH B 2 .   ? -5.729  10.512  -10.963 1.00 41.36 ? 281 HOH A O   1 
HETATM 1151 O O   . HOH B 2 .   ? -5.587  -0.281  -12.691 1.00 56.24 ? 282 HOH A O   1 
HETATM 1152 O O   . HOH B 2 .   ? 10.036  -13.067 -6.053  1.00 42.14 ? 283 HOH A O   1 
HETATM 1153 O O   . HOH B 2 .   ? -9.252  -7.809  3.807   1.00 54.23 ? 284 HOH A O   1 
HETATM 1154 O O   . HOH B 2 .   ? -11.855 5.743   -8.044  1.00 48.24 ? 285 HOH A O   1 
HETATM 1155 O O   . HOH B 2 .   ? 1.319   11.546  -16.653 1.00 54.66 ? 286 HOH A O   1 
HETATM 1156 O O   . HOH B 2 .   ? -10.933 -3.774  -2.992  1.00 40.70 ? 287 HOH A O   1 
HETATM 1157 O O   . HOH B 2 .   ? -6.590  12.831  6.199   1.00 63.93 ? 288 HOH A O   1 
HETATM 1158 O O   . HOH B 2 .   ? 3.653   4.363   23.290  1.00 35.48 ? 289 HOH A O   1 
HETATM 1159 O O   . HOH B 2 .   ? -11.701 -16.017 -11.188 1.00 70.60 ? 290 HOH A O   1 
HETATM 1160 O O   . HOH B 2 .   ? 16.857  0.963   3.877   1.00 60.24 ? 291 HOH A O   1 
HETATM 1161 O O   . HOH B 2 .   ? 7.592   8.545   -14.754 1.00 53.18 ? 292 HOH A O   1 
HETATM 1162 O O   . HOH B 2 .   ? 10.109  2.833   -11.133 1.00 67.61 ? 293 HOH A O   1 
HETATM 1163 O O   . HOH B 2 .   ? 4.855   -2.910  -18.394 1.00 70.92 ? 294 HOH A O   1 
HETATM 1164 O O   . HOH B 2 .   ? -13.639 7.489   -3.350  1.00 72.86 ? 295 HOH A O   1 
HETATM 1165 O O   . HOH B 2 .   ? -0.801  14.808  -1.560  1.00 47.07 ? 296 HOH A O   1 
HETATM 1166 O O   . HOH B 2 .   ? 7.579   8.826   -11.375 1.00 47.11 ? 297 HOH A O   1 
HETATM 1167 O O   . HOH B 2 .   ? 15.379  -1.107  6.445   1.00 46.78 ? 298 HOH A O   1 
HETATM 1168 O O   . HOH B 2 .   ? -4.160  0.141   16.923  1.00 50.16 ? 299 HOH A O   1 
HETATM 1169 O O   . HOH B 2 .   ? -10.185 11.803  4.513   1.00 62.83 ? 300 HOH A O   1 
HETATM 1170 O O   . HOH B 2 .   ? -5.609  -12.744 -12.877 1.00 46.51 ? 301 HOH A O   1 
HETATM 1171 O O   . HOH B 2 .   ? 5.001   2.780   -14.456 1.00 51.56 ? 302 HOH A O   1 
HETATM 1172 O O   . HOH B 2 .   ? -11.003 0.910   -8.706  1.00 62.67 ? 303 HOH A O   1 
HETATM 1173 O O   . HOH B 2 .   ? 12.610  -7.122  -3.653  1.00 47.07 ? 304 HOH A O   1 
HETATM 1174 O O   . HOH B 2 .   ? 11.902  -9.656  -4.241  1.00 43.56 ? 305 HOH A O   1 
HETATM 1175 O O   . HOH B 2 .   ? 7.076   12.790  1.363   1.00 51.91 ? 306 HOH A O   1 
HETATM 1176 O O   . HOH B 2 .   ? 14.554  9.856   11.190  1.00 54.55 ? 307 HOH A O   1 
HETATM 1177 O O   . HOH B 2 .   ? 1.941   15.108  12.474  1.00 60.21 ? 308 HOH A O   1 
HETATM 1178 O O   . HOH B 2 .   ? 13.781  1.049   9.071   1.00 47.19 ? 309 HOH A O   1 
HETATM 1179 O O   . HOH B 2 .   ? 10.325  10.386  -12.085 1.00 54.87 ? 310 HOH A O   1 
HETATM 1180 O O   . HOH B 2 .   ? -5.641  0.306   14.273  1.00 64.64 ? 311 HOH A O   1 
HETATM 1181 O O   . HOH B 2 .   ? 4.843   -0.328  20.383  1.00 67.00 ? 312 HOH A O   1 
HETATM 1182 O O   . HOH B 2 .   ? -0.841  -16.393 -9.148  1.00 62.27 ? 313 HOH A O   1 
HETATM 1183 O O   . HOH B 2 .   ? 2.545   14.936  -1.007  1.00 45.01 ? 314 HOH A O   1 
HETATM 1184 O O   . HOH B 2 .   ? -1.431  -8.181  14.696  1.00 63.27 ? 315 HOH A O   1 
HETATM 1185 O O   . HOH B 2 .   ? -5.254  8.215   9.808   1.00 62.48 ? 316 HOH A O   1 
HETATM 1186 O O   . HOH B 2 .   ? 14.989  4.540   -0.299  1.00 43.57 ? 317 HOH A O   1 
HETATM 1187 O O   . HOH B 2 .   ? -7.436  11.236  -13.816 1.00 56.69 ? 318 HOH A O   1 
HETATM 1188 O O   . HOH B 2 .   ? -2.087  10.551  10.934  1.00 53.19 ? 319 HOH A O   1 
HETATM 1189 O O   . HOH B 2 .   ? -2.217  -15.287 3.258   1.00 53.53 ? 320 HOH A O   1 
HETATM 1190 O O   . HOH B 2 .   ? -10.120 12.580  -3.167  1.00 57.81 ? 321 HOH A O   1 
HETATM 1191 O O   . HOH B 2 .   ? -20.310 -8.919  1.369   1.00 45.35 ? 322 HOH A O   1 
HETATM 1192 O O   . HOH B 2 .   ? -9.840  8.836   -9.877  1.00 51.69 ? 323 HOH A O   1 
HETATM 1193 O O   . HOH B 2 .   ? -9.291  -14.776 -4.769  1.00 54.84 ? 324 HOH A O   1 
HETATM 1194 O O   . HOH B 2 .   ? 13.226  -5.691  3.123   1.00 60.94 ? 325 HOH A O   1 
HETATM 1195 O O   . HOH B 2 .   ? -16.620 5.453   -3.532  1.00 56.05 ? 326 HOH A O   1 
HETATM 1196 O O   . HOH B 2 .   ? 10.759  5.210   17.119  1.00 61.45 ? 327 HOH A O   1 
HETATM 1197 O O   . HOH B 2 .   ? 5.334   13.804  -0.717  1.00 64.74 ? 328 HOH A O   1 
HETATM 1198 O O   . HOH B 2 .   ? -7.717  -14.413 -12.295 1.00 56.21 ? 329 HOH A O   1 
HETATM 1199 O O   . HOH B 2 .   ? -1.780  11.826  -11.190 1.00 60.46 ? 330 HOH A O   1 
HETATM 1200 O O   . HOH B 2 .   ? 15.579  4.484   8.854   1.00 56.27 ? 331 HOH A O   1 
HETATM 1201 O O   . HOH B 2 .   ? 12.220  -15.126 -8.418  1.00 58.69 ? 332 HOH A O   1 
HETATM 1202 O O   . HOH B 2 .   ? -2.086  6.110   -14.290 1.00 39.45 ? 333 HOH A O   1 
HETATM 1203 O O   . HOH B 2 .   ? -8.744  1.252   7.995   1.00 53.49 ? 334 HOH A O   1 
HETATM 1204 O O   . HOH B 2 .   ? -9.817  -2.414  8.376   1.00 56.40 ? 335 HOH A O   1 
HETATM 1205 O O   . HOH B 2 .   ? -1.489  -14.044 12.285  1.00 42.89 ? 336 HOH A O   1 
HETATM 1206 O O   . HOH B 2 .   ? -4.914  7.087   13.483  1.00 46.44 ? 337 HOH A O   1 
# 
